data_8XKK
#
_entry.id   8XKK
#
_entity_poly.entity_id   1
_entity_poly.type   'polypeptide(L)'
_entity_poly.pdbx_seq_one_letter_code
;ADAAPTVSIFPPSSEQLTSGGASVVCFLNNFYPKDINVKWKIDGSERQNGVLNSWTDQDSKDSTYSMSSTLTLTKDEYER
HNSYTCEATHKTSTSPIVKSFNRNESENLYFQ
;
_entity_poly.pdbx_strand_id   A
#
# COMPACT_ATOMS: atom_id res chain seq x y z
N ALA A 1 4.21 21.23 6.18
CA ALA A 1 3.74 21.22 7.56
C ALA A 1 3.59 19.79 8.08
N ASP A 2 3.89 19.60 9.37
CA ASP A 2 3.79 18.28 9.99
C ASP A 2 2.37 17.73 9.87
N ALA A 3 2.24 16.62 9.15
CA ALA A 3 0.94 15.99 8.96
C ALA A 3 1.08 14.48 8.76
N ALA A 4 0.19 13.71 9.39
CA ALA A 4 0.22 12.26 9.28
C ALA A 4 -0.81 11.77 8.28
N PRO A 5 -0.44 10.75 7.49
CA PRO A 5 -1.32 10.17 6.47
C PRO A 5 -2.47 9.39 7.09
N THR A 6 -3.21 8.67 6.25
CA THR A 6 -4.35 7.88 6.72
C THR A 6 -4.05 6.39 6.62
N VAL A 7 -4.97 5.57 7.12
CA VAL A 7 -4.82 4.12 7.09
C VAL A 7 -5.78 3.49 6.08
N SER A 8 -5.26 3.20 4.89
CA SER A 8 -6.08 2.59 3.84
C SER A 8 -5.37 1.37 3.24
N ILE A 9 -6.16 0.43 2.74
CA ILE A 9 -5.62 -0.78 2.15
C ILE A 9 -6.47 -1.26 0.98
N PHE A 10 -5.85 -1.46 -0.17
CA PHE A 10 -6.55 -1.91 -1.37
C PHE A 10 -5.74 -2.97 -2.11
N PRO A 11 -6.11 -4.24 -1.91
CA PRO A 11 -5.42 -5.37 -2.55
C PRO A 11 -5.69 -5.42 -4.06
N PRO A 12 -4.95 -6.30 -4.75
CA PRO A 12 -5.10 -6.47 -6.20
C PRO A 12 -6.42 -7.12 -6.59
N SER A 13 -7.16 -6.47 -7.48
CA SER A 13 -8.45 -6.98 -7.93
C SER A 13 -8.29 -7.82 -9.18
N SER A 14 -9.40 -8.38 -9.66
CA SER A 14 -9.38 -9.22 -10.85
C SER A 14 -9.13 -8.38 -12.11
N GLU A 15 -9.43 -7.09 -12.01
CA GLU A 15 -9.24 -6.18 -13.13
C GLU A 15 -7.82 -6.29 -13.69
N GLN A 16 -6.84 -6.14 -12.82
CA GLN A 16 -5.44 -6.24 -13.22
C GLN A 16 -5.04 -7.68 -13.50
N LEU A 17 -5.71 -8.60 -12.81
CA LEU A 17 -5.42 -10.03 -12.97
C LEU A 17 -5.56 -10.45 -14.43
N THR A 18 -6.46 -9.77 -15.15
CA THR A 18 -6.69 -10.08 -16.56
C THR A 18 -5.39 -10.03 -17.36
N SER A 19 -4.45 -9.20 -16.91
CA SER A 19 -3.16 -9.06 -17.58
C SER A 19 -2.13 -10.01 -16.97
N GLY A 20 -2.43 -10.51 -15.78
CA GLY A 20 -1.52 -11.42 -15.10
C GLY A 20 -0.76 -10.76 -13.97
N GLY A 21 -1.12 -9.52 -13.67
CA GLY A 21 -0.47 -8.79 -12.60
C GLY A 21 -1.35 -8.63 -11.38
N ALA A 22 -0.72 -8.46 -10.21
CA ALA A 22 -1.46 -8.29 -8.97
C ALA A 22 -0.59 -7.63 -7.90
N SER A 23 -0.86 -6.37 -7.60
CA SER A 23 -0.10 -5.64 -6.60
C SER A 23 -1.02 -4.79 -5.73
N VAL A 24 -0.78 -4.82 -4.42
CA VAL A 24 -1.59 -4.05 -3.48
C VAL A 24 -1.15 -2.59 -3.44
N VAL A 25 -2.12 -1.69 -3.39
CA VAL A 25 -1.84 -0.26 -3.34
C VAL A 25 -2.36 0.37 -2.05
N CYS A 26 -1.55 1.22 -1.44
CA CYS A 26 -1.92 1.89 -0.20
C CYS A 26 -2.36 3.33 -0.47
N PHE A 27 -3.06 3.92 0.50
CA PHE A 27 -3.52 5.29 0.37
C PHE A 27 -2.95 6.17 1.48
N LEU A 28 -2.43 7.34 1.09
CA LEU A 28 -1.85 8.26 2.06
C LEU A 28 -2.48 9.65 1.91
N ASN A 29 -2.73 10.30 3.05
CA ASN A 29 -3.33 11.64 3.04
C ASN A 29 -2.25 12.71 3.09
N ASN A 30 -2.68 13.96 3.13
CA ASN A 30 -1.74 15.09 3.17
C ASN A 30 -0.82 14.98 4.37
N PHE A 31 0.38 14.44 4.15
CA PHE A 31 1.37 14.27 5.22
C PHE A 31 2.67 14.98 4.86
N TYR A 32 3.65 14.87 5.74
CA TYR A 32 4.95 15.50 5.53
C TYR A 32 5.42 15.31 4.09
N PRO A 33 6.61 15.85 3.79
CA PRO A 33 7.20 15.74 2.45
C PRO A 33 7.66 14.33 2.12
N LYS A 34 8.46 14.19 1.08
CA LYS A 34 8.98 12.89 0.67
C LYS A 34 9.49 12.11 1.87
N ASP A 35 10.05 12.81 2.84
CA ASP A 35 10.58 12.18 4.03
C ASP A 35 9.56 11.23 4.64
N ILE A 36 9.67 9.95 4.29
CA ILE A 36 8.75 8.93 4.80
C ILE A 36 9.09 7.56 4.23
N ASN A 37 8.91 6.53 5.05
CA ASN A 37 9.19 5.16 4.63
C ASN A 37 7.92 4.32 4.63
N VAL A 38 7.86 3.36 3.71
CA VAL A 38 6.69 2.48 3.61
C VAL A 38 7.12 1.02 3.46
N LYS A 39 6.33 0.12 4.05
CA LYS A 39 6.62 -1.31 3.98
C LYS A 39 5.34 -2.12 3.85
N TRP A 40 5.47 -3.34 3.35
CA TRP A 40 4.32 -4.22 3.17
C TRP A 40 4.51 -5.53 3.93
N LYS A 41 3.42 -6.08 4.45
CA LYS A 41 3.47 -7.33 5.19
C LYS A 41 2.31 -8.24 4.81
N ILE A 42 2.57 -9.54 4.76
CA ILE A 42 1.55 -10.52 4.40
C ILE A 42 1.20 -11.40 5.59
N ASP A 43 0.00 -11.20 6.15
CA ASP A 43 -0.45 -11.98 7.29
C ASP A 43 0.45 -11.77 8.49
N GLY A 44 1.10 -10.60 8.54
CA GLY A 44 2.00 -10.30 9.64
C GLY A 44 3.43 -10.70 9.35
N SER A 45 3.71 -11.00 8.08
CA SER A 45 5.05 -11.40 7.68
C SER A 45 5.57 -10.49 6.57
N GLU A 46 6.61 -9.71 6.88
CA GLU A 46 7.19 -8.80 5.89
C GLU A 46 7.62 -9.54 4.64
N ARG A 47 7.22 -9.04 3.48
CA ARG A 47 7.57 -9.65 2.21
C ARG A 47 9.01 -9.35 1.84
N GLN A 48 9.57 -10.16 0.94
CA GLN A 48 10.94 -9.98 0.49
C GLN A 48 11.18 -8.54 0.03
N ASN A 49 12.28 -7.95 0.48
CA ASN A 49 12.61 -6.58 0.12
C ASN A 49 12.59 -6.40 -1.40
N GLY A 50 11.84 -5.40 -1.86
CA GLY A 50 11.75 -5.14 -3.28
C GLY A 50 10.34 -4.74 -3.70
N VAL A 51 9.78 -3.76 -3.02
CA VAL A 51 8.43 -3.28 -3.34
C VAL A 51 8.48 -2.10 -4.29
N LEU A 52 7.50 -2.04 -5.19
CA LEU A 52 7.42 -0.95 -6.16
C LEU A 52 6.98 0.35 -5.49
N ASN A 53 7.66 1.44 -5.82
CA ASN A 53 7.33 2.75 -5.26
C ASN A 53 7.28 3.83 -6.34
N SER A 54 6.60 4.92 -6.06
CA SER A 54 6.48 6.02 -7.01
C SER A 54 7.64 7.00 -6.86
N TRP A 55 7.62 8.06 -7.66
CA TRP A 55 8.66 9.08 -7.61
C TRP A 55 8.21 10.28 -6.79
N THR A 56 9.16 11.13 -6.40
CA THR A 56 8.86 12.31 -5.62
C THR A 56 8.14 13.35 -6.46
N ASP A 57 6.82 13.19 -6.59
CA ASP A 57 6.01 14.12 -7.37
C ASP A 57 5.53 15.28 -6.50
N GLN A 58 6.04 15.35 -5.28
CA GLN A 58 5.67 16.41 -4.35
C GLN A 58 5.76 17.78 -5.02
N ASP A 59 4.86 18.68 -4.64
CA ASP A 59 4.85 20.02 -5.21
C ASP A 59 4.72 21.07 -4.11
N SER A 60 4.75 22.35 -4.50
CA SER A 60 4.65 23.44 -3.55
C SER A 60 3.19 23.89 -3.38
N LYS A 61 2.43 23.79 -4.46
CA LYS A 61 1.02 24.17 -4.45
C LYS A 61 0.25 23.39 -3.39
N ASP A 62 0.65 22.13 -3.20
CA ASP A 62 0.00 21.28 -2.21
C ASP A 62 0.75 21.30 -0.88
N SER A 63 2.05 21.61 -0.94
CA SER A 63 2.88 21.67 0.25
C SER A 63 2.79 20.37 1.04
N THR A 64 2.60 19.27 0.33
CA THR A 64 2.49 17.96 0.96
C THR A 64 2.89 16.84 0.00
N TYR A 65 2.81 15.60 0.46
CA TYR A 65 3.17 14.45 -0.36
C TYR A 65 2.26 13.27 -0.07
N SER A 66 2.09 12.40 -1.05
CA SER A 66 1.23 11.23 -0.91
C SER A 66 1.21 10.41 -2.19
N MET A 67 1.98 9.33 -2.22
CA MET A 67 2.05 8.46 -3.39
C MET A 67 1.52 7.07 -3.06
N SER A 68 1.18 6.32 -4.10
CA SER A 68 0.65 4.97 -3.93
C SER A 68 1.77 3.93 -4.00
N SER A 69 1.88 3.11 -2.97
CA SER A 69 2.91 2.08 -2.91
C SER A 69 2.39 0.76 -3.48
N THR A 70 3.02 0.30 -4.56
CA THR A 70 2.64 -0.94 -5.20
C THR A 70 3.56 -2.08 -4.80
N LEU A 71 2.97 -3.18 -4.35
CA LEU A 71 3.74 -4.35 -3.93
C LEU A 71 4.01 -5.28 -5.11
N THR A 72 5.29 -5.50 -5.41
CA THR A 72 5.67 -6.37 -6.52
C THR A 72 5.22 -7.80 -6.27
N LEU A 73 4.17 -8.22 -6.96
CA LEU A 73 3.64 -9.57 -6.82
C LEU A 73 2.93 -10.01 -8.10
N THR A 74 3.07 -11.30 -8.42
CA THR A 74 2.44 -11.85 -9.62
C THR A 74 0.96 -12.10 -9.39
N LYS A 75 0.24 -12.39 -10.48
CA LYS A 75 -1.20 -12.66 -10.40
C LYS A 75 -1.46 -13.93 -9.61
N ASP A 76 -0.92 -15.05 -10.08
CA ASP A 76 -1.10 -16.34 -9.42
C ASP A 76 -0.60 -16.28 -7.98
N GLU A 77 0.23 -15.28 -7.69
CA GLU A 77 0.78 -15.12 -6.35
C GLU A 77 -0.24 -14.47 -5.41
N TYR A 78 -1.34 -14.01 -5.98
CA TYR A 78 -2.40 -13.37 -5.20
C TYR A 78 -3.23 -14.42 -4.44
N GLU A 79 -3.00 -15.68 -4.76
CA GLU A 79 -3.72 -16.77 -4.11
C GLU A 79 -2.98 -17.26 -2.87
N ARG A 80 -1.72 -16.82 -2.73
CA ARG A 80 -0.90 -17.22 -1.59
C ARG A 80 -1.10 -16.25 -0.43
N HIS A 81 -1.53 -15.02 -0.75
CA HIS A 81 -1.74 -14.00 0.27
C HIS A 81 -3.21 -13.56 0.29
N ASN A 82 -3.77 -13.48 1.49
CA ASN A 82 -5.17 -13.07 1.64
C ASN A 82 -5.27 -11.81 2.50
N SER A 83 -4.35 -11.66 3.43
CA SER A 83 -4.35 -10.50 4.32
C SER A 83 -3.16 -9.58 4.01
N TYR A 84 -3.45 -8.39 3.50
CA TYR A 84 -2.42 -7.43 3.16
C TYR A 84 -2.19 -6.44 4.30
N THR A 85 -1.00 -5.84 4.33
CA THR A 85 -0.66 -4.87 5.36
C THR A 85 0.22 -3.75 4.80
N CYS A 86 -0.19 -2.52 5.04
CA CYS A 86 0.57 -1.37 4.56
C CYS A 86 1.12 -0.55 5.73
N GLU A 87 2.44 -0.64 5.93
CA GLU A 87 3.09 0.08 7.02
C GLU A 87 3.74 1.37 6.50
N ALA A 88 3.60 2.44 7.27
CA ALA A 88 4.17 3.73 6.89
C ALA A 88 4.79 4.44 8.10
N THR A 89 5.96 5.03 7.91
CA THR A 89 6.64 5.74 8.98
C THR A 89 7.17 7.09 8.49
N HIS A 90 6.75 8.15 9.16
CA HIS A 90 7.18 9.50 8.81
C HIS A 90 7.75 10.23 10.02
N LYS A 91 8.09 11.50 9.84
CA LYS A 91 8.64 12.31 10.92
C LYS A 91 7.56 12.73 11.89
N THR A 92 6.39 13.09 11.37
CA THR A 92 5.27 13.52 12.19
C THR A 92 4.86 12.43 13.16
N SER A 93 5.14 11.18 12.80
CA SER A 93 4.79 10.03 13.64
C SER A 93 5.85 8.94 13.53
N THR A 94 6.62 8.76 14.60
CA THR A 94 7.67 7.75 14.62
C THR A 94 7.08 6.35 14.53
N SER A 95 5.91 6.16 15.13
CA SER A 95 5.24 4.86 15.12
C SER A 95 4.79 4.50 13.71
N PRO A 96 5.22 3.33 13.24
CA PRO A 96 4.87 2.83 11.91
C PRO A 96 3.40 2.45 11.79
N ILE A 97 2.64 3.25 11.05
CA ILE A 97 1.21 2.99 10.87
C ILE A 97 0.98 1.81 9.92
N VAL A 98 0.59 0.68 10.48
CA VAL A 98 0.33 -0.52 9.68
C VAL A 98 -1.16 -0.85 9.65
N LYS A 99 -1.70 -0.94 8.44
CA LYS A 99 -3.12 -1.25 8.26
C LYS A 99 -3.30 -2.58 7.54
N SER A 100 -3.90 -3.55 8.23
CA SER A 100 -4.13 -4.86 7.66
C SER A 100 -5.62 -5.17 7.58
N PHE A 101 -6.00 -6.01 6.61
CA PHE A 101 -7.39 -6.38 6.42
C PHE A 101 -7.51 -7.68 5.62
N ASN A 102 -8.61 -8.38 5.80
CA ASN A 102 -8.84 -9.64 5.10
C ASN A 102 -9.67 -9.41 3.84
N ARG A 103 -9.02 -9.56 2.68
CA ARG A 103 -9.69 -9.37 1.40
C ARG A 103 -10.50 -10.61 1.03
N ASN A 104 -10.01 -11.78 1.41
CA ASN A 104 -10.68 -13.03 1.11
C ASN A 104 -12.15 -12.98 1.53
N GLU A 105 -12.42 -12.24 2.61
CA GLU A 105 -13.78 -12.10 3.11
C GLU A 105 -14.42 -10.80 2.63
N SER A 106 -13.69 -9.70 2.80
CA SER A 106 -14.19 -8.39 2.39
C SER A 106 -14.27 -8.30 0.87
N GLU A 107 -13.11 -8.25 0.23
CA GLU A 107 -13.04 -8.15 -1.23
C GLU A 107 -13.79 -9.32 -1.88
N ASN A 108 -14.63 -9.00 -2.85
CA ASN A 108 -15.41 -10.02 -3.55
C ASN A 108 -14.88 -10.22 -4.97
N LEU A 109 -15.20 -9.28 -5.85
CA LEU A 109 -14.75 -9.35 -7.24
C LEU A 109 -14.98 -10.75 -7.81
N TYR A 110 -16.06 -11.40 -7.38
CA TYR A 110 -16.39 -12.74 -7.84
C TYR A 110 -17.82 -12.79 -8.36
N PHE A 111 -18.02 -13.59 -9.41
CA PHE A 111 -19.34 -13.74 -10.01
C PHE A 111 -19.52 -15.13 -10.61
N GLN A 112 -20.69 -15.37 -11.20
CA GLN A 112 -20.98 -16.66 -11.82
C GLN A 112 -20.75 -16.60 -13.32
N ALA A 1 3.97 21.34 6.25
CA ALA A 1 3.48 21.29 7.63
C ALA A 1 3.37 19.84 8.11
N ASP A 2 3.67 19.62 9.38
CA ASP A 2 3.60 18.29 9.96
C ASP A 2 2.19 17.71 9.83
N ALA A 3 2.07 16.61 9.10
CA ALA A 3 0.78 15.97 8.89
C ALA A 3 0.93 14.47 8.68
N ALA A 4 0.09 13.69 9.33
CA ALA A 4 0.14 12.24 9.21
C ALA A 4 -0.90 11.72 8.23
N PRO A 5 -0.53 10.72 7.44
CA PRO A 5 -1.42 10.12 6.43
C PRO A 5 -2.56 9.32 7.07
N THR A 6 -3.30 8.60 6.25
CA THR A 6 -4.43 7.80 6.73
C THR A 6 -4.12 6.31 6.63
N VAL A 7 -5.04 5.50 7.15
CA VAL A 7 -4.87 4.04 7.11
C VAL A 7 -5.83 3.40 6.12
N SER A 8 -5.33 3.13 4.92
CA SER A 8 -6.14 2.51 3.88
C SER A 8 -5.43 1.31 3.26
N ILE A 9 -6.21 0.34 2.80
CA ILE A 9 -5.64 -0.86 2.18
C ILE A 9 -6.53 -1.36 1.05
N PHE A 10 -5.94 -1.54 -0.12
CA PHE A 10 -6.67 -2.02 -1.29
C PHE A 10 -5.87 -3.08 -2.04
N PRO A 11 -6.24 -4.35 -1.85
CA PRO A 11 -5.57 -5.48 -2.50
C PRO A 11 -5.84 -5.53 -4.00
N PRO A 12 -5.12 -6.42 -4.71
CA PRO A 12 -5.28 -6.58 -6.15
C PRO A 12 -6.61 -7.22 -6.53
N SER A 13 -7.35 -6.54 -7.40
CA SER A 13 -8.64 -7.03 -7.85
C SER A 13 -8.51 -7.89 -9.10
N SER A 14 -9.63 -8.43 -9.58
CA SER A 14 -9.63 -9.26 -10.77
C SER A 14 -9.38 -8.43 -12.02
N GLU A 15 -9.66 -7.13 -11.92
CA GLU A 15 -9.48 -6.21 -13.05
C GLU A 15 -8.07 -6.35 -13.62
N GLN A 16 -7.07 -6.22 -12.76
CA GLN A 16 -5.67 -6.33 -13.18
C GLN A 16 -5.31 -7.78 -13.47
N LEU A 17 -5.97 -8.70 -12.78
CA LEU A 17 -5.71 -10.13 -12.95
C LEU A 17 -5.87 -10.53 -14.40
N THR A 18 -6.76 -9.85 -15.12
CA THR A 18 -7.01 -10.14 -16.52
C THR A 18 -5.72 -10.11 -17.32
N SER A 19 -4.77 -9.30 -16.88
CA SER A 19 -3.48 -9.18 -17.57
C SER A 19 -2.47 -10.14 -16.98
N GLY A 20 -2.75 -10.64 -15.77
CA GLY A 20 -1.85 -11.56 -15.12
C GLY A 20 -1.07 -10.91 -13.99
N GLY A 21 -1.42 -9.66 -13.68
CA GLY A 21 -0.73 -8.95 -12.61
C GLY A 21 -1.60 -8.78 -11.38
N ALA A 22 -0.95 -8.63 -10.23
CA ALA A 22 -1.67 -8.45 -8.97
C ALA A 22 -0.79 -7.79 -7.92
N SER A 23 -1.08 -6.53 -7.62
CA SER A 23 -0.30 -5.78 -6.62
C SER A 23 -1.22 -4.93 -5.75
N VAL A 24 -0.95 -4.94 -4.44
CA VAL A 24 -1.74 -4.17 -3.50
C VAL A 24 -1.30 -2.72 -3.47
N VAL A 25 -2.26 -1.81 -3.41
CA VAL A 25 -1.98 -0.38 -3.37
C VAL A 25 -2.47 0.24 -2.07
N CYS A 26 -1.65 1.12 -1.49
CA CYS A 26 -2.01 1.78 -0.24
C CYS A 26 -2.47 3.22 -0.50
N PHE A 27 -3.13 3.82 0.47
CA PHE A 27 -3.62 5.18 0.35
C PHE A 27 -3.04 6.07 1.45
N LEU A 28 -2.60 7.26 1.07
CA LEU A 28 -2.02 8.20 2.03
C LEU A 28 -2.71 9.56 1.94
N ASN A 29 -2.91 10.19 3.08
CA ASN A 29 -3.55 11.50 3.13
C ASN A 29 -2.52 12.62 3.36
N ASN A 30 -2.85 13.81 2.89
CA ASN A 30 -1.95 14.95 3.03
C ASN A 30 -1.05 14.79 4.25
N PHE A 31 0.23 14.51 4.01
CA PHE A 31 1.19 14.32 5.08
C PHE A 31 2.51 15.02 4.77
N TYR A 32 3.48 14.87 5.66
CA TYR A 32 4.80 15.49 5.46
C TYR A 32 5.28 15.30 4.03
N PRO A 33 6.47 15.83 3.74
CA PRO A 33 7.08 15.74 2.41
C PRO A 33 7.52 14.32 2.07
N LYS A 34 8.31 14.17 1.02
CA LYS A 34 8.80 12.87 0.59
C LYS A 34 9.32 12.07 1.78
N ASP A 35 9.94 12.77 2.73
CA ASP A 35 10.48 12.13 3.92
C ASP A 35 9.47 11.17 4.54
N ILE A 36 9.59 9.89 4.20
CA ILE A 36 8.67 8.87 4.71
C ILE A 36 9.06 7.49 4.21
N ASN A 37 8.84 6.47 5.05
CA ASN A 37 9.16 5.10 4.68
C ASN A 37 7.90 4.23 4.66
N VAL A 38 7.78 3.39 3.65
CA VAL A 38 6.63 2.51 3.52
C VAL A 38 7.06 1.04 3.43
N LYS A 39 6.27 0.16 4.03
CA LYS A 39 6.56 -1.27 4.01
C LYS A 39 5.28 -2.09 3.86
N TRP A 40 5.43 -3.33 3.42
CA TRP A 40 4.29 -4.21 3.22
C TRP A 40 4.48 -5.52 3.99
N LYS A 41 3.39 -6.07 4.50
CA LYS A 41 3.44 -7.31 5.26
C LYS A 41 2.26 -8.22 4.89
N ILE A 42 2.54 -9.51 4.76
CA ILE A 42 1.51 -10.48 4.40
C ILE A 42 1.18 -11.39 5.59
N ASP A 43 -0.03 -11.25 6.11
CA ASP A 43 -0.47 -12.07 7.24
C ASP A 43 0.44 -11.86 8.44
N GLY A 44 1.06 -10.68 8.52
CA GLY A 44 1.95 -10.38 9.62
C GLY A 44 3.39 -10.76 9.33
N SER A 45 3.67 -11.07 8.07
CA SER A 45 5.02 -11.45 7.65
C SER A 45 5.54 -10.53 6.57
N GLU A 46 6.59 -9.77 6.88
CA GLU A 46 7.18 -8.85 5.93
C GLU A 46 7.58 -9.57 4.65
N ARG A 47 7.16 -9.03 3.51
CA ARG A 47 7.47 -9.62 2.21
C ARG A 47 8.87 -9.23 1.77
N GLN A 48 9.42 -10.00 0.82
CA GLN A 48 10.76 -9.74 0.31
C GLN A 48 10.89 -8.29 -0.15
N ASN A 49 12.11 -7.78 -0.14
CA ASN A 49 12.38 -6.41 -0.56
C ASN A 49 12.18 -6.25 -2.07
N GLY A 50 12.03 -5.00 -2.51
CA GLY A 50 11.84 -4.74 -3.92
C GLY A 50 10.44 -4.28 -4.24
N VAL A 51 9.83 -3.54 -3.30
CA VAL A 51 8.47 -3.05 -3.49
C VAL A 51 8.43 -1.93 -4.53
N LEU A 52 7.37 -1.89 -5.32
CA LEU A 52 7.21 -0.87 -6.35
C LEU A 52 6.76 0.45 -5.73
N ASN A 53 7.47 1.52 -6.07
CA ASN A 53 7.14 2.85 -5.55
C ASN A 53 7.16 3.89 -6.67
N SER A 54 6.47 5.00 -6.44
CA SER A 54 6.39 6.07 -7.43
C SER A 54 7.54 7.05 -7.26
N TRP A 55 7.53 8.11 -8.06
CA TRP A 55 8.58 9.12 -7.99
C TRP A 55 8.12 10.33 -7.19
N THR A 56 9.07 11.02 -6.56
CA THR A 56 8.76 12.20 -5.75
C THR A 56 8.20 13.32 -6.62
N ASP A 57 6.89 13.32 -6.81
CA ASP A 57 6.23 14.34 -7.62
C ASP A 57 5.78 15.51 -6.75
N GLN A 58 6.18 15.49 -5.49
CA GLN A 58 5.82 16.56 -4.56
C GLN A 58 6.13 17.93 -5.14
N ASP A 59 5.36 18.93 -4.74
CA ASP A 59 5.56 20.29 -5.22
C ASP A 59 5.36 21.30 -4.10
N SER A 60 6.11 22.39 -4.14
CA SER A 60 6.02 23.43 -3.12
C SER A 60 4.61 24.02 -3.08
N LYS A 61 3.97 24.09 -4.24
CA LYS A 61 2.62 24.64 -4.34
C LYS A 61 1.66 23.86 -3.46
N ASP A 62 1.90 22.56 -3.32
CA ASP A 62 1.06 21.71 -2.50
C ASP A 62 1.63 21.56 -1.09
N SER A 63 2.94 21.74 -0.97
CA SER A 63 3.61 21.63 0.32
C SER A 63 3.25 20.33 1.01
N THR A 64 3.07 19.27 0.22
CA THR A 64 2.72 17.96 0.75
C THR A 64 3.01 16.86 -0.26
N TYR A 65 2.96 15.62 0.19
CA TYR A 65 3.22 14.47 -0.67
C TYR A 65 2.33 13.29 -0.30
N SER A 66 2.12 12.39 -1.26
CA SER A 66 1.28 11.22 -1.04
C SER A 66 1.17 10.39 -2.32
N MET A 67 1.94 9.32 -2.40
CA MET A 67 1.92 8.45 -3.56
C MET A 67 1.44 7.05 -3.19
N SER A 68 1.08 6.27 -4.20
CA SER A 68 0.58 4.91 -3.97
C SER A 68 1.72 3.89 -4.05
N SER A 69 1.75 2.98 -3.09
CA SER A 69 2.79 1.95 -3.05
C SER A 69 2.27 0.62 -3.60
N THR A 70 2.90 0.16 -4.68
CA THR A 70 2.52 -1.09 -5.31
C THR A 70 3.45 -2.22 -4.92
N LEU A 71 2.88 -3.39 -4.64
CA LEU A 71 3.67 -4.55 -4.25
C LEU A 71 3.90 -5.48 -5.45
N THR A 72 5.16 -5.66 -5.82
CA THR A 72 5.52 -6.52 -6.94
C THR A 72 5.11 -7.96 -6.67
N LEU A 73 4.00 -8.39 -7.26
CA LEU A 73 3.51 -9.74 -7.09
C LEU A 73 2.76 -10.21 -8.33
N THR A 74 2.87 -11.50 -8.63
CA THR A 74 2.20 -12.08 -9.79
C THR A 74 0.72 -12.29 -9.51
N LYS A 75 -0.04 -12.58 -10.56
CA LYS A 75 -1.48 -12.81 -10.43
C LYS A 75 -1.75 -14.08 -9.62
N ASP A 76 -1.24 -15.21 -10.10
CA ASP A 76 -1.43 -16.49 -9.42
C ASP A 76 -0.89 -16.42 -8.00
N GLU A 77 -0.04 -15.44 -7.73
CA GLU A 77 0.55 -15.27 -6.41
C GLU A 77 -0.42 -14.58 -5.46
N TYR A 78 -1.54 -14.11 -6.01
CA TYR A 78 -2.55 -13.44 -5.21
C TYR A 78 -3.38 -14.44 -4.41
N GLU A 79 -3.19 -15.72 -4.70
CA GLU A 79 -3.91 -16.77 -4.00
C GLU A 79 -3.15 -17.25 -2.77
N ARG A 80 -1.89 -16.83 -2.67
CA ARG A 80 -1.06 -17.20 -1.54
C ARG A 80 -1.20 -16.19 -0.39
N HIS A 81 -1.61 -14.98 -0.73
CA HIS A 81 -1.80 -13.93 0.26
C HIS A 81 -3.25 -13.46 0.30
N ASN A 82 -3.88 -13.60 1.46
CA ASN A 82 -5.27 -13.20 1.63
C ASN A 82 -5.37 -11.94 2.49
N SER A 83 -4.43 -11.78 3.41
CA SER A 83 -4.41 -10.63 4.30
C SER A 83 -3.24 -9.71 3.97
N TYR A 84 -3.55 -8.52 3.48
CA TYR A 84 -2.52 -7.55 3.13
C TYR A 84 -2.32 -6.53 4.25
N THR A 85 -1.14 -5.92 4.28
CA THR A 85 -0.82 -4.93 5.30
C THR A 85 0.09 -3.83 4.75
N CYS A 86 -0.29 -2.58 4.99
CA CYS A 86 0.49 -1.45 4.52
C CYS A 86 1.05 -0.64 5.68
N GLU A 87 2.36 -0.72 5.88
CA GLU A 87 3.01 0.00 6.97
C GLU A 87 3.61 1.31 6.46
N ALA A 88 3.49 2.36 7.27
CA ALA A 88 4.02 3.67 6.90
C ALA A 88 4.65 4.36 8.11
N THR A 89 5.81 4.98 7.89
CA THR A 89 6.52 5.67 8.96
C THR A 89 7.03 7.02 8.48
N HIS A 90 6.59 8.09 9.14
CA HIS A 90 7.02 9.44 8.78
C HIS A 90 7.59 10.16 9.99
N LYS A 91 7.92 11.44 9.81
CA LYS A 91 8.47 12.25 10.90
C LYS A 91 7.39 12.67 11.87
N THR A 92 6.22 13.04 11.34
CA THR A 92 5.10 13.47 12.16
C THR A 92 4.69 12.38 13.15
N SER A 93 4.98 11.13 12.79
CA SER A 93 4.64 9.99 13.63
C SER A 93 5.71 8.90 13.55
N THR A 94 6.48 8.75 14.61
CA THR A 94 7.53 7.75 14.65
C THR A 94 6.96 6.34 14.57
N SER A 95 5.78 6.16 15.16
CA SER A 95 5.12 4.86 15.15
C SER A 95 4.69 4.47 13.74
N PRO A 96 5.15 3.29 13.28
CA PRO A 96 4.82 2.78 11.95
C PRO A 96 3.36 2.37 11.83
N ILE A 97 2.58 3.18 11.12
CA ILE A 97 1.16 2.91 10.93
C ILE A 97 0.96 1.71 10.02
N VAL A 98 0.58 0.57 10.61
CA VAL A 98 0.35 -0.64 9.85
C VAL A 98 -1.14 -0.96 9.76
N LYS A 99 -1.66 -0.99 8.53
CA LYS A 99 -3.07 -1.27 8.30
C LYS A 99 -3.24 -2.62 7.60
N SER A 100 -3.86 -3.57 8.28
CA SER A 100 -4.09 -4.90 7.72
C SER A 100 -5.58 -5.21 7.66
N PHE A 101 -5.96 -6.05 6.70
CA PHE A 101 -7.36 -6.43 6.53
C PHE A 101 -7.48 -7.75 5.76
N ASN A 102 -8.61 -8.42 5.91
CA ASN A 102 -8.84 -9.69 5.24
C ASN A 102 -9.68 -9.49 3.98
N ARG A 103 -9.08 -9.73 2.83
CA ARG A 103 -9.77 -9.57 1.55
C ARG A 103 -10.72 -10.75 1.31
N ASN A 104 -10.34 -11.93 1.78
CA ASN A 104 -11.15 -13.12 1.61
C ASN A 104 -12.59 -12.87 2.09
N GLU A 105 -12.71 -12.15 3.20
CA GLU A 105 -14.03 -11.85 3.76
C GLU A 105 -14.70 -10.71 2.99
N SER A 106 -13.89 -9.79 2.49
CA SER A 106 -14.40 -8.65 1.73
C SER A 106 -14.50 -8.98 0.25
N GLU A 107 -14.38 -10.27 -0.07
CA GLU A 107 -14.46 -10.72 -1.47
C GLU A 107 -15.69 -10.14 -2.15
N ASN A 108 -15.48 -9.12 -2.99
CA ASN A 108 -16.57 -8.49 -3.71
C ASN A 108 -16.31 -8.50 -5.22
N LEU A 109 -15.05 -8.36 -5.59
CA LEU A 109 -14.66 -8.37 -7.00
C LEU A 109 -14.39 -9.78 -7.49
N TYR A 110 -15.33 -10.69 -7.20
CA TYR A 110 -15.19 -12.08 -7.62
C TYR A 110 -16.55 -12.68 -7.93
N PHE A 111 -16.58 -13.54 -8.95
CA PHE A 111 -17.82 -14.19 -9.37
C PHE A 111 -17.68 -15.71 -9.35
N GLN A 112 -16.97 -16.21 -8.34
CA GLN A 112 -16.74 -17.65 -8.21
C GLN A 112 -17.85 -18.30 -7.39
N ALA A 1 4.23 21.32 6.63
CA ALA A 1 3.85 21.25 8.03
C ALA A 1 3.71 19.80 8.48
N ASP A 2 4.07 19.53 9.73
CA ASP A 2 3.98 18.19 10.28
C ASP A 2 2.56 17.64 10.16
N ALA A 3 2.42 16.56 9.40
CA ALA A 3 1.10 15.94 9.21
C ALA A 3 1.24 14.45 8.96
N ALA A 4 0.36 13.67 9.59
CA ALA A 4 0.38 12.22 9.44
C ALA A 4 -0.67 11.75 8.43
N PRO A 5 -0.30 10.76 7.61
CA PRO A 5 -1.20 10.21 6.60
C PRO A 5 -2.35 9.41 7.20
N THR A 6 -3.15 8.77 6.34
CA THR A 6 -4.27 7.98 6.79
C THR A 6 -3.99 6.49 6.66
N VAL A 7 -4.91 5.67 7.16
CA VAL A 7 -4.75 4.22 7.09
C VAL A 7 -5.71 3.61 6.07
N SER A 8 -5.22 3.34 4.87
CA SER A 8 -6.04 2.76 3.81
C SER A 8 -5.34 1.55 3.20
N ILE A 9 -6.14 0.61 2.70
CA ILE A 9 -5.61 -0.60 2.08
C ILE A 9 -6.49 -1.07 0.94
N PHE A 10 -5.89 -1.25 -0.23
CA PHE A 10 -6.63 -1.70 -1.40
C PHE A 10 -5.85 -2.77 -2.16
N PRO A 11 -6.26 -4.04 -1.99
CA PRO A 11 -5.60 -5.17 -2.65
C PRO A 11 -5.86 -5.20 -4.15
N PRO A 12 -5.15 -6.10 -4.85
CA PRO A 12 -5.29 -6.25 -6.30
C PRO A 12 -6.63 -6.84 -6.71
N SER A 13 -7.34 -6.14 -7.58
CA SER A 13 -8.65 -6.60 -8.06
C SER A 13 -8.51 -7.44 -9.32
N SER A 14 -9.63 -7.95 -9.80
CA SER A 14 -9.64 -8.78 -11.01
C SER A 14 -9.35 -7.93 -12.25
N GLU A 15 -9.61 -6.63 -12.14
CA GLU A 15 -9.38 -5.71 -13.26
C GLU A 15 -7.97 -5.88 -13.81
N GLN A 16 -6.98 -5.79 -12.95
CA GLN A 16 -5.58 -5.92 -13.35
C GLN A 16 -5.24 -7.38 -13.64
N LEU A 17 -5.94 -8.29 -12.96
CA LEU A 17 -5.71 -9.72 -13.14
C LEU A 17 -5.87 -10.12 -14.60
N THR A 18 -6.73 -9.40 -15.32
CA THR A 18 -6.97 -9.68 -16.73
C THR A 18 -5.66 -9.67 -17.52
N SER A 19 -4.70 -8.88 -17.05
CA SER A 19 -3.41 -8.78 -17.72
C SER A 19 -2.41 -9.77 -17.12
N GLY A 20 -2.73 -10.27 -15.93
CA GLY A 20 -1.86 -11.22 -15.28
C GLY A 20 -1.07 -10.59 -14.13
N GLY A 21 -1.40 -9.35 -13.81
CA GLY A 21 -0.71 -8.66 -12.72
C GLY A 21 -1.60 -8.48 -11.51
N ALA A 22 -0.96 -8.35 -10.34
CA ALA A 22 -1.70 -8.16 -9.10
C ALA A 22 -0.82 -7.54 -8.02
N SER A 23 -1.08 -6.28 -7.72
CA SER A 23 -0.31 -5.55 -6.71
C SER A 23 -1.20 -4.68 -5.85
N VAL A 24 -0.98 -4.73 -4.54
CA VAL A 24 -1.77 -3.94 -3.60
C VAL A 24 -1.29 -2.50 -3.54
N VAL A 25 -2.24 -1.56 -3.50
CA VAL A 25 -1.90 -0.15 -3.44
C VAL A 25 -2.39 0.47 -2.14
N CYS A 26 -1.55 1.30 -1.53
CA CYS A 26 -1.89 1.96 -0.28
C CYS A 26 -2.30 3.41 -0.52
N PHE A 27 -2.97 4.00 0.45
CA PHE A 27 -3.42 5.39 0.34
C PHE A 27 -2.86 6.23 1.48
N LEU A 28 -2.44 7.45 1.16
CA LEU A 28 -1.88 8.36 2.16
C LEU A 28 -2.61 9.70 2.14
N ASN A 29 -2.66 10.36 3.29
CA ASN A 29 -3.32 11.66 3.41
C ASN A 29 -2.30 12.76 3.68
N ASN A 30 -2.61 13.96 3.19
CA ASN A 30 -1.72 15.10 3.38
C ASN A 30 -0.81 14.89 4.59
N PHE A 31 0.46 14.60 4.32
CA PHE A 31 1.43 14.38 5.38
C PHE A 31 2.76 15.04 5.05
N TYR A 32 3.74 14.86 5.93
CA TYR A 32 5.06 15.43 5.73
C TYR A 32 5.53 15.24 4.29
N PRO A 33 6.73 15.76 3.99
CA PRO A 33 7.32 15.65 2.65
C PRO A 33 7.73 14.23 2.29
N LYS A 34 8.49 14.08 1.22
CA LYS A 34 8.95 12.77 0.78
C LYS A 34 9.48 11.95 1.95
N ASP A 35 10.10 12.63 2.90
CA ASP A 35 10.66 11.97 4.08
C ASP A 35 9.64 11.01 4.70
N ILE A 36 9.74 9.74 4.34
CA ILE A 36 8.82 8.74 4.86
C ILE A 36 9.18 7.34 4.33
N ASN A 37 8.98 6.33 5.16
CA ASN A 37 9.27 4.96 4.77
C ASN A 37 8.00 4.12 4.74
N VAL A 38 7.87 3.30 3.70
CA VAL A 38 6.70 2.44 3.55
C VAL A 38 7.10 0.97 3.46
N LYS A 39 6.29 0.10 4.02
CA LYS A 39 6.56 -1.34 4.00
C LYS A 39 5.27 -2.13 3.82
N TRP A 40 5.40 -3.36 3.36
CA TRP A 40 4.24 -4.23 3.15
C TRP A 40 4.40 -5.54 3.89
N LYS A 41 3.29 -6.07 4.40
CA LYS A 41 3.30 -7.33 5.14
C LYS A 41 2.12 -8.21 4.73
N ILE A 42 2.38 -9.51 4.61
CA ILE A 42 1.34 -10.46 4.23
C ILE A 42 0.98 -11.37 5.40
N ASP A 43 -0.24 -11.23 5.90
CA ASP A 43 -0.71 -12.05 7.01
C ASP A 43 0.19 -11.87 8.24
N GLY A 44 0.83 -10.71 8.33
CA GLY A 44 1.71 -10.44 9.45
C GLY A 44 3.14 -10.83 9.16
N SER A 45 3.44 -11.13 7.90
CA SER A 45 4.79 -11.54 7.51
C SER A 45 5.34 -10.60 6.44
N GLU A 46 6.40 -9.86 6.79
CA GLU A 46 7.02 -8.93 5.86
C GLU A 46 7.42 -9.63 4.56
N ARG A 47 6.95 -9.09 3.45
CA ARG A 47 7.26 -9.66 2.14
C ARG A 47 8.66 -9.27 1.68
N GLN A 48 9.14 -9.93 0.64
CA GLN A 48 10.47 -9.64 0.10
C GLN A 48 10.64 -8.14 -0.15
N ASN A 49 11.56 -7.53 0.60
CA ASN A 49 11.82 -6.10 0.46
C ASN A 49 12.15 -5.74 -0.98
N GLY A 50 11.17 -5.21 -1.70
CA GLY A 50 11.37 -4.83 -3.08
C GLY A 50 10.09 -4.38 -3.77
N VAL A 51 9.23 -3.74 -3.01
CA VAL A 51 7.95 -3.25 -3.54
C VAL A 51 8.16 -2.06 -4.46
N LEU A 52 7.35 -1.98 -5.51
CA LEU A 52 7.44 -0.88 -6.47
C LEU A 52 6.94 0.43 -5.86
N ASN A 53 7.75 1.47 -5.94
CA ASN A 53 7.39 2.77 -5.40
C ASN A 53 7.49 3.85 -6.48
N SER A 54 6.77 4.95 -6.26
CA SER A 54 6.78 6.05 -7.21
C SER A 54 7.90 7.04 -6.90
N TRP A 55 7.96 8.13 -7.66
CA TRP A 55 8.98 9.15 -7.46
C TRP A 55 8.43 10.33 -6.68
N THR A 56 9.32 11.21 -6.22
CA THR A 56 8.91 12.37 -5.46
C THR A 56 8.08 13.33 -6.31
N ASP A 57 6.76 13.14 -6.27
CA ASP A 57 5.84 13.98 -7.04
C ASP A 57 5.40 15.19 -6.22
N GLN A 58 6.00 15.35 -5.04
CA GLN A 58 5.67 16.46 -4.15
C GLN A 58 5.89 17.80 -4.86
N ASP A 59 4.90 18.67 -4.79
CA ASP A 59 4.99 19.99 -5.42
C ASP A 59 4.93 21.09 -4.37
N SER A 60 5.24 22.31 -4.78
CA SER A 60 5.22 23.46 -3.88
C SER A 60 3.79 23.96 -3.68
N LYS A 61 2.99 23.88 -4.73
CA LYS A 61 1.60 24.33 -4.67
C LYS A 61 0.83 23.58 -3.59
N ASP A 62 1.17 22.32 -3.39
CA ASP A 62 0.52 21.49 -2.38
C ASP A 62 1.33 21.48 -1.09
N SER A 63 2.63 21.70 -1.21
CA SER A 63 3.52 21.71 -0.05
C SER A 63 3.34 20.44 0.78
N THR A 64 3.09 19.32 0.10
CA THR A 64 2.89 18.04 0.77
C THR A 64 3.13 16.88 -0.19
N TYR A 65 3.51 15.73 0.37
CA TYR A 65 3.76 14.55 -0.44
C TYR A 65 2.81 13.41 -0.07
N SER A 66 2.51 12.56 -1.04
CA SER A 66 1.61 11.43 -0.82
C SER A 66 1.42 10.64 -2.11
N MET A 67 2.18 9.55 -2.24
CA MET A 67 2.10 8.70 -3.42
C MET A 67 1.62 7.31 -3.05
N SER A 68 1.25 6.52 -4.05
CA SER A 68 0.77 5.17 -3.83
C SER A 68 1.91 4.16 -3.91
N SER A 69 1.85 3.12 -3.08
CA SER A 69 2.89 2.10 -3.05
C SER A 69 2.36 0.78 -3.62
N THR A 70 3.00 0.31 -4.69
CA THR A 70 2.60 -0.93 -5.34
C THR A 70 3.49 -2.09 -4.90
N LEU A 71 2.87 -3.24 -4.66
CA LEU A 71 3.61 -4.43 -4.22
C LEU A 71 3.86 -5.36 -5.40
N THR A 72 5.13 -5.60 -5.71
CA THR A 72 5.51 -6.47 -6.81
C THR A 72 5.03 -7.90 -6.56
N LEU A 73 3.95 -8.28 -7.23
CA LEU A 73 3.40 -9.63 -7.08
C LEU A 73 2.66 -10.05 -8.35
N THR A 74 2.75 -11.34 -8.68
CA THR A 74 2.10 -11.87 -9.86
C THR A 74 0.60 -12.07 -9.62
N LYS A 75 -0.15 -12.32 -10.69
CA LYS A 75 -1.59 -12.53 -10.59
C LYS A 75 -1.90 -13.79 -9.80
N ASP A 76 -1.40 -14.93 -10.29
CA ASP A 76 -1.64 -16.21 -9.63
C ASP A 76 -1.12 -16.17 -8.19
N GLU A 77 -0.25 -15.21 -7.90
CA GLU A 77 0.33 -15.08 -6.57
C GLU A 77 -0.66 -14.39 -5.62
N TYR A 78 -1.76 -13.89 -6.18
CA TYR A 78 -2.77 -13.20 -5.39
C TYR A 78 -3.63 -14.20 -4.62
N GLU A 79 -3.45 -15.48 -4.94
CA GLU A 79 -4.22 -16.54 -4.28
C GLU A 79 -3.48 -17.04 -3.04
N ARG A 80 -2.22 -16.66 -2.92
CA ARG A 80 -1.40 -17.08 -1.78
C ARG A 80 -1.53 -16.10 -0.62
N HIS A 81 -1.90 -14.86 -0.95
CA HIS A 81 -2.07 -13.82 0.06
C HIS A 81 -3.50 -13.29 0.07
N ASN A 82 -4.16 -13.40 1.21
CA ASN A 82 -5.53 -12.94 1.36
C ASN A 82 -5.61 -11.71 2.24
N SER A 83 -4.67 -11.61 3.18
CA SER A 83 -4.63 -10.47 4.10
C SER A 83 -3.43 -9.57 3.79
N TYR A 84 -3.72 -8.36 3.32
CA TYR A 84 -2.67 -7.40 2.98
C TYR A 84 -2.45 -6.41 4.12
N THR A 85 -1.26 -5.82 4.16
CA THR A 85 -0.92 -4.85 5.19
C THR A 85 0.01 -3.78 4.66
N CYS A 86 -0.32 -2.52 4.91
CA CYS A 86 0.48 -1.40 4.45
C CYS A 86 1.05 -0.61 5.63
N GLU A 87 2.36 -0.73 5.84
CA GLU A 87 3.02 -0.04 6.94
C GLU A 87 3.65 1.27 6.46
N ALA A 88 3.54 2.31 7.27
CA ALA A 88 4.11 3.61 6.93
C ALA A 88 4.74 4.26 8.16
N THR A 89 5.91 4.86 7.95
CA THR A 89 6.63 5.53 9.03
C THR A 89 7.18 6.88 8.58
N HIS A 90 6.75 7.95 9.24
CA HIS A 90 7.21 9.29 8.91
C HIS A 90 7.81 9.98 10.14
N LYS A 91 8.16 11.25 9.97
CA LYS A 91 8.74 12.02 11.06
C LYS A 91 7.67 12.46 12.05
N THR A 92 6.51 12.86 11.54
CA THR A 92 5.40 13.30 12.38
C THR A 92 4.98 12.19 13.34
N SER A 93 5.23 10.94 12.95
CA SER A 93 4.86 9.81 13.79
C SER A 93 5.91 8.70 13.67
N THR A 94 6.68 8.52 14.74
CA THR A 94 7.72 7.48 14.76
C THR A 94 7.11 6.10 14.65
N SER A 95 5.93 5.92 15.23
CA SER A 95 5.25 4.63 15.21
C SER A 95 4.80 4.28 13.79
N PRO A 96 5.23 3.11 13.31
CA PRO A 96 4.89 2.62 11.97
C PRO A 96 3.41 2.25 11.85
N ILE A 97 2.65 3.08 11.14
CA ILE A 97 1.23 2.84 10.95
C ILE A 97 1.00 1.65 10.01
N VAL A 98 0.59 0.52 10.59
CA VAL A 98 0.33 -0.68 9.80
C VAL A 98 -1.16 -0.95 9.70
N LYS A 99 -1.68 -0.94 8.47
CA LYS A 99 -3.09 -1.19 8.23
C LYS A 99 -3.29 -2.51 7.49
N SER A 100 -3.96 -3.46 8.16
CA SER A 100 -4.21 -4.77 7.58
C SER A 100 -5.71 -5.04 7.50
N PHE A 101 -6.11 -5.86 6.53
CA PHE A 101 -7.52 -6.19 6.35
C PHE A 101 -7.66 -7.50 5.56
N ASN A 102 -8.76 -8.21 5.80
CA ASN A 102 -9.02 -9.46 5.11
C ASN A 102 -9.87 -9.24 3.87
N ARG A 103 -9.28 -9.47 2.70
CA ARG A 103 -9.99 -9.29 1.44
C ARG A 103 -10.89 -10.48 1.15
N ASN A 104 -10.49 -11.66 1.63
CA ASN A 104 -11.27 -12.87 1.43
C ASN A 104 -12.73 -12.66 1.81
N GLU A 105 -12.94 -11.86 2.85
CA GLU A 105 -14.31 -11.57 3.32
C GLU A 105 -14.98 -10.55 2.41
N SER A 106 -14.20 -9.61 1.90
CA SER A 106 -14.74 -8.57 1.01
C SER A 106 -14.66 -9.00 -0.45
N GLU A 107 -14.40 -10.29 -0.66
CA GLU A 107 -14.30 -10.83 -2.01
C GLU A 107 -15.49 -10.37 -2.87
N ASN A 108 -15.24 -9.43 -3.75
CA ASN A 108 -16.28 -8.91 -4.64
C ASN A 108 -15.86 -9.02 -6.10
N LEU A 109 -14.58 -8.83 -6.36
CA LEU A 109 -14.04 -8.90 -7.71
C LEU A 109 -13.51 -10.30 -8.01
N TYR A 110 -14.07 -11.30 -7.34
CA TYR A 110 -13.64 -12.68 -7.53
C TYR A 110 -14.78 -13.65 -7.24
N PHE A 111 -14.49 -14.94 -7.33
CA PHE A 111 -15.49 -15.98 -7.07
C PHE A 111 -14.95 -17.01 -6.08
N GLN A 112 -15.71 -18.08 -5.90
CA GLN A 112 -15.32 -19.15 -4.98
C GLN A 112 -14.02 -19.81 -5.44
N ALA A 1 3.03 21.29 6.25
CA ALA A 1 3.02 21.22 7.70
C ALA A 1 2.91 19.77 8.17
N ASP A 2 3.29 19.54 9.43
CA ASP A 2 3.23 18.19 10.00
C ASP A 2 1.83 17.61 9.87
N ALA A 3 1.72 16.51 9.13
CA ALA A 3 0.44 15.84 8.92
C ALA A 3 0.63 14.34 8.71
N ALA A 4 -0.23 13.55 9.35
CA ALA A 4 -0.15 12.10 9.22
C ALA A 4 -1.17 11.58 8.21
N PRO A 5 -0.76 10.58 7.42
CA PRO A 5 -1.62 9.98 6.39
C PRO A 5 -2.76 9.17 7.00
N THR A 6 -3.46 8.42 6.15
CA THR A 6 -4.58 7.60 6.60
C THR A 6 -4.24 6.11 6.49
N VAL A 7 -5.15 5.27 6.98
CA VAL A 7 -4.94 3.82 6.93
C VAL A 7 -5.88 3.17 5.92
N SER A 8 -5.35 2.90 4.72
CA SER A 8 -6.14 2.28 3.67
C SER A 8 -5.40 1.08 3.08
N ILE A 9 -6.17 0.12 2.57
CA ILE A 9 -5.60 -1.08 1.98
C ILE A 9 -6.44 -1.57 0.80
N PHE A 10 -5.80 -1.76 -0.34
CA PHE A 10 -6.48 -2.22 -1.55
C PHE A 10 -5.65 -3.27 -2.28
N PRO A 11 -6.01 -4.55 -2.09
CA PRO A 11 -5.32 -5.67 -2.72
C PRO A 11 -5.55 -5.72 -4.22
N PRO A 12 -4.79 -6.61 -4.91
CA PRO A 12 -4.90 -6.78 -6.36
C PRO A 12 -6.22 -7.42 -6.77
N SER A 13 -6.95 -6.75 -7.67
CA SER A 13 -8.23 -7.26 -8.14
C SER A 13 -8.05 -8.11 -9.40
N SER A 14 -9.15 -8.66 -9.90
CA SER A 14 -9.11 -9.50 -11.09
C SER A 14 -8.83 -8.66 -12.34
N GLU A 15 -9.13 -7.36 -12.24
CA GLU A 15 -8.91 -6.45 -13.36
C GLU A 15 -7.49 -6.57 -13.89
N GLN A 16 -6.52 -6.43 -13.00
CA GLN A 16 -5.11 -6.52 -13.39
C GLN A 16 -4.71 -7.97 -13.65
N LEU A 17 -5.39 -8.90 -12.97
CA LEU A 17 -5.10 -10.32 -13.14
C LEU A 17 -5.22 -10.73 -14.60
N THR A 18 -6.10 -10.06 -15.34
CA THR A 18 -6.31 -10.36 -16.75
C THR A 18 -5.00 -10.31 -17.52
N SER A 19 -4.06 -9.49 -17.05
CA SER A 19 -2.77 -9.35 -17.70
C SER A 19 -1.74 -10.30 -17.08
N GLY A 20 -2.07 -10.80 -15.88
CA GLY A 20 -1.17 -11.70 -15.20
C GLY A 20 -0.43 -11.04 -14.05
N GLY A 21 -0.80 -9.80 -13.75
CA GLY A 21 -0.15 -9.07 -12.67
C GLY A 21 -1.06 -8.92 -11.47
N ALA A 22 -0.45 -8.75 -10.29
CA ALA A 22 -1.20 -8.59 -9.06
C ALA A 22 -0.35 -7.92 -7.98
N SER A 23 -0.67 -6.66 -7.68
CA SER A 23 0.08 -5.91 -6.67
C SER A 23 -0.87 -5.08 -5.81
N VAL A 24 -0.65 -5.09 -4.50
CA VAL A 24 -1.49 -4.34 -3.58
C VAL A 24 -1.06 -2.88 -3.53
N VAL A 25 -2.03 -1.98 -3.50
CA VAL A 25 -1.76 -0.54 -3.45
C VAL A 25 -2.31 0.08 -2.17
N CYS A 26 -1.52 0.95 -1.55
CA CYS A 26 -1.93 1.61 -0.32
C CYS A 26 -2.38 3.04 -0.59
N PHE A 27 -3.09 3.63 0.36
CA PHE A 27 -3.58 4.99 0.21
C PHE A 27 -3.07 5.88 1.35
N LEU A 28 -2.67 7.09 1.00
CA LEU A 28 -2.16 8.04 1.99
C LEU A 28 -2.92 9.36 1.92
N ASN A 29 -3.04 10.03 3.08
CA ASN A 29 -3.74 11.30 3.15
C ASN A 29 -2.76 12.44 3.40
N ASN A 30 -3.09 13.63 2.91
CA ASN A 30 -2.25 14.80 3.09
C ASN A 30 -1.35 14.64 4.31
N PHE A 31 -0.07 14.38 4.06
CA PHE A 31 0.90 14.20 5.14
C PHE A 31 2.21 14.91 4.82
N TYR A 32 3.18 14.78 5.71
CA TYR A 32 4.49 15.41 5.53
C TYR A 32 4.99 15.21 4.09
N PRO A 33 6.18 15.75 3.80
CA PRO A 33 6.79 15.64 2.48
C PRO A 33 7.25 14.23 2.16
N LYS A 34 8.05 14.09 1.11
CA LYS A 34 8.56 12.79 0.71
C LYS A 34 9.10 12.02 1.90
N ASP A 35 9.67 12.74 2.86
CA ASP A 35 10.23 12.12 4.06
C ASP A 35 9.23 11.15 4.68
N ILE A 36 9.37 9.87 4.34
CA ILE A 36 8.48 8.84 4.85
C ILE A 36 8.87 7.46 4.33
N ASN A 37 8.70 6.45 5.18
CA ASN A 37 9.04 5.08 4.79
C ASN A 37 7.79 4.20 4.77
N VAL A 38 7.73 3.30 3.80
CA VAL A 38 6.59 2.40 3.65
C VAL A 38 7.04 0.94 3.59
N LYS A 39 6.24 0.06 4.17
CA LYS A 39 6.56 -1.36 4.18
C LYS A 39 5.30 -2.20 4.00
N TRP A 40 5.47 -3.44 3.55
CA TRP A 40 4.35 -4.35 3.35
C TRP A 40 4.54 -5.64 4.12
N LYS A 41 3.44 -6.25 4.56
CA LYS A 41 3.50 -7.49 5.30
C LYS A 41 2.38 -8.43 4.87
N ILE A 42 2.69 -9.72 4.80
CA ILE A 42 1.70 -10.73 4.40
C ILE A 42 1.33 -11.63 5.57
N ASP A 43 0.11 -11.47 6.08
CA ASP A 43 -0.36 -12.27 7.21
C ASP A 43 0.50 -12.04 8.45
N GLY A 44 1.10 -10.85 8.53
CA GLY A 44 1.94 -10.53 9.67
C GLY A 44 3.40 -10.86 9.43
N SER A 45 3.74 -11.17 8.18
CA SER A 45 5.11 -11.52 7.82
C SER A 45 5.62 -10.62 6.71
N GLU A 46 6.61 -9.79 7.03
CA GLU A 46 7.19 -8.87 6.06
C GLU A 46 7.64 -9.62 4.80
N ARG A 47 7.27 -9.10 3.65
CA ARG A 47 7.64 -9.73 2.38
C ARG A 47 9.09 -9.41 2.02
N GLN A 48 9.65 -10.19 1.10
CA GLN A 48 11.02 -9.99 0.66
C GLN A 48 11.22 -8.61 0.07
N ASN A 49 12.46 -8.15 0.05
CA ASN A 49 12.79 -6.83 -0.49
C ASN A 49 12.50 -6.78 -2.00
N GLY A 50 12.14 -5.60 -2.48
CA GLY A 50 11.85 -5.42 -3.88
C GLY A 50 10.46 -4.84 -4.12
N VAL A 51 10.03 -3.98 -3.21
CA VAL A 51 8.71 -3.35 -3.33
C VAL A 51 8.73 -2.24 -4.37
N LEU A 52 7.65 -2.11 -5.12
CA LEU A 52 7.52 -1.09 -6.14
C LEU A 52 7.03 0.23 -5.56
N ASN A 53 7.77 1.30 -5.80
CA ASN A 53 7.41 2.62 -5.29
C ASN A 53 7.53 3.68 -6.38
N SER A 54 6.82 4.79 -6.20
CA SER A 54 6.85 5.88 -7.18
C SER A 54 7.95 6.87 -6.84
N TRP A 55 8.05 7.94 -7.63
CA TRP A 55 9.06 8.97 -7.42
C TRP A 55 8.48 10.16 -6.70
N THR A 56 9.35 11.05 -6.23
CA THR A 56 8.91 12.25 -5.51
C THR A 56 8.14 13.18 -6.43
N ASP A 57 6.82 12.97 -6.51
CA ASP A 57 5.96 13.80 -7.35
C ASP A 57 5.41 14.98 -6.57
N GLN A 58 5.89 15.15 -5.33
CA GLN A 58 5.44 16.23 -4.48
C GLN A 58 5.68 17.59 -5.16
N ASP A 59 4.64 18.40 -5.21
CA ASP A 59 4.73 19.72 -5.83
C ASP A 59 4.59 20.83 -4.79
N SER A 60 4.57 22.07 -5.25
CA SER A 60 4.44 23.22 -4.35
C SER A 60 2.99 23.63 -4.21
N LYS A 61 2.22 23.47 -5.29
CA LYS A 61 0.81 23.82 -5.28
C LYS A 61 0.05 23.06 -4.19
N ASP A 62 0.48 21.82 -3.95
CA ASP A 62 -0.15 20.99 -2.93
C ASP A 62 0.60 21.08 -1.60
N SER A 63 1.88 21.41 -1.68
CA SER A 63 2.72 21.54 -0.50
C SER A 63 2.61 20.28 0.37
N THR A 64 2.49 19.13 -0.28
CA THR A 64 2.37 17.86 0.43
C THR A 64 2.68 16.69 -0.50
N TYR A 65 3.03 15.55 0.08
CA TYR A 65 3.34 14.35 -0.68
C TYR A 65 2.42 13.20 -0.30
N SER A 66 2.15 12.31 -1.25
CA SER A 66 1.28 11.16 -1.01
C SER A 66 1.13 10.33 -2.27
N MET A 67 1.94 9.28 -2.39
CA MET A 67 1.88 8.40 -3.54
C MET A 67 1.46 7.00 -3.15
N SER A 68 1.13 6.17 -4.14
CA SER A 68 0.70 4.80 -3.88
C SER A 68 1.89 3.84 -3.93
N SER A 69 1.84 2.82 -3.07
CA SER A 69 2.91 1.83 -3.01
C SER A 69 2.45 0.49 -3.58
N THR A 70 3.10 0.06 -4.65
CA THR A 70 2.76 -1.20 -5.29
C THR A 70 3.71 -2.31 -4.86
N LEU A 71 3.15 -3.49 -4.61
CA LEU A 71 3.96 -4.64 -4.19
C LEU A 71 4.24 -5.57 -5.36
N THR A 72 5.52 -5.74 -5.67
CA THR A 72 5.93 -6.60 -6.78
C THR A 72 5.53 -8.05 -6.52
N LEU A 73 4.44 -8.47 -7.16
CA LEU A 73 3.95 -9.83 -7.00
C LEU A 73 3.23 -10.30 -8.27
N THR A 74 3.36 -11.59 -8.58
CA THR A 74 2.73 -12.16 -9.76
C THR A 74 1.24 -12.39 -9.53
N LYS A 75 0.52 -12.70 -10.60
CA LYS A 75 -0.92 -12.95 -10.51
C LYS A 75 -1.21 -14.21 -9.71
N ASP A 76 -0.67 -15.33 -10.17
CA ASP A 76 -0.87 -16.61 -9.49
C ASP A 76 -0.37 -16.54 -8.06
N GLU A 77 0.48 -15.56 -7.77
CA GLU A 77 1.02 -15.38 -6.44
C GLU A 77 0.02 -14.71 -5.51
N TYR A 78 -1.09 -14.25 -6.09
CA TYR A 78 -2.13 -13.58 -5.31
C TYR A 78 -2.96 -14.60 -4.54
N GLU A 79 -2.75 -15.88 -4.83
CA GLU A 79 -3.49 -16.94 -4.16
C GLU A 79 -2.76 -17.41 -2.91
N ARG A 80 -1.50 -16.98 -2.77
CA ARG A 80 -0.68 -17.36 -1.63
C ARG A 80 -0.86 -16.36 -0.49
N HIS A 81 -1.26 -15.14 -0.84
CA HIS A 81 -1.46 -14.09 0.15
C HIS A 81 -2.91 -13.61 0.15
N ASN A 82 -3.58 -13.74 1.29
CA ASN A 82 -4.97 -13.33 1.42
C ASN A 82 -5.09 -12.08 2.29
N SER A 83 -4.20 -11.96 3.27
CA SER A 83 -4.20 -10.83 4.17
C SER A 83 -3.03 -9.89 3.87
N TYR A 84 -3.36 -8.70 3.39
CA TYR A 84 -2.35 -7.70 3.07
C TYR A 84 -2.16 -6.70 4.20
N THR A 85 -1.00 -6.06 4.26
CA THR A 85 -0.70 -5.09 5.29
C THR A 85 0.18 -3.97 4.75
N CYS A 86 -0.24 -2.72 4.98
CA CYS A 86 0.50 -1.57 4.52
C CYS A 86 1.00 -0.73 5.69
N GLU A 87 2.31 -0.79 5.94
CA GLU A 87 2.91 -0.05 7.04
C GLU A 87 3.53 1.25 6.54
N ALA A 88 3.38 2.32 7.31
CA ALA A 88 3.93 3.62 6.95
C ALA A 88 4.52 4.32 8.16
N THR A 89 5.68 4.94 7.96
CA THR A 89 6.35 5.65 9.06
C THR A 89 6.87 7.00 8.58
N HIS A 90 6.40 8.07 9.22
CA HIS A 90 6.80 9.42 8.86
C HIS A 90 7.36 10.16 10.08
N LYS A 91 7.67 11.43 9.90
CA LYS A 91 8.20 12.25 11.00
C LYS A 91 7.09 12.66 11.96
N THR A 92 5.93 13.00 11.42
CA THR A 92 4.80 13.41 12.22
C THR A 92 4.39 12.30 13.20
N SER A 93 4.68 11.06 12.83
CA SER A 93 4.36 9.92 13.66
C SER A 93 5.43 8.84 13.58
N THR A 94 6.18 8.69 14.67
CA THR A 94 7.26 7.69 14.72
C THR A 94 6.70 6.28 14.62
N SER A 95 5.52 6.06 15.19
CA SER A 95 4.88 4.75 15.17
C SER A 95 4.45 4.38 13.76
N PRO A 96 4.91 3.21 13.29
CA PRO A 96 4.59 2.71 11.95
C PRO A 96 3.13 2.30 11.82
N ILE A 97 2.36 3.09 11.08
CA ILE A 97 0.94 2.80 10.87
C ILE A 97 0.75 1.64 9.90
N VAL A 98 0.36 0.49 10.44
CA VAL A 98 0.13 -0.69 9.63
C VAL A 98 -1.35 -1.04 9.55
N LYS A 99 -1.87 -1.16 8.33
CA LYS A 99 -3.27 -1.49 8.12
C LYS A 99 -3.41 -2.83 7.42
N SER A 100 -4.02 -3.79 8.11
CA SER A 100 -4.22 -5.13 7.55
C SER A 100 -5.71 -5.44 7.41
N PHE A 101 -6.03 -6.31 6.45
CA PHE A 101 -7.42 -6.69 6.22
C PHE A 101 -7.49 -7.99 5.43
N ASN A 102 -8.56 -8.76 5.66
CA ASN A 102 -8.75 -10.03 4.98
C ASN A 102 -9.58 -9.86 3.71
N ARG A 103 -8.96 -10.07 2.56
CA ARG A 103 -9.64 -9.94 1.29
C ARG A 103 -10.46 -11.18 0.97
N ASN A 104 -10.00 -12.33 1.45
CA ASN A 104 -10.70 -13.59 1.23
C ASN A 104 -12.10 -13.56 1.85
N GLU A 105 -12.22 -12.88 2.98
CA GLU A 105 -13.49 -12.77 3.68
C GLU A 105 -14.22 -11.49 3.28
N SER A 106 -13.54 -10.35 3.44
CA SER A 106 -14.13 -9.06 3.10
C SER A 106 -14.46 -8.98 1.61
N GLU A 107 -13.46 -9.25 0.78
CA GLU A 107 -13.64 -9.21 -0.67
C GLU A 107 -14.62 -8.11 -1.06
N ASN A 108 -14.13 -6.87 -1.08
CA ASN A 108 -14.96 -5.73 -1.44
C ASN A 108 -15.14 -5.64 -2.96
N LEU A 109 -14.10 -6.01 -3.70
CA LEU A 109 -14.15 -5.97 -5.15
C LEU A 109 -15.27 -6.86 -5.68
N TYR A 110 -15.35 -6.98 -7.01
CA TYR A 110 -16.37 -7.80 -7.64
C TYR A 110 -16.46 -9.18 -6.99
N PHE A 111 -17.66 -9.76 -6.98
CA PHE A 111 -17.87 -11.07 -6.38
C PHE A 111 -18.83 -11.90 -7.23
N GLN A 112 -18.35 -13.04 -7.71
CA GLN A 112 -19.15 -13.92 -8.54
C GLN A 112 -19.73 -15.07 -7.71
N ALA A 1 4.15 21.42 6.48
CA ALA A 1 3.78 21.35 7.89
C ALA A 1 3.64 19.91 8.35
N ASP A 2 4.01 19.66 9.61
CA ASP A 2 3.92 18.32 10.17
C ASP A 2 2.50 17.76 10.06
N ALA A 3 2.36 16.68 9.32
CA ALA A 3 1.05 16.05 9.13
C ALA A 3 1.19 14.55 8.90
N ALA A 4 0.32 13.77 9.54
CA ALA A 4 0.35 12.32 9.39
C ALA A 4 -0.70 11.85 8.40
N PRO A 5 -0.33 10.85 7.58
CA PRO A 5 -1.23 10.29 6.57
C PRO A 5 -2.38 9.49 7.18
N THR A 6 -3.10 8.77 6.35
CA THR A 6 -4.22 7.95 6.80
C THR A 6 -3.93 6.47 6.66
N VAL A 7 -4.84 5.63 7.15
CA VAL A 7 -4.67 4.18 7.07
C VAL A 7 -5.62 3.57 6.05
N SER A 8 -5.11 3.31 4.86
CA SER A 8 -5.91 2.72 3.79
C SER A 8 -5.23 1.50 3.19
N ILE A 9 -6.03 0.57 2.67
CA ILE A 9 -5.50 -0.64 2.08
C ILE A 9 -6.36 -1.09 0.90
N PHE A 10 -5.72 -1.31 -0.24
CA PHE A 10 -6.42 -1.74 -1.44
C PHE A 10 -5.62 -2.81 -2.18
N PRO A 11 -6.01 -4.08 -1.99
CA PRO A 11 -5.34 -5.22 -2.63
C PRO A 11 -5.60 -5.26 -4.14
N PRO A 12 -4.88 -6.16 -4.83
CA PRO A 12 -5.01 -6.33 -6.28
C PRO A 12 -6.34 -6.95 -6.67
N SER A 13 -7.07 -6.29 -7.56
CA SER A 13 -8.36 -6.77 -8.03
C SER A 13 -8.20 -7.62 -9.28
N SER A 14 -9.32 -8.16 -9.77
CA SER A 14 -9.31 -8.99 -10.96
C SER A 14 -9.04 -8.16 -12.21
N GLU A 15 -9.32 -6.86 -12.12
CA GLU A 15 -9.10 -5.95 -13.24
C GLU A 15 -7.69 -6.09 -13.78
N GLN A 16 -6.71 -5.96 -12.90
CA GLN A 16 -5.30 -6.06 -13.30
C GLN A 16 -4.92 -7.51 -13.57
N LEU A 17 -5.60 -8.43 -12.89
CA LEU A 17 -5.34 -9.86 -13.06
C LEU A 17 -5.48 -10.27 -14.53
N THR A 18 -6.36 -9.58 -15.25
CA THR A 18 -6.58 -9.87 -16.66
C THR A 18 -5.27 -9.84 -17.44
N SER A 19 -4.33 -9.03 -16.98
CA SER A 19 -3.03 -8.91 -17.64
C SER A 19 -2.02 -9.86 -17.03
N GLY A 20 -2.33 -10.36 -15.83
CA GLY A 20 -1.44 -11.29 -15.16
C GLY A 20 -0.68 -10.64 -14.03
N GLY A 21 -1.04 -9.40 -13.71
CA GLY A 21 -0.37 -8.68 -12.64
C GLY A 21 -1.26 -8.51 -11.42
N ALA A 22 -0.63 -8.35 -10.26
CA ALA A 22 -1.38 -8.17 -9.01
C ALA A 22 -0.50 -7.54 -7.93
N SER A 23 -0.76 -6.28 -7.63
CA SER A 23 0.01 -5.56 -6.62
C SER A 23 -0.91 -4.70 -5.75
N VAL A 24 -0.67 -4.73 -4.45
CA VAL A 24 -1.47 -3.95 -3.50
C VAL A 24 -1.00 -2.50 -3.45
N VAL A 25 -1.95 -1.58 -3.39
CA VAL A 25 -1.64 -0.16 -3.34
C VAL A 25 -2.17 0.48 -2.06
N CYS A 26 -1.35 1.31 -1.44
CA CYS A 26 -1.73 1.98 -0.19
C CYS A 26 -2.14 3.43 -0.47
N PHE A 27 -2.83 4.03 0.50
CA PHE A 27 -3.28 5.41 0.37
C PHE A 27 -2.73 6.27 1.49
N LEU A 28 -2.28 7.48 1.14
CA LEU A 28 -1.73 8.41 2.12
C LEU A 28 -2.43 9.75 2.06
N ASN A 29 -2.64 10.35 3.22
CA ASN A 29 -3.31 11.65 3.30
C ASN A 29 -2.30 12.77 3.56
N ASN A 30 -2.62 13.97 3.08
CA ASN A 30 -1.74 15.12 3.25
C ASN A 30 -0.84 14.93 4.47
N PHE A 31 0.44 14.64 4.21
CA PHE A 31 1.40 14.43 5.29
C PHE A 31 2.73 15.11 4.96
N TYR A 32 3.71 14.94 5.85
CA TYR A 32 5.02 15.53 5.65
C TYR A 32 5.49 15.35 4.22
N PRO A 33 6.70 15.86 3.91
CA PRO A 33 7.29 15.77 2.58
C PRO A 33 7.71 14.34 2.23
N LYS A 34 8.50 14.20 1.16
CA LYS A 34 8.96 12.89 0.73
C LYS A 34 9.49 12.09 1.91
N ASP A 35 10.14 12.77 2.86
CA ASP A 35 10.68 12.10 4.04
C ASP A 35 9.66 11.16 4.66
N ILE A 36 9.77 9.88 4.32
CA ILE A 36 8.85 8.88 4.84
C ILE A 36 9.21 7.49 4.33
N ASN A 37 8.97 6.47 5.16
CA ASN A 37 9.27 5.09 4.79
C ASN A 37 8.00 4.26 4.72
N VAL A 38 7.94 3.34 3.77
CA VAL A 38 6.78 2.47 3.62
C VAL A 38 7.19 1.00 3.52
N LYS A 39 6.37 0.14 4.08
CA LYS A 39 6.65 -1.30 4.05
C LYS A 39 5.37 -2.10 3.88
N TRP A 40 5.50 -3.34 3.42
CA TRP A 40 4.34 -4.21 3.21
C TRP A 40 4.51 -5.53 3.96
N LYS A 41 3.41 -6.08 4.43
CA LYS A 41 3.43 -7.33 5.17
C LYS A 41 2.26 -8.22 4.77
N ILE A 42 2.49 -9.53 4.74
CA ILE A 42 1.46 -10.49 4.37
C ILE A 42 1.06 -11.36 5.57
N ASP A 43 -0.13 -11.11 6.09
CA ASP A 43 -0.63 -11.87 7.23
C ASP A 43 0.27 -11.69 8.44
N GLY A 44 0.95 -10.54 8.50
CA GLY A 44 1.83 -10.26 9.61
C GLY A 44 3.27 -10.70 9.33
N SER A 45 3.55 -11.02 8.08
CA SER A 45 4.88 -11.45 7.68
C SER A 45 5.47 -10.53 6.61
N GLU A 46 6.53 -9.81 6.96
CA GLU A 46 7.17 -8.90 6.03
C GLU A 46 7.62 -9.63 4.77
N ARG A 47 7.19 -9.14 3.62
CA ARG A 47 7.55 -9.75 2.34
C ARG A 47 8.99 -9.45 1.98
N GLN A 48 9.58 -10.29 1.13
CA GLN A 48 10.96 -10.11 0.70
C GLN A 48 11.20 -8.69 0.21
N ASN A 49 12.28 -8.08 0.67
CA ASN A 49 12.62 -6.71 0.27
C ASN A 49 12.63 -6.59 -1.24
N GLY A 50 11.97 -5.55 -1.75
CA GLY A 50 11.92 -5.34 -3.18
C GLY A 50 10.53 -4.91 -3.66
N VAL A 51 9.95 -3.94 -2.95
CA VAL A 51 8.62 -3.44 -3.31
C VAL A 51 8.71 -2.28 -4.29
N LEU A 52 7.76 -2.22 -5.22
CA LEU A 52 7.73 -1.15 -6.22
C LEU A 52 7.21 0.14 -5.61
N ASN A 53 7.89 1.25 -5.93
CA ASN A 53 7.51 2.55 -5.42
C ASN A 53 7.50 3.59 -6.54
N SER A 54 6.74 4.67 -6.33
CA SER A 54 6.64 5.73 -7.33
C SER A 54 7.72 6.79 -7.09
N TRP A 55 7.67 7.85 -7.89
CA TRP A 55 8.65 8.93 -7.77
C TRP A 55 8.07 10.10 -6.96
N THR A 56 8.95 10.98 -6.51
CA THR A 56 8.54 12.14 -5.73
C THR A 56 7.52 12.99 -6.48
N ASP A 57 6.25 12.78 -6.18
CA ASP A 57 5.18 13.53 -6.84
C ASP A 57 4.84 14.80 -6.06
N GLN A 58 5.65 15.08 -5.04
CA GLN A 58 5.43 16.27 -4.21
C GLN A 58 5.31 17.52 -5.07
N ASP A 59 4.36 18.37 -4.74
CA ASP A 59 4.14 19.61 -5.49
C ASP A 59 4.01 20.79 -4.55
N SER A 60 4.00 22.00 -5.11
CA SER A 60 3.88 23.22 -4.32
C SER A 60 2.42 23.65 -4.19
N LYS A 61 1.64 23.40 -5.24
CA LYS A 61 0.23 23.76 -5.23
C LYS A 61 -0.50 23.09 -4.07
N ASP A 62 -0.08 21.88 -3.73
CA ASP A 62 -0.70 21.14 -2.63
C ASP A 62 0.07 21.36 -1.33
N SER A 63 1.34 21.70 -1.45
CA SER A 63 2.19 21.93 -0.28
C SER A 63 2.30 20.68 0.57
N THR A 64 2.31 19.53 -0.09
CA THR A 64 2.41 18.24 0.61
C THR A 64 2.87 17.14 -0.33
N TYR A 65 3.05 15.94 0.21
CA TYR A 65 3.49 14.80 -0.59
C TYR A 65 2.76 13.53 -0.16
N SER A 66 2.52 12.64 -1.12
CA SER A 66 1.83 11.39 -0.86
C SER A 66 1.67 10.56 -2.13
N MET A 67 2.44 9.48 -2.22
CA MET A 67 2.38 8.61 -3.39
C MET A 67 1.88 7.22 -3.01
N SER A 68 1.55 6.42 -4.02
CA SER A 68 1.05 5.07 -3.79
C SER A 68 2.19 4.06 -3.82
N SER A 69 2.07 3.02 -2.99
CA SER A 69 3.10 1.98 -2.91
C SER A 69 2.58 0.68 -3.50
N THR A 70 3.18 0.25 -4.61
CA THR A 70 2.78 -0.98 -5.27
C THR A 70 3.70 -2.14 -4.87
N LEU A 71 3.10 -3.20 -4.33
CA LEU A 71 3.86 -4.37 -3.90
C LEU A 71 4.12 -5.31 -5.08
N THR A 72 5.40 -5.55 -5.37
CA THR A 72 5.78 -6.43 -6.45
C THR A 72 5.29 -7.86 -6.22
N LEU A 73 4.24 -8.24 -6.93
CA LEU A 73 3.67 -9.58 -6.80
C LEU A 73 2.98 -10.01 -8.09
N THR A 74 3.08 -11.29 -8.41
CA THR A 74 2.47 -11.83 -9.62
C THR A 74 0.97 -12.06 -9.42
N LYS A 75 0.27 -12.31 -10.52
CA LYS A 75 -1.17 -12.56 -10.47
C LYS A 75 -1.47 -13.83 -9.68
N ASP A 76 -0.94 -14.95 -10.15
CA ASP A 76 -1.14 -16.24 -9.50
C ASP A 76 -0.66 -16.20 -8.06
N GLU A 77 0.18 -15.21 -7.74
CA GLU A 77 0.72 -15.07 -6.39
C GLU A 77 -0.30 -14.41 -5.47
N TYR A 78 -1.40 -13.94 -6.05
CA TYR A 78 -2.45 -13.28 -5.28
C TYR A 78 -3.30 -14.30 -4.53
N GLU A 79 -3.09 -15.58 -4.85
CA GLU A 79 -3.83 -16.66 -4.21
C GLU A 79 -3.10 -17.15 -2.96
N ARG A 80 -1.85 -16.74 -2.81
CA ARG A 80 -1.04 -17.15 -1.67
C ARG A 80 -1.23 -16.18 -0.51
N HIS A 81 -1.63 -14.96 -0.82
CA HIS A 81 -1.86 -13.93 0.19
C HIS A 81 -3.31 -13.48 0.20
N ASN A 82 -3.88 -13.39 1.40
CA ASN A 82 -5.27 -12.96 1.54
C ASN A 82 -5.37 -11.70 2.39
N SER A 83 -4.46 -11.56 3.34
CA SER A 83 -4.44 -10.41 4.23
C SER A 83 -3.24 -9.52 3.93
N TYR A 84 -3.50 -8.32 3.43
CA TYR A 84 -2.45 -7.37 3.10
C TYR A 84 -2.21 -6.40 4.25
N THR A 85 -1.02 -5.80 4.29
CA THR A 85 -0.68 -4.85 5.32
C THR A 85 0.22 -3.74 4.79
N CYS A 86 -0.17 -2.50 5.02
CA CYS A 86 0.60 -1.35 4.56
C CYS A 86 1.15 -0.55 5.74
N GLU A 87 2.46 -0.65 5.95
CA GLU A 87 3.11 0.06 7.05
C GLU A 87 3.76 1.34 6.55
N ALA A 88 3.63 2.41 7.33
CA ALA A 88 4.20 3.70 6.96
C ALA A 88 4.82 4.38 8.18
N THR A 89 5.99 4.98 7.98
CA THR A 89 6.69 5.67 9.06
C THR A 89 7.23 7.01 8.60
N HIS A 90 6.78 8.08 9.25
CA HIS A 90 7.22 9.44 8.90
C HIS A 90 7.81 10.14 10.11
N LYS A 91 8.16 11.41 9.95
CA LYS A 91 8.74 12.20 11.03
C LYS A 91 7.66 12.64 12.02
N THR A 92 6.49 13.00 11.51
CA THR A 92 5.39 13.44 12.34
C THR A 92 4.97 12.35 13.31
N SER A 93 5.22 11.09 12.93
CA SER A 93 4.87 9.95 13.76
C SER A 93 5.91 8.84 13.64
N THR A 94 6.68 8.65 14.70
CA THR A 94 7.73 7.63 14.71
C THR A 94 7.11 6.23 14.61
N SER A 95 5.95 6.06 15.20
CA SER A 95 5.26 4.77 15.19
C SER A 95 4.81 4.41 13.78
N PRO A 96 5.23 3.24 13.30
CA PRO A 96 4.88 2.75 11.96
C PRO A 96 3.41 2.38 11.84
N ILE A 97 2.66 3.19 11.11
CA ILE A 97 1.23 2.96 10.91
C ILE A 97 1.00 1.80 9.93
N VAL A 98 0.58 0.66 10.48
CA VAL A 98 0.31 -0.52 9.65
C VAL A 98 -1.18 -0.83 9.60
N LYS A 99 -1.72 -0.92 8.39
CA LYS A 99 -3.12 -1.20 8.19
C LYS A 99 -3.32 -2.54 7.48
N SER A 100 -3.94 -3.50 8.16
CA SER A 100 -4.18 -4.81 7.59
C SER A 100 -5.68 -5.09 7.49
N PHE A 101 -6.05 -5.92 6.51
CA PHE A 101 -7.45 -6.27 6.30
C PHE A 101 -7.57 -7.56 5.49
N ASN A 102 -8.69 -8.24 5.64
CA ASN A 102 -8.94 -9.48 4.91
C ASN A 102 -9.72 -9.22 3.63
N ARG A 103 -9.04 -9.35 2.50
CA ARG A 103 -9.65 -9.12 1.20
C ARG A 103 -10.45 -10.35 0.76
N ASN A 104 -9.99 -11.53 1.16
CA ASN A 104 -10.65 -12.77 0.81
C ASN A 104 -12.11 -12.75 1.25
N GLU A 105 -12.38 -12.13 2.40
CA GLU A 105 -13.73 -12.04 2.93
C GLU A 105 -14.37 -10.71 2.56
N SER A 106 -13.67 -9.62 2.86
CA SER A 106 -14.18 -8.28 2.57
C SER A 106 -14.29 -8.06 1.06
N GLU A 107 -13.15 -7.96 0.40
CA GLU A 107 -13.12 -7.75 -1.05
C GLU A 107 -13.72 -8.95 -1.79
N ASN A 108 -14.97 -8.81 -2.22
CA ASN A 108 -15.65 -9.88 -2.93
C ASN A 108 -14.98 -10.15 -4.27
N LEU A 109 -15.22 -9.27 -5.24
CA LEU A 109 -14.64 -9.42 -6.57
C LEU A 109 -14.76 -10.85 -7.06
N TYR A 110 -15.85 -11.51 -6.70
CA TYR A 110 -16.08 -12.89 -7.10
C TYR A 110 -17.55 -13.15 -7.37
N PHE A 111 -17.84 -14.12 -8.24
CA PHE A 111 -19.21 -14.46 -8.58
C PHE A 111 -19.32 -15.93 -8.99
N GLN A 112 -20.53 -16.34 -9.34
CA GLN A 112 -20.77 -17.72 -9.74
C GLN A 112 -19.91 -18.09 -10.96
N ALA A 1 4.01 21.32 6.48
CA ALA A 1 3.63 21.25 7.89
C ALA A 1 3.49 19.81 8.35
N ASP A 2 3.90 19.54 9.59
CA ASP A 2 3.83 18.21 10.16
C ASP A 2 2.40 17.65 10.05
N ALA A 3 2.26 16.57 9.29
CA ALA A 3 0.95 15.94 9.11
C ALA A 3 1.11 14.43 8.89
N ALA A 4 0.23 13.65 9.52
CA ALA A 4 0.26 12.20 9.38
C ALA A 4 -0.79 11.73 8.39
N PRO A 5 -0.42 10.72 7.57
CA PRO A 5 -1.30 10.15 6.56
C PRO A 5 -2.45 9.36 7.17
N THR A 6 -3.19 8.65 6.34
CA THR A 6 -4.32 7.85 6.80
C THR A 6 -4.02 6.36 6.67
N VAL A 7 -4.94 5.52 7.16
CA VAL A 7 -4.78 4.08 7.11
C VAL A 7 -5.75 3.46 6.11
N SER A 8 -5.26 3.18 4.91
CA SER A 8 -6.08 2.58 3.87
C SER A 8 -5.40 1.36 3.26
N ILE A 9 -6.20 0.42 2.76
CA ILE A 9 -5.69 -0.79 2.15
C ILE A 9 -6.56 -1.25 1.00
N PHE A 10 -5.95 -1.45 -0.16
CA PHE A 10 -6.67 -1.90 -1.35
C PHE A 10 -5.87 -2.94 -2.12
N PRO A 11 -6.25 -4.22 -1.94
CA PRO A 11 -5.58 -5.34 -2.61
C PRO A 11 -5.84 -5.36 -4.11
N PRO A 12 -5.12 -6.23 -4.84
CA PRO A 12 -5.27 -6.38 -6.29
C PRO A 12 -6.60 -7.00 -6.68
N SER A 13 -7.34 -6.32 -7.55
CA SER A 13 -8.63 -6.81 -8.01
C SER A 13 -8.48 -7.66 -9.26
N SER A 14 -9.59 -8.20 -9.75
CA SER A 14 -9.58 -9.04 -10.94
C SER A 14 -9.33 -8.21 -12.18
N GLU A 15 -9.62 -6.91 -12.09
CA GLU A 15 -9.42 -6.00 -13.21
C GLU A 15 -8.01 -6.14 -13.78
N GLN A 16 -7.01 -6.02 -12.91
CA GLN A 16 -5.62 -6.13 -13.32
C GLN A 16 -5.24 -7.58 -13.60
N LEU A 17 -5.92 -8.50 -12.91
CA LEU A 17 -5.66 -9.93 -13.07
C LEU A 17 -5.81 -10.34 -14.53
N THR A 18 -6.70 -9.66 -15.25
CA THR A 18 -6.93 -9.95 -16.66
C THR A 18 -5.64 -9.91 -17.46
N SER A 19 -4.71 -9.07 -17.02
CA SER A 19 -3.42 -8.93 -17.70
C SER A 19 -2.38 -9.89 -17.10
N GLY A 20 -2.67 -10.39 -15.91
CA GLY A 20 -1.77 -11.32 -15.25
C GLY A 20 -1.00 -10.65 -14.12
N GLY A 21 -1.36 -9.41 -13.80
CA GLY A 21 -0.69 -8.70 -12.73
C GLY A 21 -1.56 -8.54 -11.50
N ALA A 22 -0.92 -8.36 -10.34
CA ALA A 22 -1.65 -8.21 -9.09
C ALA A 22 -0.75 -7.59 -8.02
N SER A 23 -1.01 -6.34 -7.67
CA SER A 23 -0.22 -5.64 -6.67
C SER A 23 -1.13 -4.80 -5.76
N VAL A 24 -0.84 -4.84 -4.46
CA VAL A 24 -1.62 -4.08 -3.48
C VAL A 24 -1.19 -2.62 -3.45
N VAL A 25 -2.17 -1.73 -3.35
CA VAL A 25 -1.89 -0.30 -3.30
C VAL A 25 -2.40 0.32 -2.01
N CYS A 26 -1.60 1.20 -1.43
CA CYS A 26 -1.97 1.87 -0.18
C CYS A 26 -2.39 3.31 -0.44
N PHE A 27 -3.08 3.90 0.54
CA PHE A 27 -3.53 5.28 0.42
C PHE A 27 -2.97 6.14 1.53
N LEU A 28 -2.56 7.36 1.19
CA LEU A 28 -1.99 8.28 2.16
C LEU A 28 -2.71 9.62 2.14
N ASN A 29 -2.79 10.28 3.28
CA ASN A 29 -3.46 11.57 3.39
C ASN A 29 -2.45 12.68 3.64
N ASN A 30 -2.76 13.88 3.15
CA ASN A 30 -1.89 15.03 3.32
C ASN A 30 -0.97 14.84 4.52
N PHE A 31 0.31 14.54 4.25
CA PHE A 31 1.28 14.33 5.31
C PHE A 31 2.61 15.00 4.96
N TYR A 32 3.60 14.83 5.84
CA TYR A 32 4.91 15.42 5.63
C TYR A 32 5.37 15.22 4.18
N PRO A 33 6.58 15.73 3.87
CA PRO A 33 7.16 15.62 2.53
C PRO A 33 7.57 14.19 2.20
N LYS A 34 8.34 14.04 1.13
CA LYS A 34 8.82 12.72 0.70
C LYS A 34 9.36 11.93 1.89
N ASP A 35 9.97 12.63 2.84
CA ASP A 35 10.53 11.99 4.02
C ASP A 35 9.51 11.03 4.65
N ILE A 36 9.62 9.75 4.29
CA ILE A 36 8.71 8.74 4.82
C ILE A 36 9.06 7.36 4.26
N ASN A 37 8.88 6.34 5.10
CA ASN A 37 9.17 4.97 4.70
C ASN A 37 7.90 4.13 4.68
N VAL A 38 7.79 3.24 3.69
CA VAL A 38 6.62 2.37 3.56
C VAL A 38 7.04 0.92 3.46
N LYS A 39 6.23 0.03 4.04
CA LYS A 39 6.50 -1.39 4.01
C LYS A 39 5.22 -2.20 3.85
N TRP A 40 5.35 -3.43 3.37
CA TRP A 40 4.19 -4.30 3.17
C TRP A 40 4.37 -5.62 3.93
N LYS A 41 3.26 -6.16 4.41
CA LYS A 41 3.29 -7.42 5.15
C LYS A 41 2.11 -8.31 4.75
N ILE A 42 2.36 -9.61 4.70
CA ILE A 42 1.33 -10.57 4.33
C ILE A 42 1.00 -11.50 5.50
N ASP A 43 -0.16 -11.31 6.10
CA ASP A 43 -0.60 -12.13 7.22
C ASP A 43 0.35 -11.97 8.41
N GLY A 44 1.00 -10.81 8.48
CA GLY A 44 1.92 -10.55 9.58
C GLY A 44 3.35 -10.92 9.23
N SER A 45 3.60 -11.18 7.95
CA SER A 45 4.93 -11.56 7.49
C SER A 45 5.42 -10.61 6.41
N GLU A 46 6.47 -9.85 6.73
CA GLU A 46 7.03 -8.89 5.79
C GLU A 46 7.46 -9.59 4.50
N ARG A 47 7.07 -9.00 3.36
CA ARG A 47 7.41 -9.56 2.06
C ARG A 47 8.89 -9.32 1.73
N GLN A 48 9.43 -10.13 0.83
CA GLN A 48 10.82 -10.00 0.42
C GLN A 48 11.14 -8.57 0.01
N ASN A 49 12.25 -8.05 0.53
CA ASN A 49 12.67 -6.68 0.22
C ASN A 49 12.71 -6.45 -1.28
N GLY A 50 11.68 -5.76 -1.79
CA GLY A 50 11.62 -5.49 -3.22
C GLY A 50 10.23 -5.07 -3.66
N VAL A 51 9.77 -3.93 -3.15
CA VAL A 51 8.44 -3.43 -3.50
C VAL A 51 8.54 -2.21 -4.43
N LEU A 52 7.66 -2.16 -5.42
CA LEU A 52 7.66 -1.05 -6.36
C LEU A 52 7.11 0.22 -5.71
N ASN A 53 7.82 1.33 -5.93
CA ASN A 53 7.41 2.61 -5.37
C ASN A 53 7.50 3.72 -6.42
N SER A 54 6.76 4.80 -6.19
CA SER A 54 6.74 5.92 -7.12
C SER A 54 7.85 6.91 -6.79
N TRP A 55 7.94 7.97 -7.58
CA TRP A 55 8.96 8.99 -7.38
C TRP A 55 8.39 10.20 -6.64
N THR A 56 9.27 11.08 -6.18
CA THR A 56 8.86 12.27 -5.44
C THR A 56 8.01 13.18 -6.33
N ASP A 57 6.70 13.00 -6.29
CA ASP A 57 5.79 13.81 -7.09
C ASP A 57 5.32 15.02 -6.30
N GLN A 58 5.90 15.22 -5.13
CA GLN A 58 5.55 16.35 -4.27
C GLN A 58 5.79 17.68 -4.99
N ASP A 59 4.88 18.62 -4.82
CA ASP A 59 5.00 19.93 -5.45
C ASP A 59 4.85 21.04 -4.42
N SER A 60 5.06 22.28 -4.86
CA SER A 60 4.96 23.43 -3.97
C SER A 60 3.52 23.89 -3.83
N LYS A 61 2.75 23.76 -4.91
CA LYS A 61 1.34 24.15 -4.90
C LYS A 61 0.57 23.39 -3.82
N ASP A 62 0.96 22.14 -3.61
CA ASP A 62 0.29 21.31 -2.60
C ASP A 62 1.06 21.34 -1.28
N SER A 63 2.36 21.61 -1.36
CA SER A 63 3.21 21.67 -0.18
C SER A 63 3.05 20.41 0.66
N THR A 64 2.88 19.28 -0.01
CA THR A 64 2.71 18.00 0.66
C THR A 64 2.98 16.84 -0.29
N TYR A 65 3.29 15.67 0.28
CA TYR A 65 3.57 14.48 -0.52
C TYR A 65 2.64 13.34 -0.13
N SER A 66 2.34 12.47 -1.10
CA SER A 66 1.46 11.34 -0.87
C SER A 66 1.29 10.52 -2.14
N MET A 67 2.06 9.44 -2.26
CA MET A 67 2.00 8.57 -3.42
C MET A 67 1.52 7.18 -3.04
N SER A 68 1.17 6.37 -4.04
CA SER A 68 0.69 5.01 -3.79
C SER A 68 1.85 4.02 -3.86
N SER A 69 1.78 2.97 -3.04
CA SER A 69 2.82 1.96 -3.01
C SER A 69 2.31 0.64 -3.58
N THR A 70 2.88 0.23 -4.71
CA THR A 70 2.49 -1.00 -5.38
C THR A 70 3.44 -2.14 -5.03
N LEU A 71 2.92 -3.17 -4.41
CA LEU A 71 3.73 -4.34 -4.04
C LEU A 71 3.95 -5.26 -5.22
N THR A 72 5.22 -5.51 -5.55
CA THR A 72 5.56 -6.38 -6.66
C THR A 72 5.08 -7.80 -6.43
N LEU A 73 4.01 -8.19 -7.12
CA LEU A 73 3.45 -9.52 -6.98
C LEU A 73 2.75 -9.96 -8.26
N THR A 74 2.85 -11.24 -8.58
CA THR A 74 2.21 -11.77 -9.79
C THR A 74 0.73 -12.04 -9.55
N LYS A 75 0.00 -12.30 -10.63
CA LYS A 75 -1.42 -12.57 -10.54
C LYS A 75 -1.70 -13.85 -9.76
N ASP A 76 -1.15 -14.96 -10.25
CA ASP A 76 -1.33 -16.25 -9.59
C ASP A 76 -0.82 -16.20 -8.15
N GLU A 77 0.02 -15.20 -7.86
CA GLU A 77 0.59 -15.05 -6.52
C GLU A 77 -0.43 -14.41 -5.58
N TYR A 78 -1.54 -13.94 -6.14
CA TYR A 78 -2.58 -13.29 -5.35
C TYR A 78 -3.41 -14.33 -4.59
N GLU A 79 -3.19 -15.60 -4.91
CA GLU A 79 -3.91 -16.69 -4.26
C GLU A 79 -3.16 -17.18 -3.04
N ARG A 80 -1.91 -16.77 -2.91
CA ARG A 80 -1.08 -17.16 -1.78
C ARG A 80 -1.26 -16.22 -0.60
N HIS A 81 -1.69 -14.99 -0.90
CA HIS A 81 -1.91 -13.98 0.14
C HIS A 81 -3.38 -13.59 0.21
N ASN A 82 -3.92 -13.52 1.42
CA ASN A 82 -5.31 -13.14 1.62
C ASN A 82 -5.43 -11.88 2.47
N SER A 83 -4.48 -11.71 3.39
CA SER A 83 -4.48 -10.56 4.27
C SER A 83 -3.30 -9.64 3.96
N TYR A 84 -3.60 -8.45 3.47
CA TYR A 84 -2.56 -7.48 3.12
C TYR A 84 -2.33 -6.50 4.26
N THR A 85 -1.15 -5.89 4.29
CA THR A 85 -0.81 -4.92 5.33
C THR A 85 0.10 -3.82 4.78
N CYS A 86 -0.30 -2.58 5.02
CA CYS A 86 0.47 -1.43 4.56
C CYS A 86 1.03 -0.64 5.73
N GLU A 87 2.34 -0.73 5.93
CA GLU A 87 3.01 -0.02 7.02
C GLU A 87 3.65 1.27 6.51
N ALA A 88 3.53 2.32 7.30
CA ALA A 88 4.10 3.62 6.94
C ALA A 88 4.74 4.30 8.15
N THR A 89 5.91 4.90 7.94
CA THR A 89 6.62 5.58 9.02
C THR A 89 7.16 6.93 8.55
N HIS A 90 6.72 7.99 9.21
CA HIS A 90 7.16 9.34 8.86
C HIS A 90 7.75 10.06 10.07
N LYS A 91 8.08 11.32 9.91
CA LYS A 91 8.66 12.11 10.98
C LYS A 91 7.59 12.54 11.98
N THR A 92 6.42 12.92 11.46
CA THR A 92 5.30 13.34 12.31
C THR A 92 4.90 12.24 13.28
N SER A 93 5.16 11.00 12.88
CA SER A 93 4.81 9.85 13.72
C SER A 93 5.86 8.75 13.60
N THR A 94 6.64 8.57 14.66
CA THR A 94 7.69 7.55 14.68
C THR A 94 7.09 6.16 14.58
N SER A 95 5.92 5.97 15.18
CA SER A 95 5.25 4.68 15.16
C SER A 95 4.79 4.32 13.75
N PRO A 96 5.20 3.14 13.27
CA PRO A 96 4.84 2.66 11.93
C PRO A 96 3.36 2.30 11.83
N ILE A 97 2.60 3.11 11.10
CA ILE A 97 1.17 2.86 10.91
C ILE A 97 0.94 1.71 9.95
N VAL A 98 0.51 0.57 10.49
CA VAL A 98 0.25 -0.61 9.67
C VAL A 98 -1.25 -0.91 9.63
N LYS A 99 -1.79 -1.00 8.42
CA LYS A 99 -3.21 -1.29 8.24
C LYS A 99 -3.41 -2.62 7.52
N SER A 100 -4.02 -3.58 8.21
CA SER A 100 -4.27 -4.90 7.65
C SER A 100 -5.76 -5.17 7.53
N PHE A 101 -6.13 -6.03 6.58
CA PHE A 101 -7.53 -6.37 6.36
C PHE A 101 -7.65 -7.67 5.58
N ASN A 102 -8.73 -8.41 5.84
CA ASN A 102 -8.97 -9.68 5.17
C ASN A 102 -9.84 -9.49 3.93
N ARG A 103 -9.26 -9.74 2.75
CA ARG A 103 -9.97 -9.59 1.50
C ARG A 103 -10.88 -10.78 1.24
N ASN A 104 -10.45 -11.95 1.71
CA ASN A 104 -11.24 -13.18 1.54
C ASN A 104 -12.68 -12.97 1.99
N GLU A 105 -12.86 -12.14 3.01
CA GLU A 105 -14.19 -11.85 3.54
C GLU A 105 -14.85 -10.71 2.78
N SER A 106 -14.04 -9.78 2.29
CA SER A 106 -14.54 -8.64 1.54
C SER A 106 -14.61 -8.95 0.05
N GLU A 107 -14.47 -10.23 -0.28
CA GLU A 107 -14.51 -10.66 -1.67
C GLU A 107 -15.71 -10.05 -2.40
N ASN A 108 -15.45 -9.06 -3.24
CA ASN A 108 -16.49 -8.38 -3.99
C ASN A 108 -16.13 -8.29 -5.46
N LEU A 109 -14.86 -8.05 -5.74
CA LEU A 109 -14.38 -7.94 -7.11
C LEU A 109 -13.91 -9.30 -7.64
N TYR A 110 -14.69 -10.33 -7.37
CA TYR A 110 -14.36 -11.67 -7.81
C TYR A 110 -15.63 -12.50 -8.01
N PHE A 111 -15.46 -13.70 -8.57
CA PHE A 111 -16.59 -14.60 -8.81
C PHE A 111 -16.30 -15.99 -8.26
N GLN A 112 -16.28 -16.11 -6.94
CA GLN A 112 -16.02 -17.39 -6.29
C GLN A 112 -16.96 -18.47 -6.82
N ALA A 1 4.23 21.34 6.29
CA ALA A 1 3.93 21.31 7.72
C ALA A 1 3.79 19.86 8.21
N ASP A 2 4.13 19.64 9.48
CA ASP A 2 4.05 18.32 10.07
C ASP A 2 2.62 17.78 9.99
N ALA A 3 2.45 16.67 9.26
CA ALA A 3 1.14 16.05 9.11
C ALA A 3 1.28 14.55 8.89
N ALA A 4 0.41 13.79 9.55
CA ALA A 4 0.43 12.33 9.42
C ALA A 4 -0.65 11.86 8.46
N PRO A 5 -0.31 10.86 7.64
CA PRO A 5 -1.22 10.29 6.65
C PRO A 5 -2.36 9.50 7.30
N THR A 6 -3.12 8.78 6.47
CA THR A 6 -4.24 7.98 6.97
C THR A 6 -3.94 6.50 6.84
N VAL A 7 -4.86 5.67 7.36
CA VAL A 7 -4.70 4.22 7.30
C VAL A 7 -5.68 3.60 6.30
N SER A 8 -5.19 3.32 5.10
CA SER A 8 -6.01 2.72 4.06
C SER A 8 -5.33 1.50 3.45
N ILE A 9 -6.13 0.54 3.00
CA ILE A 9 -5.61 -0.67 2.40
C ILE A 9 -6.51 -1.18 1.28
N PHE A 10 -5.93 -1.39 0.10
CA PHE A 10 -6.70 -1.87 -1.05
C PHE A 10 -5.91 -2.92 -1.81
N PRO A 11 -6.26 -4.19 -1.61
CA PRO A 11 -5.61 -5.32 -2.28
C PRO A 11 -5.91 -5.37 -3.78
N PRO A 12 -5.19 -6.24 -4.50
CA PRO A 12 -5.36 -6.41 -5.94
C PRO A 12 -6.70 -7.06 -6.30
N SER A 13 -7.47 -6.37 -7.15
CA SER A 13 -8.77 -6.88 -7.57
C SER A 13 -8.65 -7.73 -8.83
N SER A 14 -9.77 -8.28 -9.27
CA SER A 14 -9.79 -9.12 -10.47
C SER A 14 -9.57 -8.28 -11.73
N GLU A 15 -9.86 -6.98 -11.61
CA GLU A 15 -9.69 -6.06 -12.74
C GLU A 15 -8.30 -6.21 -13.35
N GLN A 16 -7.27 -6.10 -12.52
CA GLN A 16 -5.89 -6.21 -12.97
C GLN A 16 -5.53 -7.67 -13.25
N LEU A 17 -6.19 -8.58 -12.55
CA LEU A 17 -5.94 -10.00 -12.71
C LEU A 17 -6.12 -10.42 -14.17
N THR A 18 -7.03 -9.74 -14.86
CA THR A 18 -7.31 -10.04 -16.26
C THR A 18 -6.03 -10.01 -17.10
N SER A 19 -5.08 -9.18 -16.68
CA SER A 19 -3.81 -9.04 -17.38
C SER A 19 -2.77 -10.00 -16.82
N GLY A 20 -3.03 -10.51 -15.62
CA GLY A 20 -2.11 -11.43 -14.99
C GLY A 20 -1.32 -10.78 -13.87
N GLY A 21 -1.66 -9.54 -13.55
CA GLY A 21 -0.95 -8.82 -12.51
C GLY A 21 -1.79 -8.65 -11.25
N ALA A 22 -1.13 -8.46 -10.12
CA ALA A 22 -1.82 -8.28 -8.85
C ALA A 22 -0.91 -7.66 -7.81
N SER A 23 -1.15 -6.40 -7.47
CA SER A 23 -0.35 -5.68 -6.49
C SER A 23 -1.23 -4.84 -5.58
N VAL A 24 -0.91 -4.84 -4.29
CA VAL A 24 -1.66 -4.09 -3.31
C VAL A 24 -1.25 -2.62 -3.30
N VAL A 25 -2.22 -1.73 -3.19
CA VAL A 25 -1.95 -0.29 -3.19
C VAL A 25 -2.43 0.34 -1.88
N CYS A 26 -1.61 1.23 -1.33
CA CYS A 26 -1.94 1.91 -0.09
C CYS A 26 -2.36 3.36 -0.35
N PHE A 27 -3.01 3.97 0.64
CA PHE A 27 -3.47 5.35 0.52
C PHE A 27 -2.88 6.22 1.62
N LEU A 28 -2.47 7.43 1.27
CA LEU A 28 -1.89 8.35 2.23
C LEU A 28 -2.62 9.70 2.20
N ASN A 29 -2.70 10.34 3.37
CA ASN A 29 -3.37 11.63 3.47
C ASN A 29 -2.36 12.75 3.70
N ASN A 30 -2.69 13.95 3.24
CA ASN A 30 -1.81 15.10 3.39
C ASN A 30 -0.86 14.91 4.58
N PHE A 31 0.40 14.62 4.27
CA PHE A 31 1.40 14.40 5.31
C PHE A 31 2.73 15.07 4.94
N TYR A 32 3.72 14.92 5.79
CA TYR A 32 5.03 15.50 5.55
C TYR A 32 5.48 15.29 4.11
N PRO A 33 6.67 15.79 3.77
CA PRO A 33 7.22 15.68 2.43
C PRO A 33 7.63 14.24 2.09
N LYS A 34 8.37 14.08 1.00
CA LYS A 34 8.84 12.76 0.58
C LYS A 34 9.38 11.97 1.76
N ASP A 35 10.04 12.67 2.68
CA ASP A 35 10.61 12.03 3.85
C ASP A 35 9.60 11.09 4.51
N ILE A 36 9.69 9.81 4.17
CA ILE A 36 8.79 8.81 4.73
C ILE A 36 9.13 7.42 4.19
N ASN A 37 8.96 6.41 5.05
CA ASN A 37 9.23 5.03 4.67
C ASN A 37 7.96 4.19 4.65
N VAL A 38 7.87 3.27 3.69
CA VAL A 38 6.70 2.42 3.56
C VAL A 38 7.10 0.96 3.46
N LYS A 39 6.30 0.08 4.05
CA LYS A 39 6.57 -1.35 4.03
C LYS A 39 5.27 -2.15 3.88
N TRP A 40 5.40 -3.39 3.42
CA TRP A 40 4.25 -4.26 3.24
C TRP A 40 4.42 -5.57 4.00
N LYS A 41 3.31 -6.08 4.55
CA LYS A 41 3.34 -7.32 5.31
C LYS A 41 2.13 -8.19 4.98
N ILE A 42 2.36 -9.49 4.84
CA ILE A 42 1.28 -10.42 4.53
C ILE A 42 0.98 -11.34 5.71
N ASP A 43 -0.15 -11.12 6.35
CA ASP A 43 -0.56 -11.93 7.50
C ASP A 43 0.42 -11.75 8.65
N GLY A 44 1.07 -10.60 8.71
CA GLY A 44 2.02 -10.33 9.77
C GLY A 44 3.43 -10.73 9.40
N SER A 45 3.64 -11.03 8.11
CA SER A 45 4.96 -11.44 7.63
C SER A 45 5.43 -10.54 6.50
N GLU A 46 6.49 -9.78 6.76
CA GLU A 46 7.05 -8.87 5.77
C GLU A 46 7.39 -9.61 4.48
N ARG A 47 6.99 -9.04 3.35
CA ARG A 47 7.24 -9.64 2.05
C ARG A 47 8.68 -9.35 1.59
N GLN A 48 9.21 -10.24 0.76
CA GLN A 48 10.57 -10.08 0.25
C GLN A 48 10.77 -8.70 -0.36
N ASN A 49 12.01 -8.24 -0.41
CA ASN A 49 12.33 -6.93 -0.96
C ASN A 49 11.95 -6.87 -2.44
N GLY A 50 11.86 -5.65 -2.97
CA GLY A 50 11.50 -5.48 -4.36
C GLY A 50 10.13 -4.85 -4.53
N VAL A 51 9.78 -3.94 -3.63
CA VAL A 51 8.49 -3.26 -3.68
C VAL A 51 8.49 -2.16 -4.73
N LEU A 52 7.37 -2.01 -5.42
CA LEU A 52 7.23 -0.98 -6.46
C LEU A 52 6.76 0.34 -5.86
N ASN A 53 7.61 1.35 -5.92
CA ASN A 53 7.28 2.66 -5.39
C ASN A 53 7.39 3.74 -6.47
N SER A 54 6.70 4.86 -6.27
CA SER A 54 6.72 5.95 -7.23
C SER A 54 7.86 6.92 -6.92
N TRP A 55 7.95 7.98 -7.72
CA TRP A 55 9.00 8.98 -7.54
C TRP A 55 8.46 10.20 -6.78
N THR A 56 9.37 11.06 -6.33
CA THR A 56 8.99 12.25 -5.59
C THR A 56 8.21 13.23 -6.48
N ASP A 57 6.89 13.04 -6.54
CA ASP A 57 6.04 13.90 -7.35
C ASP A 57 5.54 15.10 -6.53
N GLN A 58 6.05 15.23 -5.31
CA GLN A 58 5.66 16.33 -4.45
C GLN A 58 5.82 17.67 -5.15
N ASP A 59 4.74 18.45 -5.17
CA ASP A 59 4.77 19.76 -5.81
C ASP A 59 4.76 20.88 -4.77
N SER A 60 4.79 22.11 -5.24
CA SER A 60 4.78 23.28 -4.35
C SER A 60 3.37 23.78 -4.11
N LYS A 61 2.52 23.66 -5.13
CA LYS A 61 1.14 24.09 -5.03
C LYS A 61 0.42 23.38 -3.89
N ASP A 62 0.78 22.13 -3.66
CA ASP A 62 0.18 21.34 -2.59
C ASP A 62 1.02 21.40 -1.32
N SER A 63 2.31 21.66 -1.49
CA SER A 63 3.22 21.74 -0.35
C SER A 63 3.13 20.48 0.50
N THR A 64 2.94 19.34 -0.14
CA THR A 64 2.82 18.07 0.56
C THR A 64 3.05 16.90 -0.39
N TYR A 65 3.40 15.75 0.18
CA TYR A 65 3.65 14.54 -0.61
C TYR A 65 2.73 13.41 -0.19
N SER A 66 2.39 12.55 -1.14
CA SER A 66 1.52 11.41 -0.87
C SER A 66 1.27 10.60 -2.13
N MET A 67 2.03 9.52 -2.29
CA MET A 67 1.91 8.66 -3.47
C MET A 67 1.45 7.27 -3.06
N SER A 68 1.07 6.46 -4.04
CA SER A 68 0.61 5.10 -3.78
C SER A 68 1.76 4.11 -3.88
N SER A 69 1.73 3.10 -3.01
CA SER A 69 2.78 2.08 -2.99
C SER A 69 2.26 0.77 -3.54
N THR A 70 2.88 0.30 -4.62
CA THR A 70 2.49 -0.96 -5.24
C THR A 70 3.45 -2.09 -4.87
N LEU A 71 2.90 -3.22 -4.45
CA LEU A 71 3.70 -4.37 -4.07
C LEU A 71 3.90 -5.32 -5.24
N THR A 72 5.15 -5.57 -5.59
CA THR A 72 5.48 -6.46 -6.70
C THR A 72 5.00 -7.88 -6.42
N LEU A 73 3.90 -8.26 -7.06
CA LEU A 73 3.34 -9.59 -6.89
C LEU A 73 2.59 -10.04 -8.13
N THR A 74 2.69 -11.33 -8.46
CA THR A 74 2.01 -11.88 -9.62
C THR A 74 0.54 -12.13 -9.34
N LYS A 75 -0.23 -12.40 -10.39
CA LYS A 75 -1.66 -12.66 -10.25
C LYS A 75 -1.91 -13.92 -9.45
N ASP A 76 -1.39 -15.04 -9.94
CA ASP A 76 -1.56 -16.32 -9.25
C ASP A 76 -1.00 -16.26 -7.84
N GLU A 77 -0.16 -15.27 -7.58
CA GLU A 77 0.44 -15.10 -6.26
C GLU A 77 -0.54 -14.43 -5.30
N TYR A 78 -1.67 -13.98 -5.83
CA TYR A 78 -2.69 -13.32 -5.02
C TYR A 78 -3.50 -14.34 -4.23
N GLU A 79 -3.29 -15.62 -4.54
CA GLU A 79 -4.00 -16.70 -3.86
C GLU A 79 -3.22 -17.17 -2.63
N ARG A 80 -1.96 -16.75 -2.53
CA ARG A 80 -1.11 -17.12 -1.42
C ARG A 80 -1.30 -16.16 -0.25
N HIS A 81 -1.75 -14.95 -0.55
CA HIS A 81 -1.97 -13.94 0.47
C HIS A 81 -3.45 -13.57 0.58
N ASN A 82 -3.94 -13.49 1.81
CA ASN A 82 -5.34 -13.15 2.05
C ASN A 82 -5.47 -11.87 2.86
N SER A 83 -4.49 -11.64 3.73
CA SER A 83 -4.50 -10.44 4.57
C SER A 83 -3.31 -9.54 4.23
N TYR A 84 -3.60 -8.37 3.69
CA TYR A 84 -2.57 -7.41 3.33
C TYR A 84 -2.33 -6.40 4.44
N THR A 85 -1.15 -5.80 4.45
CA THR A 85 -0.80 -4.81 5.47
C THR A 85 0.11 -3.74 4.90
N CYS A 86 -0.23 -2.47 5.15
CA CYS A 86 0.55 -1.35 4.66
C CYS A 86 1.15 -0.56 5.82
N GLU A 87 2.46 -0.65 5.98
CA GLU A 87 3.16 0.06 7.04
C GLU A 87 3.76 1.36 6.53
N ALA A 88 3.65 2.41 7.34
CA ALA A 88 4.18 3.73 6.97
C ALA A 88 4.85 4.40 8.17
N THR A 89 6.01 5.00 7.93
CA THR A 89 6.75 5.68 8.98
C THR A 89 7.29 7.02 8.50
N HIS A 90 6.86 8.09 9.16
CA HIS A 90 7.29 9.44 8.80
C HIS A 90 7.92 10.15 9.99
N LYS A 91 8.25 11.42 9.81
CA LYS A 91 8.86 12.21 10.88
C LYS A 91 7.81 12.66 11.88
N THR A 92 6.64 13.04 11.38
CA THR A 92 5.55 13.49 12.24
C THR A 92 5.15 12.40 13.23
N SER A 93 5.38 11.14 12.85
CA SER A 93 5.05 10.01 13.70
C SER A 93 6.09 8.90 13.57
N THR A 94 6.89 8.73 14.61
CA THR A 94 7.92 7.70 14.62
C THR A 94 7.32 6.30 14.55
N SER A 95 6.15 6.13 15.17
CA SER A 95 5.47 4.85 15.18
C SER A 95 5.00 4.47 13.77
N PRO A 96 5.43 3.29 13.30
CA PRO A 96 5.07 2.79 11.97
C PRO A 96 3.60 2.40 11.89
N ILE A 97 2.81 3.23 11.21
CA ILE A 97 1.38 2.97 11.04
C ILE A 97 1.15 1.77 10.13
N VAL A 98 0.77 0.65 10.73
CA VAL A 98 0.51 -0.58 9.97
C VAL A 98 -0.98 -0.87 9.90
N LYS A 99 -1.53 -0.88 8.69
CA LYS A 99 -2.95 -1.14 8.50
C LYS A 99 -3.16 -2.48 7.79
N SER A 100 -3.78 -3.43 8.48
CA SER A 100 -4.03 -4.75 7.91
C SER A 100 -5.53 -5.05 7.87
N PHE A 101 -5.93 -5.89 6.93
CA PHE A 101 -7.33 -6.25 6.77
C PHE A 101 -7.47 -7.58 6.03
N ASN A 102 -8.65 -8.18 6.13
CA ASN A 102 -8.91 -9.45 5.46
C ASN A 102 -9.78 -9.25 4.22
N ARG A 103 -9.19 -9.48 3.06
CA ARG A 103 -9.91 -9.32 1.80
C ARG A 103 -10.85 -10.49 1.55
N ASN A 104 -10.45 -11.67 2.00
CA ASN A 104 -11.25 -12.87 1.83
C ASN A 104 -12.66 -12.66 2.38
N GLU A 105 -12.74 -12.07 3.56
CA GLU A 105 -14.03 -11.81 4.20
C GLU A 105 -14.80 -10.72 3.45
N SER A 106 -14.06 -9.75 2.91
CA SER A 106 -14.67 -8.66 2.17
C SER A 106 -14.80 -9.00 0.69
N GLU A 107 -14.59 -10.28 0.37
CA GLU A 107 -14.67 -10.74 -1.02
C GLU A 107 -15.98 -10.28 -1.66
N ASN A 108 -15.87 -9.57 -2.78
CA ASN A 108 -17.04 -9.08 -3.49
C ASN A 108 -16.78 -9.02 -5.00
N LEU A 109 -15.60 -8.54 -5.36
CA LEU A 109 -15.23 -8.44 -6.77
C LEU A 109 -15.44 -9.77 -7.49
N TYR A 110 -16.09 -9.70 -8.65
CA TYR A 110 -16.36 -10.90 -9.44
C TYR A 110 -15.09 -11.70 -9.68
N PHE A 111 -15.25 -12.95 -10.06
CA PHE A 111 -14.10 -13.83 -10.32
C PHE A 111 -14.25 -14.53 -11.66
N GLN A 112 -13.14 -15.08 -12.16
CA GLN A 112 -13.14 -15.78 -13.44
C GLN A 112 -14.17 -16.90 -13.45
N ALA A 1 3.13 21.27 6.14
CA ALA A 1 3.00 21.21 7.59
C ALA A 1 2.90 19.76 8.08
N ASP A 2 3.29 19.54 9.33
CA ASP A 2 3.25 18.20 9.91
C ASP A 2 1.85 17.60 9.79
N ALA A 3 1.75 16.49 9.07
CA ALA A 3 0.46 15.82 8.88
C ALA A 3 0.66 14.33 8.66
N ALA A 4 -0.19 13.53 9.31
CA ALA A 4 -0.12 12.08 9.18
C ALA A 4 -1.14 11.57 8.18
N PRO A 5 -0.73 10.56 7.38
CA PRO A 5 -1.59 9.96 6.37
C PRO A 5 -2.72 9.14 6.98
N THR A 6 -3.46 8.42 6.13
CA THR A 6 -4.57 7.60 6.59
C THR A 6 -4.23 6.12 6.49
N VAL A 7 -5.13 5.28 6.98
CA VAL A 7 -4.93 3.83 6.96
C VAL A 7 -5.86 3.17 5.95
N SER A 8 -5.34 2.89 4.76
CA SER A 8 -6.12 2.25 3.71
C SER A 8 -5.39 1.04 3.13
N ILE A 9 -6.15 0.07 2.65
CA ILE A 9 -5.57 -1.13 2.08
C ILE A 9 -6.43 -1.67 0.93
N PHE A 10 -5.81 -1.86 -0.23
CA PHE A 10 -6.53 -2.36 -1.40
C PHE A 10 -5.69 -3.41 -2.14
N PRO A 11 -6.02 -4.69 -1.93
CA PRO A 11 -5.33 -5.80 -2.57
C PRO A 11 -5.57 -5.87 -4.07
N PRO A 12 -4.83 -6.74 -4.76
CA PRO A 12 -4.96 -6.93 -6.21
C PRO A 12 -6.27 -7.60 -6.60
N SER A 13 -7.04 -6.95 -7.47
CA SER A 13 -8.32 -7.48 -7.91
C SER A 13 -8.14 -8.35 -9.15
N SER A 14 -9.24 -8.92 -9.63
CA SER A 14 -9.21 -9.79 -10.81
C SER A 14 -8.98 -8.97 -12.06
N GLU A 15 -9.30 -7.68 -12.00
CA GLU A 15 -9.12 -6.78 -13.14
C GLU A 15 -7.71 -6.89 -13.70
N GLN A 16 -6.72 -6.72 -12.83
CA GLN A 16 -5.32 -6.79 -13.24
C GLN A 16 -4.91 -8.25 -13.49
N LEU A 17 -5.55 -9.17 -12.79
CA LEU A 17 -5.25 -10.59 -12.94
C LEU A 17 -5.39 -11.03 -14.40
N THR A 18 -6.30 -10.37 -15.12
CA THR A 18 -6.53 -10.69 -16.53
C THR A 18 -5.24 -10.63 -17.33
N SER A 19 -4.33 -9.76 -16.91
CA SER A 19 -3.05 -9.60 -17.58
C SER A 19 -2.00 -10.52 -16.97
N GLY A 20 -2.26 -11.01 -15.77
CA GLY A 20 -1.33 -11.89 -15.10
C GLY A 20 -0.58 -11.20 -13.98
N GLY A 21 -0.98 -9.96 -13.68
CA GLY A 21 -0.32 -9.21 -12.62
C GLY A 21 -1.20 -9.06 -11.40
N ALA A 22 -0.56 -8.86 -10.24
CA ALA A 22 -1.29 -8.69 -8.98
C ALA A 22 -0.42 -8.05 -7.92
N SER A 23 -0.70 -6.80 -7.61
CA SER A 23 0.06 -6.06 -6.61
C SER A 23 -0.85 -5.23 -5.71
N VAL A 24 -0.57 -5.24 -4.41
CA VAL A 24 -1.38 -4.49 -3.45
C VAL A 24 -0.98 -3.01 -3.44
N VAL A 25 -1.97 -2.14 -3.37
CA VAL A 25 -1.73 -0.70 -3.35
C VAL A 25 -2.26 -0.06 -2.07
N CYS A 26 -1.49 0.86 -1.50
CA CYS A 26 -1.89 1.54 -0.28
C CYS A 26 -2.35 2.96 -0.56
N PHE A 27 -3.06 3.56 0.38
CA PHE A 27 -3.56 4.92 0.23
C PHE A 27 -3.05 5.81 1.35
N LEU A 28 -2.67 7.04 1.01
CA LEU A 28 -2.17 7.99 1.98
C LEU A 28 -2.94 9.30 1.91
N ASN A 29 -3.02 9.99 3.05
CA ASN A 29 -3.74 11.26 3.13
C ASN A 29 -2.77 12.41 3.38
N ASN A 30 -3.12 13.59 2.88
CA ASN A 30 -2.29 14.78 3.06
C ASN A 30 -1.37 14.61 4.27
N PHE A 31 -0.09 14.37 4.02
CA PHE A 31 0.89 14.20 5.08
C PHE A 31 2.19 14.91 4.73
N TYR A 32 3.18 14.78 5.62
CA TYR A 32 4.47 15.41 5.42
C TYR A 32 4.95 15.21 3.98
N PRO A 33 6.14 15.76 3.68
CA PRO A 33 6.74 15.65 2.35
C PRO A 33 7.20 14.24 2.02
N LYS A 34 7.98 14.09 0.96
CA LYS A 34 8.49 12.80 0.55
C LYS A 34 9.03 12.02 1.73
N ASP A 35 9.63 12.74 2.68
CA ASP A 35 10.20 12.12 3.87
C ASP A 35 9.21 11.14 4.50
N ILE A 36 9.36 9.86 4.17
CA ILE A 36 8.47 8.83 4.70
C ILE A 36 8.87 7.45 4.19
N ASN A 37 8.70 6.45 5.05
CA ASN A 37 9.04 5.07 4.68
C ASN A 37 7.80 4.20 4.64
N VAL A 38 7.77 3.27 3.68
CA VAL A 38 6.62 2.37 3.54
C VAL A 38 7.09 0.92 3.46
N LYS A 39 6.29 0.02 4.04
CA LYS A 39 6.62 -1.40 4.03
C LYS A 39 5.36 -2.25 3.87
N TRP A 40 5.54 -3.48 3.42
CA TRP A 40 4.42 -4.40 3.22
C TRP A 40 4.63 -5.69 3.99
N LYS A 41 3.54 -6.23 4.54
CA LYS A 41 3.61 -7.47 5.30
C LYS A 41 2.44 -8.40 4.93
N ILE A 42 2.74 -9.69 4.79
CA ILE A 42 1.73 -10.67 4.45
C ILE A 42 1.44 -11.60 5.62
N ASP A 43 0.26 -11.45 6.21
CA ASP A 43 -0.13 -12.29 7.34
C ASP A 43 0.79 -12.07 8.53
N GLY A 44 1.38 -10.88 8.60
CA GLY A 44 2.29 -10.57 9.70
C GLY A 44 3.73 -10.91 9.36
N SER A 45 3.99 -11.18 8.09
CA SER A 45 5.34 -11.52 7.64
C SER A 45 5.81 -10.59 6.55
N GLU A 46 6.83 -9.78 6.85
CA GLU A 46 7.37 -8.84 5.88
C GLU A 46 7.78 -9.54 4.59
N ARG A 47 7.41 -8.96 3.46
CA ARG A 47 7.74 -9.53 2.17
C ARG A 47 9.21 -9.27 1.81
N GLN A 48 9.74 -10.08 0.90
CA GLN A 48 11.13 -9.94 0.48
C GLN A 48 11.43 -8.51 0.05
N ASN A 49 12.52 -7.96 0.57
CA ASN A 49 12.92 -6.59 0.24
C ASN A 49 12.95 -6.39 -1.27
N GLY A 50 11.92 -5.72 -1.79
CA GLY A 50 11.85 -5.46 -3.21
C GLY A 50 10.46 -5.08 -3.66
N VAL A 51 9.95 -3.98 -3.14
CA VAL A 51 8.62 -3.50 -3.50
C VAL A 51 8.69 -2.30 -4.44
N LEU A 52 7.79 -2.28 -5.42
CA LEU A 52 7.76 -1.18 -6.39
C LEU A 52 7.21 0.08 -5.76
N ASN A 53 7.89 1.21 -6.00
CA ASN A 53 7.47 2.49 -5.46
C ASN A 53 7.50 3.57 -6.52
N SER A 54 6.74 4.65 -6.31
CA SER A 54 6.69 5.75 -7.25
C SER A 54 7.78 6.78 -6.96
N TRP A 55 7.82 7.83 -7.75
CA TRP A 55 8.82 8.88 -7.58
C TRP A 55 8.23 10.08 -6.83
N THR A 56 9.08 10.99 -6.39
CA THR A 56 8.64 12.17 -5.66
C THR A 56 7.83 13.10 -6.56
N ASP A 57 6.53 12.85 -6.63
CA ASP A 57 5.64 13.67 -7.45
C ASP A 57 5.07 14.84 -6.65
N GLN A 58 5.58 15.00 -5.43
CA GLN A 58 5.12 16.09 -4.56
C GLN A 58 5.15 17.43 -5.30
N ASP A 59 4.02 18.12 -5.31
CA ASP A 59 3.91 19.41 -5.98
C ASP A 59 3.75 20.54 -4.97
N SER A 60 3.76 21.77 -5.45
CA SER A 60 3.62 22.94 -4.59
C SER A 60 2.16 23.36 -4.47
N LYS A 61 1.40 23.15 -5.54
CA LYS A 61 -0.01 23.50 -5.56
C LYS A 61 -0.77 22.80 -4.44
N ASP A 62 -0.33 21.59 -4.10
CA ASP A 62 -0.96 20.81 -3.05
C ASP A 62 -0.25 21.02 -1.72
N SER A 63 1.03 21.39 -1.78
CA SER A 63 1.82 21.62 -0.58
C SER A 63 1.87 20.37 0.28
N THR A 64 1.91 19.21 -0.36
CA THR A 64 1.95 17.94 0.35
C THR A 64 2.38 16.81 -0.58
N TYR A 65 2.51 15.61 -0.02
CA TYR A 65 2.92 14.45 -0.80
C TYR A 65 2.11 13.21 -0.40
N SER A 66 1.92 12.30 -1.34
CA SER A 66 1.16 11.08 -1.10
C SER A 66 1.09 10.22 -2.35
N MET A 67 1.91 9.17 -2.38
CA MET A 67 1.95 8.26 -3.52
C MET A 67 1.50 6.86 -3.12
N SER A 68 1.20 6.03 -4.11
CA SER A 68 0.76 4.67 -3.86
C SER A 68 1.93 3.69 -3.92
N SER A 69 1.89 2.65 -3.09
CA SER A 69 2.94 1.65 -3.06
C SER A 69 2.45 0.32 -3.63
N THR A 70 3.04 -0.09 -4.75
CA THR A 70 2.66 -1.34 -5.40
C THR A 70 3.64 -2.46 -5.04
N LEU A 71 3.15 -3.48 -4.36
CA LEU A 71 3.99 -4.61 -3.96
C LEU A 71 4.22 -5.54 -5.14
N THR A 72 5.49 -5.76 -5.47
CA THR A 72 5.86 -6.63 -6.57
C THR A 72 5.42 -8.07 -6.31
N LEU A 73 4.37 -8.50 -7.00
CA LEU A 73 3.84 -9.85 -6.84
C LEU A 73 3.15 -10.32 -8.12
N THR A 74 3.28 -11.61 -8.41
CA THR A 74 2.67 -12.18 -9.60
C THR A 74 1.20 -12.48 -9.37
N LYS A 75 0.48 -12.77 -10.45
CA LYS A 75 -0.95 -13.08 -10.37
C LYS A 75 -1.19 -14.35 -9.56
N ASP A 76 -0.61 -15.46 -10.02
CA ASP A 76 -0.75 -16.74 -9.34
C ASP A 76 -0.24 -16.66 -7.91
N GLU A 77 0.56 -15.63 -7.63
CA GLU A 77 1.10 -15.43 -6.29
C GLU A 77 0.07 -14.81 -5.36
N TYR A 78 -1.05 -14.39 -5.93
CA TYR A 78 -2.12 -13.77 -5.16
C TYR A 78 -2.91 -14.81 -4.38
N GLU A 79 -2.65 -16.08 -4.68
CA GLU A 79 -3.33 -17.18 -4.02
C GLU A 79 -2.57 -17.63 -2.77
N ARG A 80 -1.34 -17.17 -2.66
CA ARG A 80 -0.49 -17.53 -1.52
C ARG A 80 -0.71 -16.56 -0.35
N HIS A 81 -1.18 -15.36 -0.68
CA HIS A 81 -1.44 -14.34 0.33
C HIS A 81 -2.93 -13.98 0.39
N ASN A 82 -3.46 -13.90 1.59
CA ASN A 82 -4.87 -13.57 1.78
C ASN A 82 -5.03 -12.30 2.60
N SER A 83 -4.09 -12.08 3.52
CA SER A 83 -4.13 -10.89 4.39
C SER A 83 -2.97 -9.95 4.07
N TYR A 84 -3.31 -8.78 3.54
CA TYR A 84 -2.29 -7.79 3.18
C TYR A 84 -2.12 -6.77 4.30
N THR A 85 -0.96 -6.13 4.33
CA THR A 85 -0.66 -5.12 5.34
C THR A 85 0.23 -4.02 4.78
N CYS A 86 -0.17 -2.78 5.01
CA CYS A 86 0.59 -1.63 4.54
C CYS A 86 1.13 -0.81 5.70
N GLU A 87 2.45 -0.84 5.89
CA GLU A 87 3.09 -0.11 6.97
C GLU A 87 3.66 1.21 6.46
N ALA A 88 3.49 2.27 7.26
CA ALA A 88 3.99 3.59 6.89
C ALA A 88 4.60 4.30 8.09
N THR A 89 5.75 4.94 7.88
CA THR A 89 6.43 5.65 8.94
C THR A 89 6.93 7.01 8.46
N HIS A 90 6.45 8.07 9.11
CA HIS A 90 6.85 9.43 8.74
C HIS A 90 7.42 10.17 9.95
N LYS A 91 7.72 11.45 9.76
CA LYS A 91 8.26 12.27 10.84
C LYS A 91 7.18 12.69 11.82
N THR A 92 6.00 13.02 11.28
CA THR A 92 4.87 13.43 12.12
C THR A 92 4.49 12.33 13.10
N SER A 93 4.79 11.09 12.75
CA SER A 93 4.47 9.95 13.60
C SER A 93 5.54 8.87 13.49
N THR A 94 6.33 8.73 14.56
CA THR A 94 7.40 7.74 14.58
C THR A 94 6.84 6.32 14.51
N SER A 95 5.67 6.13 15.10
CA SER A 95 5.03 4.81 15.10
C SER A 95 4.60 4.41 13.69
N PRO A 96 5.08 3.25 13.24
CA PRO A 96 4.77 2.73 11.90
C PRO A 96 3.31 2.28 11.78
N ILE A 97 2.52 3.08 11.06
CA ILE A 97 1.11 2.77 10.87
C ILE A 97 0.93 1.56 9.96
N VAL A 98 0.57 0.42 10.54
CA VAL A 98 0.36 -0.80 9.79
C VAL A 98 -1.12 -1.15 9.69
N LYS A 99 -1.63 -1.17 8.46
CA LYS A 99 -3.03 -1.48 8.22
C LYS A 99 -3.18 -2.83 7.52
N SER A 100 -3.79 -3.79 8.21
CA SER A 100 -3.99 -5.12 7.65
C SER A 100 -5.47 -5.47 7.59
N PHE A 101 -5.85 -6.32 6.64
CA PHE A 101 -7.23 -6.73 6.48
C PHE A 101 -7.32 -8.06 5.72
N ASN A 102 -8.37 -8.82 5.98
CA ASN A 102 -8.57 -10.10 5.32
C ASN A 102 -9.50 -9.96 4.12
N ARG A 103 -8.93 -10.08 2.93
CA ARG A 103 -9.71 -9.97 1.70
C ARG A 103 -10.52 -11.24 1.45
N ASN A 104 -9.99 -12.37 1.87
CA ASN A 104 -10.66 -13.66 1.69
C ASN A 104 -12.09 -13.60 2.21
N GLU A 105 -12.28 -12.87 3.31
CA GLU A 105 -13.61 -12.73 3.91
C GLU A 105 -14.24 -11.39 3.53
N SER A 106 -13.48 -10.31 3.70
CA SER A 106 -13.96 -8.98 3.39
C SER A 106 -14.31 -8.86 1.90
N GLU A 107 -13.29 -8.90 1.06
CA GLU A 107 -13.49 -8.79 -0.38
C GLU A 107 -14.37 -7.59 -0.73
N ASN A 108 -13.75 -6.40 -0.73
CA ASN A 108 -14.47 -5.18 -1.05
C ASN A 108 -14.67 -5.04 -2.55
N LEU A 109 -13.69 -5.47 -3.32
CA LEU A 109 -13.75 -5.40 -4.78
C LEU A 109 -15.06 -5.99 -5.30
N TYR A 110 -15.72 -5.25 -6.17
CA TYR A 110 -16.99 -5.71 -6.75
C TYR A 110 -16.85 -7.10 -7.33
N PHE A 111 -17.99 -7.70 -7.69
CA PHE A 111 -17.99 -9.04 -8.26
C PHE A 111 -18.51 -9.02 -9.69
N GLN A 112 -17.68 -9.49 -10.62
CA GLN A 112 -18.06 -9.52 -12.04
C GLN A 112 -19.20 -10.50 -12.27
N ALA A 1 3.32 21.24 6.19
CA ALA A 1 2.93 21.18 7.60
C ALA A 1 2.77 19.75 8.07
N ASP A 2 3.10 19.51 9.34
CA ASP A 2 3.01 18.17 9.91
C ASP A 2 1.60 17.59 9.71
N ALA A 3 1.52 16.49 8.98
CA ALA A 3 0.25 15.83 8.71
C ALA A 3 0.43 14.34 8.50
N ALA A 4 -0.44 13.56 9.13
CA ALA A 4 -0.37 12.10 9.02
C ALA A 4 -1.38 11.59 8.00
N PRO A 5 -0.97 10.58 7.21
CA PRO A 5 -1.82 9.97 6.19
C PRO A 5 -2.97 9.17 6.78
N THR A 6 -3.64 8.39 5.94
CA THR A 6 -4.75 7.56 6.39
C THR A 6 -4.44 6.08 6.27
N VAL A 7 -5.36 5.24 6.74
CA VAL A 7 -5.17 3.80 6.69
C VAL A 7 -6.05 3.16 5.62
N SER A 8 -5.46 2.92 4.45
CA SER A 8 -6.21 2.31 3.35
C SER A 8 -5.45 1.13 2.77
N ILE A 9 -6.20 0.15 2.25
CA ILE A 9 -5.59 -1.04 1.66
C ILE A 9 -6.42 -1.55 0.48
N PHE A 10 -5.76 -1.72 -0.65
CA PHE A 10 -6.43 -2.20 -1.86
C PHE A 10 -5.58 -3.25 -2.57
N PRO A 11 -5.94 -4.52 -2.40
CA PRO A 11 -5.22 -5.64 -3.03
C PRO A 11 -5.42 -5.69 -4.53
N PRO A 12 -4.66 -6.56 -5.21
CA PRO A 12 -4.73 -6.73 -6.66
C PRO A 12 -6.04 -7.37 -7.11
N SER A 13 -6.75 -6.70 -8.00
CA SER A 13 -8.03 -7.20 -8.50
C SER A 13 -7.82 -8.04 -9.76
N SER A 14 -8.90 -8.59 -10.29
CA SER A 14 -8.84 -9.40 -11.50
C SER A 14 -8.54 -8.55 -12.72
N GLU A 15 -8.84 -7.25 -12.63
CA GLU A 15 -8.60 -6.33 -13.72
C GLU A 15 -7.17 -6.46 -14.24
N GLN A 16 -6.20 -6.34 -13.33
CA GLN A 16 -4.80 -6.45 -13.70
C GLN A 16 -4.41 -7.89 -13.96
N LEU A 17 -5.10 -8.82 -13.31
CA LEU A 17 -4.83 -10.25 -13.47
C LEU A 17 -4.91 -10.64 -14.94
N THR A 18 -5.79 -9.97 -15.69
CA THR A 18 -5.97 -10.26 -17.10
C THR A 18 -4.65 -10.18 -17.86
N SER A 19 -3.74 -9.36 -17.34
CA SER A 19 -2.43 -9.18 -17.97
C SER A 19 -1.40 -10.12 -17.35
N GLY A 20 -1.73 -10.66 -16.19
CA GLY A 20 -0.83 -11.57 -15.51
C GLY A 20 -0.11 -10.93 -14.34
N GLY A 21 -0.49 -9.69 -14.03
CA GLY A 21 0.12 -8.97 -12.93
C GLY A 21 -0.80 -8.84 -11.73
N ALA A 22 -0.21 -8.67 -10.55
CA ALA A 22 -0.99 -8.52 -9.33
C ALA A 22 -0.16 -7.87 -8.22
N SER A 23 -0.48 -6.61 -7.91
CA SER A 23 0.24 -5.88 -6.89
C SER A 23 -0.73 -5.05 -6.05
N VAL A 24 -0.52 -5.07 -4.72
CA VAL A 24 -1.38 -4.31 -3.82
C VAL A 24 -0.96 -2.85 -3.77
N VAL A 25 -1.95 -1.96 -3.75
CA VAL A 25 -1.69 -0.52 -3.70
C VAL A 25 -2.24 0.09 -2.42
N CYS A 26 -1.47 0.97 -1.80
CA CYS A 26 -1.89 1.64 -0.57
C CYS A 26 -2.32 3.08 -0.85
N PHE A 27 -3.04 3.67 0.10
CA PHE A 27 -3.52 5.03 -0.03
C PHE A 27 -3.00 5.91 1.10
N LEU A 28 -2.51 7.09 0.76
CA LEU A 28 -1.99 8.02 1.75
C LEU A 28 -2.65 9.39 1.62
N ASN A 29 -3.09 9.94 2.74
CA ASN A 29 -3.73 11.25 2.75
C ASN A 29 -2.71 12.37 2.98
N ASN A 30 -3.05 13.57 2.53
CA ASN A 30 -2.16 14.71 2.68
C ASN A 30 -1.32 14.59 3.95
N PHE A 31 -0.04 14.28 3.78
CA PHE A 31 0.87 14.13 4.92
C PHE A 31 2.19 14.84 4.65
N TYR A 32 3.11 14.73 5.60
CA TYR A 32 4.42 15.36 5.46
C TYR A 32 4.99 15.16 4.07
N PRO A 33 6.19 15.71 3.83
CA PRO A 33 6.86 15.62 2.53
C PRO A 33 7.33 14.20 2.23
N LYS A 34 8.18 14.08 1.21
CA LYS A 34 8.72 12.77 0.83
C LYS A 34 9.19 11.99 2.04
N ASP A 35 9.76 12.70 3.02
CA ASP A 35 10.25 12.07 4.24
C ASP A 35 9.21 11.10 4.80
N ILE A 36 9.38 9.82 4.48
CA ILE A 36 8.46 8.80 4.96
C ILE A 36 8.88 7.41 4.48
N ASN A 37 8.65 6.40 5.32
CA ASN A 37 9.00 5.03 4.97
C ASN A 37 7.75 4.16 4.88
N VAL A 38 7.72 3.31 3.85
CA VAL A 38 6.59 2.42 3.65
C VAL A 38 7.03 0.97 3.59
N LYS A 39 6.21 0.07 4.13
CA LYS A 39 6.52 -1.36 4.14
C LYS A 39 5.27 -2.19 3.91
N TRP A 40 5.45 -3.43 3.46
CA TRP A 40 4.33 -4.33 3.21
C TRP A 40 4.50 -5.64 3.98
N LYS A 41 3.38 -6.18 4.45
CA LYS A 41 3.41 -7.44 5.20
C LYS A 41 2.28 -8.36 4.75
N ILE A 42 2.60 -9.65 4.61
CA ILE A 42 1.60 -10.63 4.19
C ILE A 42 1.25 -11.58 5.34
N ASP A 43 0.01 -11.46 5.82
CA ASP A 43 -0.46 -12.31 6.91
C ASP A 43 0.38 -12.09 8.17
N GLY A 44 0.95 -10.90 8.29
CA GLY A 44 1.77 -10.58 9.45
C GLY A 44 3.23 -10.91 9.22
N SER A 45 3.59 -11.19 7.98
CA SER A 45 4.97 -11.52 7.64
C SER A 45 5.51 -10.60 6.56
N GLU A 46 6.49 -9.79 6.92
CA GLU A 46 7.10 -8.85 5.97
C GLU A 46 7.58 -9.57 4.72
N ARG A 47 7.23 -9.02 3.56
CA ARG A 47 7.63 -9.61 2.29
C ARG A 47 9.05 -9.19 1.92
N GLN A 48 9.65 -9.92 0.97
CA GLN A 48 11.00 -9.62 0.53
C GLN A 48 11.14 -8.15 0.14
N ASN A 49 12.37 -7.64 0.21
CA ASN A 49 12.63 -6.25 -0.14
C ASN A 49 12.51 -6.04 -1.65
N GLY A 50 12.64 -4.78 -2.07
CA GLY A 50 12.54 -4.46 -3.49
C GLY A 50 11.11 -4.14 -3.91
N VAL A 51 10.38 -3.47 -3.04
CA VAL A 51 9.00 -3.10 -3.33
C VAL A 51 8.94 -1.97 -4.35
N LEU A 52 7.95 -2.02 -5.23
CA LEU A 52 7.77 -1.00 -6.25
C LEU A 52 7.24 0.30 -5.65
N ASN A 53 8.01 1.37 -5.80
CA ASN A 53 7.61 2.68 -5.27
C ASN A 53 7.77 3.76 -6.33
N SER A 54 7.04 4.85 -6.16
CA SER A 54 7.10 5.97 -7.10
C SER A 54 8.17 6.97 -6.69
N TRP A 55 8.29 8.05 -7.46
CA TRP A 55 9.28 9.07 -7.18
C TRP A 55 8.64 10.26 -6.47
N THR A 56 9.47 11.16 -5.94
CA THR A 56 8.99 12.34 -5.23
C THR A 56 8.09 13.18 -6.13
N ASP A 57 6.79 12.98 -6.01
CA ASP A 57 5.82 13.72 -6.80
C ASP A 57 5.37 14.98 -6.06
N GLN A 58 5.99 15.26 -4.92
CA GLN A 58 5.65 16.42 -4.12
C GLN A 58 5.68 17.69 -4.98
N ASP A 59 4.60 18.47 -4.90
CA ASP A 59 4.51 19.71 -5.66
C ASP A 59 4.48 20.92 -4.72
N SER A 60 4.45 22.11 -5.31
CA SER A 60 4.42 23.34 -4.53
C SER A 60 2.99 23.82 -4.32
N LYS A 61 2.15 23.59 -5.32
CA LYS A 61 0.75 23.99 -5.25
C LYS A 61 -0.01 23.16 -4.21
N ASP A 62 0.44 21.93 -4.02
CA ASP A 62 -0.19 21.03 -3.06
C ASP A 62 0.49 21.13 -1.69
N SER A 63 1.75 21.55 -1.69
CA SER A 63 2.51 21.69 -0.46
C SER A 63 2.44 20.41 0.37
N THR A 64 2.43 19.27 -0.32
CA THR A 64 2.37 17.97 0.35
C THR A 64 2.85 16.86 -0.58
N TYR A 65 2.88 15.64 -0.05
CA TYR A 65 3.31 14.48 -0.82
C TYR A 65 2.58 13.22 -0.38
N SER A 66 2.27 12.36 -1.34
CA SER A 66 1.56 11.11 -1.05
C SER A 66 1.34 10.31 -2.33
N MET A 67 2.11 9.24 -2.49
CA MET A 67 1.99 8.38 -3.67
C MET A 67 1.55 6.98 -3.27
N SER A 68 1.18 6.18 -4.27
CA SER A 68 0.73 4.82 -4.03
C SER A 68 1.89 3.83 -4.11
N SER A 69 1.96 2.92 -3.16
CA SER A 69 3.03 1.92 -3.12
C SER A 69 2.56 0.59 -3.72
N THR A 70 3.27 0.13 -4.73
CA THR A 70 2.94 -1.13 -5.39
C THR A 70 3.87 -2.26 -4.96
N LEU A 71 3.31 -3.43 -4.72
CA LEU A 71 4.09 -4.58 -4.31
C LEU A 71 4.39 -5.49 -5.49
N THR A 72 5.68 -5.66 -5.80
CA THR A 72 6.10 -6.50 -6.90
C THR A 72 5.70 -7.96 -6.68
N LEU A 73 4.63 -8.38 -7.33
CA LEU A 73 4.14 -9.75 -7.20
C LEU A 73 3.45 -10.21 -8.48
N THR A 74 3.59 -11.49 -8.78
CA THR A 74 2.97 -12.07 -9.97
C THR A 74 1.48 -12.31 -9.78
N LYS A 75 0.78 -12.60 -10.86
CA LYS A 75 -0.65 -12.87 -10.81
C LYS A 75 -0.94 -14.13 -10.02
N ASP A 76 -0.39 -15.25 -10.48
CA ASP A 76 -0.59 -16.54 -9.82
C ASP A 76 -0.11 -16.47 -8.37
N GLU A 77 0.71 -15.48 -8.06
CA GLU A 77 1.23 -15.31 -6.70
C GLU A 77 0.20 -14.66 -5.80
N TYR A 78 -0.89 -14.20 -6.40
CA TYR A 78 -1.96 -13.55 -5.64
C TYR A 78 -2.80 -14.57 -4.89
N GLU A 79 -2.58 -15.85 -5.19
CA GLU A 79 -3.32 -16.93 -4.55
C GLU A 79 -2.61 -17.40 -3.29
N ARG A 80 -1.36 -16.97 -3.13
CA ARG A 80 -0.57 -17.34 -1.96
C ARG A 80 -0.80 -16.37 -0.81
N HIS A 81 -1.21 -15.15 -1.15
CA HIS A 81 -1.48 -14.13 -0.15
C HIS A 81 -2.94 -13.68 -0.17
N ASN A 82 -3.61 -13.78 0.97
CA ASN A 82 -5.01 -13.39 1.07
C ASN A 82 -5.17 -12.15 1.94
N SER A 83 -4.26 -11.99 2.90
CA SER A 83 -4.31 -10.84 3.80
C SER A 83 -3.14 -9.89 3.53
N TYR A 84 -3.44 -8.71 3.04
CA TYR A 84 -2.42 -7.71 2.74
C TYR A 84 -2.28 -6.71 3.87
N THR A 85 -1.12 -6.07 3.97
CA THR A 85 -0.86 -5.09 5.00
C THR A 85 0.06 -3.98 4.50
N CYS A 86 -0.35 -2.73 4.73
CA CYS A 86 0.43 -1.58 4.30
C CYS A 86 0.91 -0.77 5.50
N GLU A 87 2.22 -0.83 5.76
CA GLU A 87 2.81 -0.10 6.88
C GLU A 87 3.41 1.22 6.40
N ALA A 88 3.22 2.26 7.21
CA ALA A 88 3.76 3.58 6.88
C ALA A 88 4.31 4.27 8.12
N THR A 89 5.47 4.90 7.97
CA THR A 89 6.12 5.59 9.06
C THR A 89 6.66 6.96 8.62
N HIS A 90 6.14 8.02 9.24
CA HIS A 90 6.57 9.37 8.90
C HIS A 90 7.08 10.10 10.14
N LYS A 91 7.40 11.39 9.97
CA LYS A 91 7.90 12.19 11.08
C LYS A 91 6.76 12.61 12.00
N THR A 92 5.62 12.96 11.42
CA THR A 92 4.46 13.37 12.19
C THR A 92 4.01 12.27 13.14
N SER A 93 4.32 11.03 12.79
CA SER A 93 3.95 9.89 13.62
C SER A 93 5.02 8.81 13.58
N THR A 94 5.75 8.66 14.68
CA THR A 94 6.81 7.67 14.77
C THR A 94 6.26 6.25 14.66
N SER A 95 5.05 6.05 15.18
CA SER A 95 4.40 4.74 15.15
C SER A 95 4.05 4.35 13.71
N PRO A 96 4.55 3.19 13.28
CA PRO A 96 4.29 2.67 11.94
C PRO A 96 2.84 2.24 11.74
N ILE A 97 2.08 3.04 10.99
CA ILE A 97 0.69 2.73 10.73
C ILE A 97 0.54 1.53 9.79
N VAL A 98 0.17 0.39 10.36
CA VAL A 98 -0.01 -0.83 9.58
C VAL A 98 -1.49 -1.17 9.43
N LYS A 99 -1.95 -1.19 8.18
CA LYS A 99 -3.34 -1.50 7.89
C LYS A 99 -3.46 -2.83 7.16
N SER A 100 -4.10 -3.81 7.80
CA SER A 100 -4.27 -5.13 7.22
C SER A 100 -5.75 -5.48 7.09
N PHE A 101 -6.08 -6.30 6.11
CA PHE A 101 -7.45 -6.72 5.87
C PHE A 101 -7.51 -8.02 5.07
N ASN A 102 -8.58 -8.77 5.26
CA ASN A 102 -8.77 -10.04 4.57
C ASN A 102 -9.57 -9.86 3.29
N ARG A 103 -8.90 -9.95 2.15
CA ARG A 103 -9.56 -9.79 0.86
C ARG A 103 -10.39 -11.02 0.52
N ASN A 104 -9.97 -12.18 1.03
CA ASN A 104 -10.68 -13.43 0.78
C ASN A 104 -12.03 -13.45 1.50
N GLU A 105 -12.07 -12.83 2.68
CA GLU A 105 -13.30 -12.78 3.46
C GLU A 105 -14.10 -11.52 3.13
N SER A 106 -13.42 -10.37 3.12
CA SER A 106 -14.07 -9.11 2.82
C SER A 106 -14.49 -9.03 1.36
N GLU A 107 -13.67 -9.61 0.48
CA GLU A 107 -13.95 -9.62 -0.94
C GLU A 107 -14.63 -8.32 -1.37
N ASN A 108 -13.84 -7.28 -1.53
CA ASN A 108 -14.35 -5.97 -1.94
C ASN A 108 -14.56 -5.91 -3.44
N LEU A 109 -13.70 -6.61 -4.18
CA LEU A 109 -13.79 -6.64 -5.63
C LEU A 109 -14.62 -7.82 -6.11
N TYR A 110 -15.70 -8.10 -5.40
CA TYR A 110 -16.58 -9.21 -5.75
C TYR A 110 -17.99 -8.98 -5.19
N PHE A 111 -18.99 -9.44 -5.94
CA PHE A 111 -20.38 -9.28 -5.53
C PHE A 111 -20.68 -10.16 -4.31
N GLN A 112 -21.38 -9.58 -3.34
CA GLN A 112 -21.74 -10.30 -2.13
C GLN A 112 -22.48 -11.59 -2.45
N ALA A 1 4.33 21.32 6.74
CA ALA A 1 3.82 21.24 8.10
C ALA A 1 3.66 19.79 8.55
N ASP A 2 3.97 19.53 9.82
CA ASP A 2 3.87 18.18 10.37
C ASP A 2 2.45 17.64 10.21
N ALA A 3 2.32 16.56 9.45
CA ALA A 3 1.02 15.94 9.22
C ALA A 3 1.16 14.44 8.99
N ALA A 4 0.28 13.66 9.61
CA ALA A 4 0.30 12.21 9.46
C ALA A 4 -0.72 11.74 8.44
N PRO A 5 -0.32 10.74 7.62
CA PRO A 5 -1.19 10.19 6.58
C PRO A 5 -2.35 9.39 7.15
N THR A 6 -3.10 8.72 6.28
CA THR A 6 -4.24 7.92 6.70
C THR A 6 -3.95 6.43 6.57
N VAL A 7 -4.89 5.60 7.00
CA VAL A 7 -4.72 4.16 6.94
C VAL A 7 -5.69 3.54 5.93
N SER A 8 -5.18 3.29 4.72
CA SER A 8 -6.00 2.70 3.66
C SER A 8 -5.30 1.48 3.05
N ILE A 9 -6.10 0.54 2.55
CA ILE A 9 -5.56 -0.67 1.95
C ILE A 9 -6.44 -1.13 0.79
N PHE A 10 -5.83 -1.32 -0.38
CA PHE A 10 -6.56 -1.76 -1.56
C PHE A 10 -5.77 -2.83 -2.31
N PRO A 11 -6.20 -4.09 -2.15
CA PRO A 11 -5.55 -5.24 -2.80
C PRO A 11 -5.77 -5.25 -4.32
N PRO A 12 -5.06 -6.15 -5.01
CA PRO A 12 -5.17 -6.28 -6.47
C PRO A 12 -6.51 -6.85 -6.90
N SER A 13 -7.20 -6.13 -7.77
CA SER A 13 -8.50 -6.57 -8.26
C SER A 13 -8.35 -7.43 -9.52
N SER A 14 -9.47 -7.92 -10.04
CA SER A 14 -9.46 -8.76 -11.23
C SER A 14 -9.12 -7.93 -12.46
N GLU A 15 -9.35 -6.62 -12.37
CA GLU A 15 -9.07 -5.73 -13.50
C GLU A 15 -7.65 -5.94 -14.01
N GLN A 16 -6.67 -5.87 -13.12
CA GLN A 16 -5.28 -6.05 -13.50
C GLN A 16 -4.97 -7.52 -13.75
N LEU A 17 -5.71 -8.40 -13.09
CA LEU A 17 -5.52 -9.83 -13.24
C LEU A 17 -5.64 -10.25 -14.70
N THR A 18 -6.50 -9.55 -15.44
CA THR A 18 -6.72 -9.84 -16.85
C THR A 18 -5.41 -9.81 -17.62
N SER A 19 -4.46 -9.01 -17.14
CA SER A 19 -3.16 -8.89 -17.79
C SER A 19 -2.16 -9.86 -17.18
N GLY A 20 -2.48 -10.39 -16.00
CA GLY A 20 -1.60 -11.33 -15.34
C GLY A 20 -0.85 -10.71 -14.19
N GLY A 21 -1.17 -9.46 -13.87
CA GLY A 21 -0.51 -8.77 -12.79
C GLY A 21 -1.40 -8.58 -11.58
N ALA A 22 -0.79 -8.41 -10.41
CA ALA A 22 -1.54 -8.22 -9.17
C ALA A 22 -0.66 -7.61 -8.09
N SER A 23 -0.91 -6.34 -7.77
CA SER A 23 -0.15 -5.63 -6.75
C SER A 23 -1.06 -4.76 -5.89
N VAL A 24 -0.84 -4.81 -4.58
CA VAL A 24 -1.64 -4.02 -3.65
C VAL A 24 -1.13 -2.58 -3.57
N VAL A 25 -2.06 -1.63 -3.53
CA VAL A 25 -1.71 -0.22 -3.46
C VAL A 25 -2.23 0.40 -2.17
N CYS A 26 -1.40 1.26 -1.56
CA CYS A 26 -1.78 1.92 -0.32
C CYS A 26 -2.17 3.37 -0.57
N PHE A 27 -2.87 3.96 0.39
CA PHE A 27 -3.32 5.35 0.27
C PHE A 27 -2.77 6.20 1.42
N LEU A 28 -2.35 7.42 1.10
CA LEU A 28 -1.81 8.32 2.10
C LEU A 28 -2.54 9.66 2.06
N ASN A 29 -2.61 10.33 3.22
CA ASN A 29 -3.26 11.62 3.32
C ASN A 29 -2.26 12.74 3.61
N ASN A 30 -2.55 13.92 3.11
CA ASN A 30 -1.66 15.07 3.32
C ASN A 30 -0.78 14.87 4.54
N PHE A 31 0.50 14.59 4.31
CA PHE A 31 1.44 14.36 5.40
C PHE A 31 2.78 15.04 5.10
N TYR A 32 3.74 14.85 6.00
CA TYR A 32 5.06 15.44 5.84
C TYR A 32 5.56 15.28 4.41
N PRO A 33 6.77 15.79 4.13
CA PRO A 33 7.39 15.70 2.81
C PRO A 33 7.81 14.28 2.45
N LYS A 34 8.60 14.14 1.40
CA LYS A 34 9.08 12.84 0.96
C LYS A 34 9.57 12.01 2.14
N ASP A 35 10.18 12.68 3.12
CA ASP A 35 10.70 12.01 4.30
C ASP A 35 9.66 11.06 4.88
N ILE A 36 9.77 9.79 4.53
CA ILE A 36 8.84 8.77 5.01
C ILE A 36 9.20 7.39 4.48
N ASN A 37 8.97 6.36 5.29
CA ASN A 37 9.27 4.99 4.90
C ASN A 37 8.00 4.15 4.84
N VAL A 38 7.91 3.30 3.82
CA VAL A 38 6.75 2.44 3.63
C VAL A 38 7.15 0.99 3.55
N LYS A 39 6.32 0.10 4.11
CA LYS A 39 6.59 -1.32 4.10
C LYS A 39 5.30 -2.12 3.91
N TRP A 40 5.44 -3.37 3.45
CA TRP A 40 4.29 -4.23 3.24
C TRP A 40 4.43 -5.54 4.00
N LYS A 41 3.31 -6.07 4.48
CA LYS A 41 3.32 -7.32 5.23
C LYS A 41 2.15 -8.21 4.80
N ILE A 42 2.42 -9.50 4.65
CA ILE A 42 1.39 -10.46 4.26
C ILE A 42 1.04 -11.39 5.41
N ASP A 43 -0.18 -11.27 5.91
CA ASP A 43 -0.64 -12.10 7.01
C ASP A 43 0.24 -11.92 8.25
N GLY A 44 0.84 -10.75 8.35
CA GLY A 44 1.71 -10.46 9.49
C GLY A 44 3.15 -10.83 9.22
N SER A 45 3.47 -11.11 7.96
CA SER A 45 4.83 -11.47 7.58
C SER A 45 5.36 -10.54 6.49
N GLU A 46 6.38 -9.76 6.84
CA GLU A 46 6.98 -8.82 5.90
C GLU A 46 7.41 -9.53 4.62
N ARG A 47 7.06 -8.94 3.48
CA ARG A 47 7.39 -9.52 2.18
C ARG A 47 8.82 -9.13 1.78
N GLN A 48 9.33 -9.79 0.74
CA GLN A 48 10.67 -9.50 0.25
C GLN A 48 10.88 -8.01 0.04
N ASN A 49 11.99 -7.50 0.54
CA ASN A 49 12.30 -6.07 0.40
C ASN A 49 12.58 -5.71 -1.06
N GLY A 50 11.59 -5.14 -1.73
CA GLY A 50 11.75 -4.76 -3.12
C GLY A 50 10.43 -4.42 -3.78
N VAL A 51 9.53 -3.80 -3.03
CA VAL A 51 8.23 -3.43 -3.55
C VAL A 51 8.34 -2.27 -4.54
N LEU A 52 7.48 -2.27 -5.55
CA LEU A 52 7.48 -1.22 -6.56
C LEU A 52 6.99 0.10 -5.98
N ASN A 53 7.88 1.08 -5.93
CA ASN A 53 7.54 2.40 -5.39
C ASN A 53 7.51 3.45 -6.50
N SER A 54 6.84 4.56 -6.25
CA SER A 54 6.74 5.64 -7.22
C SER A 54 7.94 6.58 -7.12
N TRP A 55 7.91 7.65 -7.89
CA TRP A 55 8.99 8.63 -7.89
C TRP A 55 8.65 9.82 -7.00
N THR A 56 9.67 10.44 -6.43
CA THR A 56 9.49 11.58 -5.55
C THR A 56 8.96 12.79 -6.32
N ASP A 57 7.65 12.87 -6.47
CA ASP A 57 7.01 13.97 -7.19
C ASP A 57 6.65 15.11 -6.23
N GLN A 58 6.04 14.75 -5.11
CA GLN A 58 5.64 15.74 -4.10
C GLN A 58 5.05 16.98 -4.78
N ASP A 59 3.76 16.91 -5.10
CA ASP A 59 3.08 18.03 -5.74
C ASP A 59 3.32 19.32 -4.98
N SER A 60 3.34 20.43 -5.71
CA SER A 60 3.57 21.74 -5.11
C SER A 60 2.25 22.42 -4.76
N LYS A 61 1.24 22.17 -5.58
CA LYS A 61 -0.08 22.76 -5.37
C LYS A 61 -0.62 22.38 -3.99
N ASP A 62 -0.26 21.20 -3.52
CA ASP A 62 -0.71 20.72 -2.21
C ASP A 62 0.32 21.07 -1.14
N SER A 63 1.55 21.25 -1.55
CA SER A 63 2.63 21.58 -0.61
C SER A 63 2.90 20.41 0.34
N THR A 64 2.80 19.19 -0.19
CA THR A 64 3.03 17.99 0.61
C THR A 64 3.31 16.79 -0.29
N TYR A 65 3.63 15.66 0.34
CA TYR A 65 3.92 14.44 -0.39
C TYR A 65 2.93 13.33 -0.05
N SER A 66 2.65 12.47 -1.02
CA SER A 66 1.72 11.37 -0.81
C SER A 66 1.55 10.56 -2.10
N MET A 67 2.32 9.50 -2.22
CA MET A 67 2.26 8.63 -3.40
C MET A 67 1.79 7.23 -3.03
N SER A 68 1.43 6.44 -4.04
CA SER A 68 0.95 5.08 -3.81
C SER A 68 2.10 4.08 -3.88
N SER A 69 2.02 3.04 -3.06
CA SER A 69 3.06 2.01 -3.02
C SER A 69 2.53 0.70 -3.59
N THR A 70 3.16 0.23 -4.67
CA THR A 70 2.77 -1.01 -5.31
C THR A 70 3.64 -2.16 -4.87
N LEU A 71 3.03 -3.31 -4.61
CA LEU A 71 3.76 -4.50 -4.18
C LEU A 71 4.02 -5.44 -5.34
N THR A 72 5.29 -5.70 -5.63
CA THR A 72 5.67 -6.59 -6.72
C THR A 72 5.17 -8.00 -6.48
N LEU A 73 4.08 -8.36 -7.15
CA LEU A 73 3.50 -9.69 -7.02
C LEU A 73 2.79 -10.11 -8.30
N THR A 74 2.89 -11.39 -8.63
CA THR A 74 2.26 -11.92 -9.83
C THR A 74 0.76 -12.13 -9.61
N LYS A 75 0.04 -12.37 -10.70
CA LYS A 75 -1.41 -12.60 -10.63
C LYS A 75 -1.72 -13.86 -9.84
N ASP A 76 -1.21 -14.99 -10.32
CA ASP A 76 -1.44 -16.27 -9.66
C ASP A 76 -0.93 -16.24 -8.21
N GLU A 77 -0.07 -15.27 -7.91
CA GLU A 77 0.48 -15.12 -6.58
C GLU A 77 -0.51 -14.44 -5.65
N TYR A 78 -1.61 -13.96 -6.21
CA TYR A 78 -2.64 -13.27 -5.44
C TYR A 78 -3.49 -14.27 -4.66
N GLU A 79 -3.29 -15.55 -4.96
CA GLU A 79 -4.05 -16.61 -4.28
C GLU A 79 -3.31 -17.09 -3.04
N ARG A 80 -2.05 -16.70 -2.91
CA ARG A 80 -1.23 -17.09 -1.78
C ARG A 80 -1.38 -16.10 -0.63
N HIS A 81 -1.76 -14.86 -0.96
CA HIS A 81 -1.94 -13.82 0.03
C HIS A 81 -3.37 -13.31 0.04
N ASN A 82 -4.04 -13.44 1.17
CA ASN A 82 -5.43 -13.00 1.31
C ASN A 82 -5.52 -11.76 2.20
N SER A 83 -4.57 -11.64 3.13
CA SER A 83 -4.54 -10.50 4.04
C SER A 83 -3.35 -9.59 3.74
N TYR A 84 -3.65 -8.39 3.27
CA TYR A 84 -2.60 -7.43 2.94
C TYR A 84 -2.40 -6.43 4.08
N THR A 85 -1.22 -5.84 4.15
CA THR A 85 -0.90 -4.87 5.18
C THR A 85 0.05 -3.79 4.66
N CYS A 86 -0.30 -2.54 4.91
CA CYS A 86 0.52 -1.42 4.47
C CYS A 86 1.07 -0.63 5.66
N GLU A 87 2.38 -0.75 5.89
CA GLU A 87 3.03 -0.05 6.99
C GLU A 87 3.66 1.25 6.52
N ALA A 88 3.54 2.29 7.33
CA ALA A 88 4.11 3.60 7.00
C ALA A 88 4.71 4.25 8.23
N THR A 89 5.89 4.85 8.06
CA THR A 89 6.58 5.52 9.15
C THR A 89 7.13 6.86 8.71
N HIS A 90 6.69 7.93 9.38
CA HIS A 90 7.15 9.28 9.06
C HIS A 90 7.73 9.96 10.29
N LYS A 91 8.07 11.25 10.14
CA LYS A 91 8.63 12.02 11.24
C LYS A 91 7.54 12.45 12.21
N THR A 92 6.39 12.85 11.68
CA THR A 92 5.27 13.28 12.49
C THR A 92 4.83 12.18 13.46
N SER A 93 5.09 10.94 13.07
CA SER A 93 4.70 9.79 13.90
C SER A 93 5.74 8.68 13.78
N THR A 94 6.51 8.48 14.85
CA THR A 94 7.54 7.44 14.87
C THR A 94 6.92 6.05 14.74
N SER A 95 5.73 5.88 15.31
CA SER A 95 5.03 4.60 15.27
C SER A 95 4.62 4.25 13.84
N PRO A 96 5.06 3.07 13.37
CA PRO A 96 4.76 2.60 12.02
C PRO A 96 3.29 2.23 11.85
N ILE A 97 2.55 3.07 11.15
CA ILE A 97 1.12 2.82 10.92
C ILE A 97 0.92 1.64 9.99
N VAL A 98 0.51 0.51 10.55
CA VAL A 98 0.28 -0.70 9.77
C VAL A 98 -1.22 -0.98 9.63
N LYS A 99 -1.72 -0.93 8.40
CA LYS A 99 -3.13 -1.19 8.14
C LYS A 99 -3.32 -2.51 7.41
N SER A 100 -3.98 -3.45 8.07
CA SER A 100 -4.23 -4.76 7.50
C SER A 100 -5.73 -5.04 7.38
N PHE A 101 -6.10 -5.87 6.41
CA PHE A 101 -7.50 -6.21 6.19
C PHE A 101 -7.62 -7.51 5.41
N ASN A 102 -8.70 -8.24 5.66
CA ASN A 102 -8.94 -9.51 4.98
C ASN A 102 -9.75 -9.30 3.70
N ARG A 103 -9.13 -9.59 2.56
CA ARG A 103 -9.79 -9.43 1.27
C ARG A 103 -10.70 -10.62 0.97
N ASN A 104 -10.37 -11.76 1.56
CA ASN A 104 -11.16 -12.97 1.36
C ASN A 104 -12.54 -12.84 2.00
N GLU A 105 -12.59 -12.15 3.13
CA GLU A 105 -13.84 -11.94 3.84
C GLU A 105 -14.56 -10.69 3.34
N SER A 106 -13.79 -9.65 3.07
CA SER A 106 -14.35 -8.39 2.59
C SER A 106 -14.40 -8.37 1.06
N GLU A 107 -14.20 -9.53 0.45
CA GLU A 107 -14.22 -9.66 -1.00
C GLU A 107 -15.46 -8.99 -1.58
N ASN A 108 -15.26 -7.92 -2.35
CA ASN A 108 -16.37 -7.21 -2.96
C ASN A 108 -16.36 -7.38 -4.48
N LEU A 109 -15.17 -7.46 -5.06
CA LEU A 109 -15.03 -7.64 -6.51
C LEU A 109 -15.53 -9.01 -6.93
N TYR A 110 -15.36 -9.32 -8.21
CA TYR A 110 -15.79 -10.61 -8.75
C TYR A 110 -15.27 -11.76 -7.90
N PHE A 111 -15.80 -12.95 -8.13
CA PHE A 111 -15.38 -14.13 -7.39
C PHE A 111 -14.01 -14.61 -7.85
N GLN A 112 -13.48 -15.61 -7.14
CA GLN A 112 -12.16 -16.16 -7.48
C GLN A 112 -12.23 -17.00 -8.76
N ALA A 1 4.14 21.28 6.55
CA ALA A 1 3.84 21.22 7.98
C ALA A 1 3.68 19.77 8.44
N ASP A 2 4.07 19.51 9.69
CA ASP A 2 3.96 18.17 10.25
C ASP A 2 2.54 17.63 10.12
N ALA A 3 2.40 16.55 9.38
CA ALA A 3 1.09 15.92 9.16
C ALA A 3 1.22 14.43 8.94
N ALA A 4 0.32 13.66 9.55
CA ALA A 4 0.34 12.21 9.40
C ALA A 4 -0.68 11.74 8.37
N PRO A 5 -0.29 10.75 7.56
CA PRO A 5 -1.15 10.19 6.51
C PRO A 5 -2.33 9.40 7.09
N THR A 6 -3.10 8.77 6.21
CA THR A 6 -4.25 7.98 6.63
C THR A 6 -3.97 6.49 6.50
N VAL A 7 -4.92 5.67 6.97
CA VAL A 7 -4.77 4.22 6.90
C VAL A 7 -5.72 3.61 5.87
N SER A 8 -5.21 3.33 4.68
CA SER A 8 -6.00 2.75 3.61
C SER A 8 -5.33 1.51 3.03
N ILE A 9 -6.14 0.56 2.57
CA ILE A 9 -5.61 -0.66 1.99
C ILE A 9 -6.50 -1.15 0.84
N PHE A 10 -5.90 -1.37 -0.31
CA PHE A 10 -6.63 -1.84 -1.48
C PHE A 10 -5.84 -2.92 -2.22
N PRO A 11 -6.25 -4.18 -2.04
CA PRO A 11 -5.60 -5.32 -2.68
C PRO A 11 -5.84 -5.37 -4.18
N PRO A 12 -5.14 -6.28 -4.87
CA PRO A 12 -5.27 -6.44 -6.33
C PRO A 12 -6.61 -7.04 -6.72
N SER A 13 -7.37 -6.30 -7.54
CA SER A 13 -8.68 -6.76 -7.99
C SER A 13 -8.55 -7.65 -9.23
N SER A 14 -9.67 -8.16 -9.71
CA SER A 14 -9.69 -9.02 -10.88
C SER A 14 -9.38 -8.23 -12.15
N GLU A 15 -9.63 -6.92 -12.09
CA GLU A 15 -9.39 -6.05 -13.22
C GLU A 15 -7.97 -6.25 -13.78
N GLN A 16 -6.98 -6.12 -12.90
CA GLN A 16 -5.59 -6.30 -13.30
C GLN A 16 -5.26 -7.77 -13.54
N LEU A 17 -5.97 -8.65 -12.86
CA LEU A 17 -5.77 -10.08 -13.00
C LEU A 17 -5.93 -10.52 -14.44
N THR A 18 -6.83 -9.84 -15.16
CA THR A 18 -7.08 -10.16 -16.56
C THR A 18 -5.79 -10.12 -17.38
N SER A 19 -4.85 -9.29 -16.93
CA SER A 19 -3.57 -9.16 -17.62
C SER A 19 -2.54 -10.10 -17.04
N GLY A 20 -2.81 -10.62 -15.85
CA GLY A 20 -1.90 -11.54 -15.20
C GLY A 20 -1.12 -10.88 -14.08
N GLY A 21 -1.46 -9.63 -13.77
CA GLY A 21 -0.77 -8.91 -12.72
C GLY A 21 -1.63 -8.73 -11.48
N ALA A 22 -0.99 -8.55 -10.34
CA ALA A 22 -1.70 -8.36 -9.08
C ALA A 22 -0.80 -7.76 -8.01
N SER A 23 -1.02 -6.49 -7.69
CA SER A 23 -0.22 -5.80 -6.68
C SER A 23 -1.09 -4.93 -5.79
N VAL A 24 -0.82 -4.97 -4.49
CA VAL A 24 -1.59 -4.17 -3.53
C VAL A 24 -1.11 -2.73 -3.50
N VAL A 25 -2.06 -1.80 -3.43
CA VAL A 25 -1.73 -0.38 -3.40
C VAL A 25 -2.23 0.27 -2.11
N CYS A 26 -1.42 1.16 -1.54
CA CYS A 26 -1.78 1.85 -0.32
C CYS A 26 -2.15 3.31 -0.60
N PHE A 27 -2.83 3.93 0.36
CA PHE A 27 -3.24 5.32 0.21
C PHE A 27 -2.70 6.18 1.36
N LEU A 28 -2.29 7.39 1.03
CA LEU A 28 -1.75 8.31 2.03
C LEU A 28 -2.49 9.64 2.01
N ASN A 29 -2.53 10.31 3.15
CA ASN A 29 -3.21 11.60 3.27
C ASN A 29 -2.21 12.72 3.55
N ASN A 30 -2.51 13.91 3.05
CA ASN A 30 -1.64 15.06 3.25
C ASN A 30 -0.75 14.87 4.48
N PHE A 31 0.52 14.56 4.24
CA PHE A 31 1.47 14.36 5.33
C PHE A 31 2.81 15.02 5.02
N TYR A 32 3.77 14.84 5.91
CA TYR A 32 5.09 15.42 5.73
C TYR A 32 5.58 15.24 4.30
N PRO A 33 6.78 15.76 4.02
CA PRO A 33 7.38 15.67 2.68
C PRO A 33 7.80 14.24 2.32
N LYS A 34 8.62 14.12 1.29
CA LYS A 34 9.10 12.81 0.85
C LYS A 34 9.55 11.97 2.03
N ASP A 35 10.34 12.57 2.91
CA ASP A 35 10.83 11.86 4.10
C ASP A 35 9.78 10.94 4.66
N ILE A 36 9.90 9.65 4.37
CA ILE A 36 8.95 8.66 4.86
C ILE A 36 9.35 7.25 4.42
N ASN A 37 8.97 6.26 5.23
CA ASN A 37 9.29 4.86 4.93
C ASN A 37 8.02 4.02 4.83
N VAL A 38 7.91 3.26 3.76
CA VAL A 38 6.74 2.40 3.55
C VAL A 38 7.15 0.93 3.48
N LYS A 39 6.30 0.07 4.03
CA LYS A 39 6.56 -1.36 4.03
C LYS A 39 5.27 -2.16 3.86
N TRP A 40 5.40 -3.41 3.42
CA TRP A 40 4.25 -4.27 3.22
C TRP A 40 4.39 -5.57 4.00
N LYS A 41 3.26 -6.10 4.48
CA LYS A 41 3.26 -7.33 5.24
C LYS A 41 2.08 -8.21 4.85
N ILE A 42 2.33 -9.52 4.73
CA ILE A 42 1.28 -10.45 4.37
C ILE A 42 0.92 -11.37 5.55
N ASP A 43 -0.29 -11.20 6.06
CA ASP A 43 -0.76 -12.00 7.18
C ASP A 43 0.14 -11.82 8.40
N GLY A 44 0.78 -10.66 8.48
CA GLY A 44 1.67 -10.38 9.59
C GLY A 44 3.10 -10.79 9.31
N SER A 45 3.40 -11.09 8.05
CA SER A 45 4.74 -11.50 7.65
C SER A 45 5.29 -10.56 6.58
N GLU A 46 6.34 -9.83 6.92
CA GLU A 46 6.97 -8.90 5.99
C GLU A 46 7.35 -9.61 4.70
N ARG A 47 7.06 -8.96 3.57
CA ARG A 47 7.37 -9.52 2.26
C ARG A 47 8.77 -9.13 1.81
N GLN A 48 9.31 -9.86 0.83
CA GLN A 48 10.65 -9.58 0.32
C GLN A 48 10.77 -8.12 -0.10
N ASN A 49 12.01 -7.69 -0.37
CA ASN A 49 12.26 -6.32 -0.78
C ASN A 49 12.02 -6.15 -2.28
N GLY A 50 11.97 -4.90 -2.73
CA GLY A 50 11.76 -4.62 -4.14
C GLY A 50 10.35 -4.14 -4.43
N VAL A 51 9.81 -3.35 -3.52
CA VAL A 51 8.45 -2.82 -3.68
C VAL A 51 8.42 -1.71 -4.71
N LEU A 52 7.34 -1.67 -5.49
CA LEU A 52 7.18 -0.65 -6.54
C LEU A 52 6.75 0.68 -5.93
N ASN A 53 7.47 1.74 -6.28
CA ASN A 53 7.16 3.08 -5.78
C ASN A 53 7.18 4.10 -6.91
N SER A 54 6.47 5.21 -6.71
CA SER A 54 6.40 6.27 -7.71
C SER A 54 7.54 7.27 -7.51
N TRP A 55 7.53 8.33 -8.31
CA TRP A 55 8.55 9.37 -8.23
C TRP A 55 8.06 10.55 -7.39
N THR A 56 8.95 11.10 -6.58
CA THR A 56 8.61 12.23 -5.72
C THR A 56 7.90 13.33 -6.52
N ASP A 57 6.57 13.35 -6.42
CA ASP A 57 5.78 14.33 -7.14
C ASP A 57 5.49 15.54 -6.24
N GLN A 58 6.11 15.56 -5.07
CA GLN A 58 5.91 16.66 -4.13
C GLN A 58 6.14 18.00 -4.81
N ASP A 59 5.31 18.99 -4.47
CA ASP A 59 5.42 20.32 -5.05
C ASP A 59 5.02 21.38 -4.03
N SER A 60 4.99 22.63 -4.48
CA SER A 60 4.64 23.75 -3.61
C SER A 60 3.13 24.02 -3.66
N LYS A 61 2.54 23.80 -4.83
CA LYS A 61 1.11 24.02 -5.01
C LYS A 61 0.30 23.17 -4.05
N ASP A 62 0.82 21.98 -3.75
CA ASP A 62 0.14 21.06 -2.83
C ASP A 62 0.67 21.22 -1.41
N SER A 63 1.91 21.69 -1.30
CA SER A 63 2.54 21.88 0.00
C SER A 63 2.50 20.60 0.82
N THR A 64 2.59 19.46 0.14
CA THR A 64 2.57 18.16 0.80
C THR A 64 3.06 17.06 -0.13
N TYR A 65 3.11 15.84 0.38
CA TYR A 65 3.56 14.70 -0.41
C TYR A 65 2.75 13.45 -0.07
N SER A 66 2.60 12.57 -1.05
CA SER A 66 1.84 11.34 -0.86
C SER A 66 1.81 10.51 -2.14
N MET A 67 2.23 9.26 -2.06
CA MET A 67 2.25 8.37 -3.21
C MET A 67 1.68 7.00 -2.85
N SER A 68 1.40 6.20 -3.88
CA SER A 68 0.85 4.86 -3.66
C SER A 68 1.92 3.80 -3.89
N SER A 69 2.14 2.95 -2.89
CA SER A 69 3.13 1.89 -2.98
C SER A 69 2.50 0.60 -3.54
N THR A 70 3.10 0.09 -4.61
CA THR A 70 2.60 -1.13 -5.24
C THR A 70 3.53 -2.31 -4.96
N LEU A 71 2.99 -3.32 -4.28
CA LEU A 71 3.77 -4.51 -3.94
C LEU A 71 3.92 -5.42 -5.15
N THR A 72 5.17 -5.65 -5.56
CA THR A 72 5.44 -6.51 -6.71
C THR A 72 4.99 -7.94 -6.45
N LEU A 73 3.92 -8.35 -7.12
CA LEU A 73 3.39 -9.70 -6.97
C LEU A 73 2.67 -10.15 -8.24
N THR A 74 2.77 -11.43 -8.54
CA THR A 74 2.11 -12.00 -9.72
C THR A 74 0.63 -12.22 -9.49
N LYS A 75 -0.10 -12.51 -10.55
CA LYS A 75 -1.54 -12.75 -10.46
C LYS A 75 -1.82 -14.02 -9.65
N ASP A 76 -1.30 -15.14 -10.12
CA ASP A 76 -1.49 -16.43 -9.45
C ASP A 76 -0.97 -16.36 -8.02
N GLU A 77 -0.13 -15.38 -7.74
CA GLU A 77 0.44 -15.20 -6.41
C GLU A 77 -0.56 -14.53 -5.47
N TYR A 78 -1.67 -14.06 -6.04
CA TYR A 78 -2.70 -13.39 -5.26
C TYR A 78 -3.53 -14.40 -4.47
N GLU A 79 -3.33 -15.68 -4.76
CA GLU A 79 -4.07 -16.74 -4.09
C GLU A 79 -3.31 -17.21 -2.84
N ARG A 80 -2.05 -16.80 -2.73
CA ARG A 80 -1.23 -17.18 -1.59
C ARG A 80 -1.39 -16.19 -0.45
N HIS A 81 -1.80 -14.97 -0.78
CA HIS A 81 -1.99 -13.92 0.21
C HIS A 81 -3.44 -13.45 0.23
N ASN A 82 -4.07 -13.56 1.39
CA ASN A 82 -5.47 -13.15 1.54
C ASN A 82 -5.57 -11.89 2.40
N SER A 83 -4.63 -11.73 3.33
CA SER A 83 -4.62 -10.58 4.22
C SER A 83 -3.44 -9.67 3.91
N TYR A 84 -3.73 -8.47 3.40
CA TYR A 84 -2.70 -7.51 3.05
C TYR A 84 -2.50 -6.50 4.18
N THR A 85 -1.31 -5.91 4.24
CA THR A 85 -0.98 -4.93 5.27
C THR A 85 -0.02 -3.88 4.74
N CYS A 86 -0.36 -2.61 4.94
CA CYS A 86 0.48 -1.51 4.49
C CYS A 86 1.04 -0.73 5.67
N GLU A 87 2.34 -0.84 5.88
CA GLU A 87 3.01 -0.14 6.98
C GLU A 87 3.63 1.16 6.50
N ALA A 88 3.51 2.21 7.30
CA ALA A 88 4.06 3.51 6.96
C ALA A 88 4.68 4.19 8.18
N THR A 89 5.86 4.78 7.99
CA THR A 89 6.55 5.45 9.08
C THR A 89 7.11 6.80 8.61
N HIS A 90 6.65 7.87 9.26
CA HIS A 90 7.10 9.22 8.91
C HIS A 90 7.73 9.90 10.13
N LYS A 91 8.07 11.18 9.96
CA LYS A 91 8.68 11.95 11.05
C LYS A 91 7.62 12.40 12.05
N THR A 92 6.47 12.82 11.53
CA THR A 92 5.38 13.28 12.38
C THR A 92 4.94 12.20 13.36
N SER A 93 5.17 10.94 12.99
CA SER A 93 4.80 9.81 13.84
C SER A 93 5.81 8.68 13.70
N THR A 94 6.60 8.46 14.74
CA THR A 94 7.60 7.40 14.73
C THR A 94 6.95 6.03 14.63
N SER A 95 5.78 5.88 15.24
CA SER A 95 5.06 4.62 15.22
C SER A 95 4.65 4.25 13.79
N PRO A 96 5.09 3.06 13.35
CA PRO A 96 4.79 2.57 12.00
C PRO A 96 3.31 2.19 11.84
N ILE A 97 2.56 3.05 11.16
CA ILE A 97 1.14 2.80 10.93
C ILE A 97 0.93 1.61 10.01
N VAL A 98 0.49 0.50 10.58
CA VAL A 98 0.24 -0.71 9.80
C VAL A 98 -1.25 -0.98 9.67
N LYS A 99 -1.75 -0.96 8.44
CA LYS A 99 -3.15 -1.20 8.17
C LYS A 99 -3.36 -2.53 7.45
N SER A 100 -4.02 -3.46 8.12
CA SER A 100 -4.27 -4.78 7.54
C SER A 100 -5.77 -5.07 7.47
N PHE A 101 -6.16 -5.88 6.50
CA PHE A 101 -7.57 -6.24 6.32
C PHE A 101 -7.71 -7.55 5.56
N ASN A 102 -8.78 -8.28 5.84
CA ASN A 102 -9.03 -9.56 5.19
C ASN A 102 -9.88 -9.38 3.94
N ARG A 103 -9.26 -9.59 2.77
CA ARG A 103 -9.96 -9.44 1.50
C ARG A 103 -10.92 -10.61 1.27
N ASN A 104 -10.56 -11.78 1.79
CA ASN A 104 -11.38 -12.97 1.64
C ASN A 104 -12.83 -12.68 2.03
N GLU A 105 -13.01 -11.83 3.04
CA GLU A 105 -14.34 -11.48 3.51
C GLU A 105 -14.98 -10.44 2.60
N SER A 106 -14.15 -9.55 2.05
CA SER A 106 -14.64 -8.51 1.16
C SER A 106 -14.61 -8.96 -0.29
N GLU A 107 -14.44 -10.27 -0.49
CA GLU A 107 -14.39 -10.84 -1.83
C GLU A 107 -15.56 -10.35 -2.67
N ASN A 108 -15.28 -9.42 -3.58
CA ASN A 108 -16.31 -8.86 -4.45
C ASN A 108 -15.89 -8.96 -5.92
N LEU A 109 -14.60 -8.78 -6.17
CA LEU A 109 -14.07 -8.84 -7.53
C LEU A 109 -13.55 -10.24 -7.84
N TYR A 110 -14.16 -11.25 -7.23
CA TYR A 110 -13.76 -12.63 -7.46
C TYR A 110 -14.98 -13.52 -7.69
N PHE A 111 -14.82 -14.49 -8.58
CA PHE A 111 -15.91 -15.41 -8.89
C PHE A 111 -16.39 -16.14 -7.64
N GLN A 112 -17.57 -15.77 -7.16
CA GLN A 112 -18.14 -16.40 -5.97
C GLN A 112 -18.25 -17.91 -6.14
N ALA A 1 4.17 21.25 6.35
CA ALA A 1 3.76 21.22 7.75
C ALA A 1 3.60 19.78 8.23
N ASP A 2 3.93 19.55 9.49
CA ASP A 2 3.81 18.23 10.08
C ASP A 2 2.39 17.69 9.95
N ALA A 3 2.24 16.59 9.21
CA ALA A 3 0.94 15.98 9.00
C ALA A 3 1.06 14.47 8.79
N ALA A 4 0.19 13.71 9.42
CA ALA A 4 0.20 12.26 9.30
C ALA A 4 -0.85 11.78 8.31
N PRO A 5 -0.49 10.77 7.50
CA PRO A 5 -1.38 10.20 6.49
C PRO A 5 -2.54 9.43 7.11
N THR A 6 -3.27 8.68 6.28
CA THR A 6 -4.39 7.89 6.75
C THR A 6 -4.11 6.39 6.63
N VAL A 7 -5.03 5.58 7.12
CA VAL A 7 -4.88 4.13 7.06
C VAL A 7 -5.84 3.52 6.05
N SER A 8 -5.33 3.23 4.86
CA SER A 8 -6.14 2.65 3.80
C SER A 8 -5.46 1.42 3.20
N ILE A 9 -6.26 0.50 2.68
CA ILE A 9 -5.73 -0.72 2.08
C ILE A 9 -6.59 -1.18 0.91
N PHE A 10 -5.97 -1.36 -0.25
CA PHE A 10 -6.68 -1.80 -1.44
C PHE A 10 -5.88 -2.86 -2.20
N PRO A 11 -6.27 -4.13 -2.04
CA PRO A 11 -5.60 -5.25 -2.70
C PRO A 11 -5.84 -5.27 -4.21
N PRO A 12 -5.12 -6.15 -4.91
CA PRO A 12 -5.25 -6.28 -6.37
C PRO A 12 -6.58 -6.90 -6.78
N SER A 13 -7.32 -6.17 -7.61
CA SER A 13 -8.62 -6.65 -8.08
C SER A 13 -8.47 -7.52 -9.33
N SER A 14 -9.59 -8.04 -9.82
CA SER A 14 -9.58 -8.88 -11.00
C SER A 14 -9.28 -8.07 -12.26
N GLU A 15 -9.55 -6.77 -12.19
CA GLU A 15 -9.33 -5.88 -13.32
C GLU A 15 -7.91 -6.05 -13.86
N GLN A 16 -6.92 -5.92 -12.98
CA GLN A 16 -5.53 -6.06 -13.37
C GLN A 16 -5.17 -7.52 -13.64
N LEU A 17 -5.86 -8.42 -12.96
CA LEU A 17 -5.63 -9.86 -13.13
C LEU A 17 -5.78 -10.26 -14.58
N THR A 18 -6.69 -9.60 -15.30
CA THR A 18 -6.92 -9.90 -16.70
C THR A 18 -5.63 -9.82 -17.51
N SER A 19 -4.70 -9.00 -17.04
CA SER A 19 -3.42 -8.82 -17.72
C SER A 19 -2.38 -9.76 -17.14
N GLY A 20 -2.65 -10.29 -15.96
CA GLY A 20 -1.72 -11.20 -15.32
C GLY A 20 -0.96 -10.56 -14.19
N GLY A 21 -1.33 -9.32 -13.86
CA GLY A 21 -0.66 -8.60 -12.79
C GLY A 21 -1.53 -8.45 -11.56
N ALA A 22 -0.90 -8.29 -10.41
CA ALA A 22 -1.62 -8.13 -9.14
C ALA A 22 -0.73 -7.55 -8.07
N SER A 23 -0.98 -6.28 -7.72
CA SER A 23 -0.20 -5.60 -6.70
C SER A 23 -1.10 -4.76 -5.79
N VAL A 24 -0.80 -4.79 -4.50
CA VAL A 24 -1.58 -4.04 -3.52
C VAL A 24 -1.15 -2.58 -3.47
N VAL A 25 -2.11 -1.68 -3.38
CA VAL A 25 -1.83 -0.26 -3.33
C VAL A 25 -2.36 0.37 -2.03
N CYS A 26 -1.57 1.26 -1.45
CA CYS A 26 -1.96 1.93 -0.21
C CYS A 26 -2.37 3.37 -0.47
N PHE A 27 -3.06 3.96 0.50
CA PHE A 27 -3.51 5.34 0.36
C PHE A 27 -2.95 6.21 1.49
N LEU A 28 -2.46 7.39 1.12
CA LEU A 28 -1.88 8.31 2.10
C LEU A 28 -2.53 9.69 2.00
N ASN A 29 -2.77 10.30 3.15
CA ASN A 29 -3.39 11.62 3.20
C ASN A 29 -2.35 12.71 3.42
N ASN A 30 -2.64 13.92 2.95
CA ASN A 30 -1.73 15.04 3.10
C ASN A 30 -0.84 14.87 4.33
N PHE A 31 0.42 14.55 4.10
CA PHE A 31 1.37 14.34 5.19
C PHE A 31 2.70 15.01 4.88
N TYR A 32 3.66 14.85 5.78
CA TYR A 32 4.99 15.43 5.60
C TYR A 32 5.48 15.24 4.18
N PRO A 33 6.70 15.74 3.89
CA PRO A 33 7.31 15.63 2.57
C PRO A 33 7.73 14.20 2.24
N LYS A 34 8.52 14.04 1.19
CA LYS A 34 8.99 12.73 0.77
C LYS A 34 9.49 11.92 1.96
N ASP A 35 10.11 12.61 2.92
CA ASP A 35 10.62 11.95 4.11
C ASP A 35 9.59 11.01 4.71
N ILE A 36 9.68 9.74 4.37
CA ILE A 36 8.75 8.74 4.88
C ILE A 36 9.09 7.35 4.36
N ASN A 37 8.86 6.33 5.19
CA ASN A 37 9.14 4.95 4.82
C ASN A 37 7.86 4.13 4.77
N VAL A 38 7.79 3.22 3.80
CA VAL A 38 6.62 2.37 3.65
C VAL A 38 7.02 0.89 3.57
N LYS A 39 6.19 0.03 4.13
CA LYS A 39 6.45 -1.40 4.11
C LYS A 39 5.17 -2.20 3.93
N TRP A 40 5.29 -3.43 3.45
CA TRP A 40 4.14 -4.29 3.23
C TRP A 40 4.29 -5.62 3.97
N LYS A 41 3.19 -6.14 4.49
CA LYS A 41 3.20 -7.40 5.21
C LYS A 41 2.03 -8.29 4.79
N ILE A 42 2.29 -9.59 4.70
CA ILE A 42 1.25 -10.54 4.31
C ILE A 42 0.96 -11.52 5.45
N ASP A 43 -0.22 -11.37 6.05
CA ASP A 43 -0.63 -12.23 7.15
C ASP A 43 0.34 -12.11 8.33
N GLY A 44 0.99 -10.97 8.44
CA GLY A 44 1.93 -10.75 9.52
C GLY A 44 3.35 -11.09 9.13
N SER A 45 3.58 -11.28 7.83
CA SER A 45 4.91 -11.62 7.33
C SER A 45 5.38 -10.58 6.31
N GLU A 46 6.42 -9.84 6.67
CA GLU A 46 6.97 -8.82 5.80
C GLU A 46 7.34 -9.41 4.44
N ARG A 47 6.97 -8.71 3.37
CA ARG A 47 7.26 -9.16 2.02
C ARG A 47 8.69 -8.84 1.63
N GLN A 48 9.17 -9.46 0.55
CA GLN A 48 10.53 -9.22 0.08
C GLN A 48 10.83 -7.73 -0.02
N ASN A 49 12.08 -7.36 0.21
CA ASN A 49 12.49 -5.97 0.15
C ASN A 49 12.65 -5.51 -1.30
N GLY A 50 11.55 -5.51 -2.04
CA GLY A 50 11.59 -5.10 -3.43
C GLY A 50 10.25 -4.58 -3.92
N VAL A 51 9.54 -3.85 -3.06
CA VAL A 51 8.24 -3.30 -3.41
C VAL A 51 8.38 -2.16 -4.41
N LEU A 52 7.53 -2.17 -5.44
CA LEU A 52 7.56 -1.13 -6.45
C LEU A 52 6.99 0.18 -5.93
N ASN A 53 7.84 1.20 -5.84
CA ASN A 53 7.43 2.50 -5.34
C ASN A 53 7.41 3.53 -6.47
N SER A 54 6.65 4.61 -6.27
CA SER A 54 6.54 5.66 -7.27
C SER A 54 7.64 6.71 -7.08
N TRP A 55 7.59 7.75 -7.89
CA TRP A 55 8.59 8.82 -7.82
C TRP A 55 8.04 10.01 -7.03
N THR A 56 8.93 10.73 -6.36
CA THR A 56 8.55 11.89 -5.57
C THR A 56 7.86 12.94 -6.45
N ASP A 57 6.54 12.92 -6.47
CA ASP A 57 5.77 13.88 -7.25
C ASP A 57 5.43 15.12 -6.44
N GLN A 58 5.98 15.19 -5.23
CA GLN A 58 5.75 16.33 -4.35
C GLN A 58 6.02 17.64 -5.07
N ASP A 59 5.11 18.60 -4.90
CA ASP A 59 5.24 19.90 -5.53
C ASP A 59 5.22 21.02 -4.49
N SER A 60 5.29 22.26 -4.96
CA SER A 60 5.28 23.42 -4.07
C SER A 60 3.86 23.94 -3.87
N LYS A 61 3.04 23.81 -4.91
CA LYS A 61 1.66 24.27 -4.84
C LYS A 61 0.85 23.45 -3.84
N ASP A 62 1.24 22.19 -3.67
CA ASP A 62 0.56 21.31 -2.72
C ASP A 62 1.24 21.35 -1.36
N SER A 63 2.52 21.66 -1.35
CA SER A 63 3.29 21.73 -0.11
C SER A 63 3.11 20.45 0.71
N THR A 64 3.01 19.33 0.01
CA THR A 64 2.83 18.04 0.67
C THR A 64 3.20 16.89 -0.27
N TYR A 65 3.21 15.68 0.27
CA TYR A 65 3.56 14.50 -0.52
C TYR A 65 2.65 13.33 -0.16
N SER A 66 2.41 12.44 -1.13
CA SER A 66 1.56 11.28 -0.92
C SER A 66 1.44 10.46 -2.20
N MET A 67 2.19 9.36 -2.26
CA MET A 67 2.16 8.49 -3.43
C MET A 67 1.63 7.11 -3.06
N SER A 68 1.28 6.32 -4.07
CA SER A 68 0.76 4.98 -3.86
C SER A 68 1.87 3.94 -3.94
N SER A 69 1.89 3.02 -2.99
CA SER A 69 2.90 1.97 -2.95
C SER A 69 2.37 0.68 -3.53
N THR A 70 2.93 0.26 -4.67
CA THR A 70 2.51 -0.96 -5.33
C THR A 70 3.47 -2.11 -5.03
N LEU A 71 2.97 -3.13 -4.35
CA LEU A 71 3.78 -4.30 -4.00
C LEU A 71 3.99 -5.20 -5.20
N THR A 72 5.24 -5.43 -5.56
CA THR A 72 5.57 -6.29 -6.69
C THR A 72 5.10 -7.72 -6.46
N LEU A 73 4.03 -8.11 -7.15
CA LEU A 73 3.49 -9.45 -7.02
C LEU A 73 2.79 -9.89 -8.30
N THR A 74 2.89 -11.18 -8.62
CA THR A 74 2.26 -11.71 -9.81
C THR A 74 0.77 -11.97 -9.60
N LYS A 75 0.05 -12.22 -10.68
CA LYS A 75 -1.38 -12.49 -10.60
C LYS A 75 -1.66 -13.77 -9.82
N ASP A 76 -1.11 -14.88 -10.31
CA ASP A 76 -1.29 -16.17 -9.66
C ASP A 76 -0.79 -16.13 -8.22
N GLU A 77 0.04 -15.14 -7.91
CA GLU A 77 0.59 -14.99 -6.57
C GLU A 77 -0.43 -14.34 -5.63
N TYR A 78 -1.54 -13.88 -6.21
CA TYR A 78 -2.58 -13.23 -5.42
C TYR A 78 -3.41 -14.27 -4.67
N GLU A 79 -3.20 -15.54 -4.99
CA GLU A 79 -3.92 -16.63 -4.35
C GLU A 79 -3.18 -17.12 -3.11
N ARG A 80 -1.92 -16.70 -2.97
CA ARG A 80 -1.10 -17.10 -1.84
C ARG A 80 -1.30 -16.15 -0.65
N HIS A 81 -1.74 -14.93 -0.95
CA HIS A 81 -1.97 -13.93 0.08
C HIS A 81 -3.45 -13.57 0.15
N ASN A 82 -3.97 -13.47 1.37
CA ASN A 82 -5.37 -13.12 1.58
C ASN A 82 -5.50 -11.85 2.42
N SER A 83 -4.56 -11.67 3.35
CA SER A 83 -4.57 -10.50 4.23
C SER A 83 -3.38 -9.59 3.93
N TYR A 84 -3.68 -8.40 3.41
CA TYR A 84 -2.63 -7.44 3.08
C TYR A 84 -2.42 -6.46 4.23
N THR A 85 -1.24 -5.85 4.26
CA THR A 85 -0.89 -4.89 5.30
C THR A 85 0.01 -3.79 4.76
N CYS A 86 -0.38 -2.55 5.01
CA CYS A 86 0.39 -1.40 4.56
C CYS A 86 0.94 -0.60 5.74
N GLU A 87 2.25 -0.70 5.95
CA GLU A 87 2.90 0.00 7.04
C GLU A 87 3.57 1.28 6.55
N ALA A 88 3.44 2.34 7.33
CA ALA A 88 4.03 3.63 6.97
C ALA A 88 4.64 4.32 8.19
N THR A 89 5.82 4.90 8.00
CA THR A 89 6.51 5.59 9.09
C THR A 89 7.07 6.92 8.62
N HIS A 90 6.64 8.00 9.27
CA HIS A 90 7.10 9.34 8.93
C HIS A 90 7.67 10.06 10.15
N LYS A 91 8.02 11.32 9.97
CA LYS A 91 8.58 12.12 11.06
C LYS A 91 7.49 12.55 12.03
N THR A 92 6.33 12.94 11.48
CA THR A 92 5.22 13.38 12.30
C THR A 92 4.77 12.30 13.27
N SER A 93 5.04 11.05 12.89
CA SER A 93 4.66 9.91 13.73
C SER A 93 5.70 8.80 13.65
N THR A 94 6.46 8.62 14.72
CA THR A 94 7.50 7.60 14.76
C THR A 94 6.89 6.20 14.67
N SER A 95 5.70 6.03 15.23
CA SER A 95 5.01 4.74 15.22
C SER A 95 4.58 4.38 13.80
N PRO A 96 5.00 3.19 13.34
CA PRO A 96 4.67 2.71 12.00
C PRO A 96 3.19 2.34 11.86
N ILE A 97 2.45 3.16 11.11
CA ILE A 97 1.02 2.92 10.91
C ILE A 97 0.80 1.77 9.94
N VAL A 98 0.36 0.63 10.48
CA VAL A 98 0.10 -0.55 9.67
C VAL A 98 -1.39 -0.85 9.60
N LYS A 99 -1.91 -0.95 8.38
CA LYS A 99 -3.33 -1.24 8.18
C LYS A 99 -3.51 -2.57 7.46
N SER A 100 -4.15 -3.52 8.15
CA SER A 100 -4.39 -4.84 7.58
C SER A 100 -5.89 -5.11 7.44
N PHE A 101 -6.24 -5.96 6.48
CA PHE A 101 -7.65 -6.30 6.25
C PHE A 101 -7.76 -7.61 5.47
N ASN A 102 -8.84 -8.34 5.71
CA ASN A 102 -9.07 -9.61 5.05
C ASN A 102 -9.92 -9.41 3.79
N ARG A 103 -9.29 -9.54 2.62
CA ARG A 103 -9.98 -9.38 1.36
C ARG A 103 -10.93 -10.56 1.09
N ASN A 104 -10.55 -11.72 1.59
CA ASN A 104 -11.35 -12.93 1.40
C ASN A 104 -12.80 -12.68 1.80
N GLU A 105 -13.00 -11.84 2.81
CA GLU A 105 -14.34 -11.52 3.28
C GLU A 105 -14.95 -10.40 2.45
N SER A 106 -14.11 -9.49 1.97
CA SER A 106 -14.57 -8.38 1.16
C SER A 106 -14.57 -8.74 -0.32
N GLU A 107 -14.42 -10.03 -0.61
CA GLU A 107 -14.39 -10.50 -1.99
C GLU A 107 -15.57 -9.93 -2.78
N ASN A 108 -15.27 -8.96 -3.63
CA ASN A 108 -16.30 -8.32 -4.45
C ASN A 108 -15.99 -8.49 -5.93
N LEU A 109 -14.70 -8.54 -6.26
CA LEU A 109 -14.27 -8.70 -7.65
C LEU A 109 -14.05 -10.17 -7.98
N TYR A 110 -14.83 -11.03 -7.36
CA TYR A 110 -14.73 -12.47 -7.59
C TYR A 110 -16.04 -13.18 -7.30
N PHE A 111 -16.16 -14.41 -7.76
CA PHE A 111 -17.37 -15.20 -7.55
C PHE A 111 -17.15 -16.28 -6.50
N GLN A 112 -18.04 -16.36 -5.52
CA GLN A 112 -17.92 -17.35 -4.46
C GLN A 112 -18.44 -18.71 -4.92
N ALA A 1 4.05 21.32 6.33
CA ALA A 1 3.75 21.28 7.75
C ALA A 1 3.59 19.83 8.24
N ASP A 2 3.97 19.60 9.49
CA ASP A 2 3.88 18.27 10.08
C ASP A 2 2.45 17.72 9.97
N ALA A 3 2.30 16.63 9.24
CA ALA A 3 0.99 16.01 9.06
C ALA A 3 1.12 14.50 8.83
N ALA A 4 0.23 13.75 9.45
CA ALA A 4 0.24 12.29 9.33
C ALA A 4 -0.78 11.82 8.30
N PRO A 5 -0.40 10.81 7.49
CA PRO A 5 -1.27 10.24 6.47
C PRO A 5 -2.45 9.47 7.06
N THR A 6 -3.15 8.72 6.21
CA THR A 6 -4.29 7.93 6.65
C THR A 6 -3.98 6.44 6.55
N VAL A 7 -4.94 5.62 6.99
CA VAL A 7 -4.78 4.18 6.96
C VAL A 7 -5.75 3.53 5.99
N SER A 8 -5.28 3.24 4.78
CA SER A 8 -6.11 2.63 3.75
C SER A 8 -5.41 1.41 3.15
N ILE A 9 -6.21 0.47 2.63
CA ILE A 9 -5.68 -0.74 2.02
C ILE A 9 -6.57 -1.21 0.88
N PHE A 10 -5.96 -1.40 -0.28
CA PHE A 10 -6.71 -1.85 -1.46
C PHE A 10 -5.93 -2.95 -2.19
N PRO A 11 -6.34 -4.21 -1.97
CA PRO A 11 -5.71 -5.37 -2.61
C PRO A 11 -5.98 -5.44 -4.10
N PRO A 12 -5.25 -6.32 -4.80
CA PRO A 12 -5.40 -6.51 -6.24
C PRO A 12 -6.73 -7.16 -6.62
N SER A 13 -7.51 -6.46 -7.43
CA SER A 13 -8.81 -6.97 -7.86
C SER A 13 -8.67 -7.83 -9.11
N SER A 14 -9.79 -8.39 -9.57
CA SER A 14 -9.78 -9.24 -10.76
C SER A 14 -9.56 -8.41 -12.02
N GLU A 15 -9.86 -7.12 -11.94
CA GLU A 15 -9.69 -6.22 -13.06
C GLU A 15 -8.29 -6.34 -13.66
N GLN A 16 -7.28 -6.20 -12.80
CA GLN A 16 -5.88 -6.30 -13.24
C GLN A 16 -5.50 -7.76 -13.50
N LEU A 17 -6.15 -8.67 -12.80
CA LEU A 17 -5.89 -10.10 -12.96
C LEU A 17 -6.05 -10.52 -14.42
N THR A 18 -6.96 -9.86 -15.11
CA THR A 18 -7.22 -10.17 -16.51
C THR A 18 -5.94 -10.12 -17.34
N SER A 19 -5.02 -9.26 -16.93
CA SER A 19 -3.75 -9.10 -17.63
C SER A 19 -2.69 -10.04 -17.04
N GLY A 20 -2.95 -10.54 -15.84
CA GLY A 20 -2.01 -11.43 -15.19
C GLY A 20 -1.23 -10.75 -14.08
N GLY A 21 -1.62 -9.52 -13.76
CA GLY A 21 -0.93 -8.78 -12.72
C GLY A 21 -1.79 -8.63 -11.47
N ALA A 22 -1.13 -8.42 -10.33
CA ALA A 22 -1.84 -8.26 -9.06
C ALA A 22 -0.93 -7.61 -8.01
N SER A 23 -1.22 -6.36 -7.69
CA SER A 23 -0.43 -5.63 -6.70
C SER A 23 -1.33 -4.79 -5.80
N VAL A 24 -0.99 -4.75 -4.51
CA VAL A 24 -1.77 -4.00 -3.54
C VAL A 24 -1.33 -2.53 -3.50
N VAL A 25 -2.28 -1.63 -3.41
CA VAL A 25 -1.99 -0.20 -3.35
C VAL A 25 -2.47 0.42 -2.05
N CYS A 26 -1.67 1.33 -1.51
CA CYS A 26 -2.02 1.99 -0.25
C CYS A 26 -2.44 3.44 -0.50
N PHE A 27 -3.09 4.05 0.50
CA PHE A 27 -3.54 5.43 0.38
C PHE A 27 -2.93 6.29 1.48
N LEU A 28 -2.52 7.50 1.13
CA LEU A 28 -1.93 8.43 2.08
C LEU A 28 -2.63 9.77 2.05
N ASN A 29 -2.75 10.40 3.21
CA ASN A 29 -3.40 11.70 3.32
C ASN A 29 -2.38 12.81 3.57
N ASN A 30 -2.69 14.01 3.09
CA ASN A 30 -1.80 15.15 3.25
C ASN A 30 -0.89 14.96 4.46
N PHE A 31 0.37 14.63 4.20
CA PHE A 31 1.35 14.42 5.26
C PHE A 31 2.68 15.08 4.92
N TYR A 32 3.66 14.92 5.79
CA TYR A 32 4.98 15.50 5.59
C TYR A 32 5.44 15.31 4.14
N PRO A 33 6.64 15.82 3.84
CA PRO A 33 7.23 15.71 2.50
C PRO A 33 7.65 14.28 2.16
N LYS A 34 8.41 14.13 1.09
CA LYS A 34 8.87 12.82 0.65
C LYS A 34 9.40 12.00 1.83
N ASP A 35 10.03 12.69 2.79
CA ASP A 35 10.56 12.03 3.96
C ASP A 35 9.54 11.08 4.58
N ILE A 36 9.63 9.80 4.22
CA ILE A 36 8.70 8.81 4.75
C ILE A 36 9.04 7.42 4.21
N ASN A 37 8.84 6.41 5.05
CA ASN A 37 9.12 5.03 4.66
C ASN A 37 7.84 4.21 4.60
N VAL A 38 7.76 3.31 3.63
CA VAL A 38 6.59 2.45 3.46
C VAL A 38 6.98 0.98 3.36
N LYS A 39 6.16 0.11 3.92
CA LYS A 39 6.43 -1.33 3.88
C LYS A 39 5.13 -2.12 3.72
N TRP A 40 5.25 -3.36 3.25
CA TRP A 40 4.09 -4.21 3.05
C TRP A 40 4.24 -5.53 3.79
N LYS A 41 3.14 -6.03 4.33
CA LYS A 41 3.16 -7.29 5.07
C LYS A 41 1.94 -8.14 4.72
N ILE A 42 2.14 -9.46 4.65
CA ILE A 42 1.06 -10.37 4.33
C ILE A 42 0.77 -11.31 5.50
N ASP A 43 -0.38 -11.11 6.14
CA ASP A 43 -0.78 -11.93 7.28
C ASP A 43 0.23 -11.82 8.42
N GLY A 44 0.92 -10.68 8.47
CA GLY A 44 1.90 -10.46 9.52
C GLY A 44 3.29 -10.87 9.10
N SER A 45 3.47 -11.12 7.81
CA SER A 45 4.77 -11.54 7.27
C SER A 45 5.26 -10.54 6.22
N GLU A 46 6.36 -9.86 6.55
CA GLU A 46 6.94 -8.88 5.63
C GLU A 46 7.30 -9.52 4.29
N ARG A 47 6.93 -8.85 3.21
CA ARG A 47 7.21 -9.36 1.87
C ARG A 47 8.68 -9.15 1.50
N GLN A 48 9.17 -9.94 0.56
CA GLN A 48 10.55 -9.84 0.11
C GLN A 48 10.89 -8.41 -0.28
N ASN A 49 12.01 -7.90 0.24
CA ASN A 49 12.45 -6.54 -0.05
C ASN A 49 12.49 -6.30 -1.55
N GLY A 50 11.48 -5.58 -2.06
CA GLY A 50 11.41 -5.30 -3.48
C GLY A 50 10.04 -4.87 -3.92
N VAL A 51 9.54 -3.77 -3.36
CA VAL A 51 8.22 -3.26 -3.70
C VAL A 51 8.31 -2.06 -4.62
N LEU A 52 7.41 -1.99 -5.59
CA LEU A 52 7.40 -0.89 -6.55
C LEU A 52 6.90 0.40 -5.89
N ASN A 53 7.61 1.49 -6.13
CA ASN A 53 7.24 2.79 -5.57
C ASN A 53 7.31 3.88 -6.62
N SER A 54 6.60 4.99 -6.39
CA SER A 54 6.58 6.10 -7.32
C SER A 54 7.72 7.07 -7.03
N TRP A 55 7.79 8.15 -7.80
CA TRP A 55 8.83 9.15 -7.62
C TRP A 55 8.30 10.35 -6.82
N THR A 56 9.22 11.21 -6.38
CA THR A 56 8.86 12.38 -5.61
C THR A 56 8.05 13.36 -6.44
N ASP A 57 6.73 13.18 -6.46
CA ASP A 57 5.85 14.05 -7.22
C ASP A 57 5.37 15.22 -6.36
N GLN A 58 5.94 15.34 -5.17
CA GLN A 58 5.57 16.41 -4.26
C GLN A 58 5.62 17.77 -4.95
N ASP A 59 4.64 18.61 -4.66
CA ASP A 59 4.57 19.93 -5.27
C ASP A 59 4.96 21.01 -4.26
N SER A 60 5.18 22.23 -4.76
CA SER A 60 5.55 23.35 -3.89
C SER A 60 4.33 24.13 -3.45
N LYS A 61 3.33 24.21 -4.33
CA LYS A 61 2.10 24.93 -4.02
C LYS A 61 1.30 24.21 -2.95
N ASP A 62 1.41 22.88 -2.91
CA ASP A 62 0.69 22.08 -1.93
C ASP A 62 1.55 21.86 -0.69
N SER A 63 2.86 21.92 -0.86
CA SER A 63 3.79 21.72 0.24
C SER A 63 3.48 20.43 0.98
N THR A 64 3.18 19.38 0.24
CA THR A 64 2.86 18.09 0.82
C THR A 64 3.15 16.95 -0.16
N TYR A 65 3.33 15.74 0.38
CA TYR A 65 3.61 14.58 -0.44
C TYR A 65 2.65 13.44 -0.13
N SER A 66 2.41 12.59 -1.13
CA SER A 66 1.50 11.46 -0.96
C SER A 66 1.39 10.66 -2.26
N MET A 67 1.95 9.46 -2.25
CA MET A 67 1.91 8.59 -3.44
C MET A 67 1.42 7.20 -3.06
N SER A 68 1.08 6.41 -4.08
CA SER A 68 0.60 5.05 -3.86
C SER A 68 1.73 4.04 -3.98
N SER A 69 1.72 3.03 -3.11
CA SER A 69 2.75 2.00 -3.12
C SER A 69 2.20 0.70 -3.69
N THR A 70 2.73 0.30 -4.83
CA THR A 70 2.31 -0.93 -5.49
C THR A 70 3.26 -2.08 -5.18
N LEU A 71 2.75 -3.10 -4.48
CA LEU A 71 3.56 -4.26 -4.13
C LEU A 71 3.76 -5.18 -5.33
N THR A 72 5.01 -5.40 -5.71
CA THR A 72 5.34 -6.26 -6.84
C THR A 72 4.91 -7.70 -6.57
N LEU A 73 3.84 -8.12 -7.23
CA LEU A 73 3.33 -9.48 -7.06
C LEU A 73 2.60 -9.94 -8.32
N THR A 74 2.73 -11.22 -8.64
CA THR A 74 2.08 -11.80 -9.81
C THR A 74 0.61 -12.08 -9.54
N LYS A 75 -0.13 -12.36 -10.60
CA LYS A 75 -1.56 -12.65 -10.49
C LYS A 75 -1.79 -13.93 -9.68
N ASP A 76 -1.23 -15.04 -10.17
CA ASP A 76 -1.37 -16.32 -9.49
C ASP A 76 -0.84 -16.25 -8.07
N GLU A 77 -0.03 -15.23 -7.80
CA GLU A 77 0.55 -15.05 -6.46
C GLU A 77 -0.46 -14.41 -5.52
N TYR A 78 -1.59 -13.98 -6.06
CA TYR A 78 -2.63 -13.35 -5.27
C TYR A 78 -3.42 -14.39 -4.48
N GLU A 79 -3.18 -15.66 -4.78
CA GLU A 79 -3.87 -16.76 -4.10
C GLU A 79 -3.09 -17.20 -2.87
N ARG A 80 -1.84 -16.75 -2.77
CA ARG A 80 -0.99 -17.10 -1.63
C ARG A 80 -1.22 -16.15 -0.47
N HIS A 81 -1.69 -14.95 -0.77
CA HIS A 81 -1.96 -13.94 0.26
C HIS A 81 -3.46 -13.67 0.37
N ASN A 82 -3.94 -13.57 1.61
CA ASN A 82 -5.35 -13.31 1.84
C ASN A 82 -5.54 -12.02 2.63
N SER A 83 -4.54 -11.68 3.45
CA SER A 83 -4.60 -10.47 4.25
C SER A 83 -3.42 -9.55 3.94
N TYR A 84 -3.71 -8.38 3.41
CA TYR A 84 -2.68 -7.41 3.06
C TYR A 84 -2.48 -6.40 4.18
N THR A 85 -1.29 -5.79 4.22
CA THR A 85 -0.97 -4.80 5.24
C THR A 85 -0.04 -3.73 4.68
N CYS A 86 -0.38 -2.47 4.93
CA CYS A 86 0.42 -1.35 4.46
C CYS A 86 1.00 -0.57 5.63
N GLU A 87 2.31 -0.66 5.82
CA GLU A 87 2.99 0.03 6.90
C GLU A 87 3.60 1.35 6.41
N ALA A 88 3.49 2.38 7.22
CA ALA A 88 4.03 3.70 6.88
C ALA A 88 4.67 4.36 8.08
N THR A 89 5.85 4.96 7.87
CA THR A 89 6.57 5.62 8.94
C THR A 89 7.10 6.97 8.48
N HIS A 90 6.69 8.04 9.15
CA HIS A 90 7.12 9.39 8.81
C HIS A 90 7.73 10.09 10.02
N LYS A 91 8.08 11.36 9.86
CA LYS A 91 8.66 12.14 10.94
C LYS A 91 7.59 12.58 11.94
N THR A 92 6.43 12.98 11.41
CA THR A 92 5.34 13.42 12.25
C THR A 92 4.91 12.33 13.23
N SER A 93 5.16 11.08 12.85
CA SER A 93 4.79 9.94 13.69
C SER A 93 5.81 8.83 13.56
N THR A 94 6.60 8.62 14.60
CA THR A 94 7.62 7.57 14.60
C THR A 94 6.99 6.19 14.49
N SER A 95 5.82 6.03 15.10
CA SER A 95 5.10 4.76 15.09
C SER A 95 4.68 4.39 13.67
N PRO A 96 5.13 3.22 13.20
CA PRO A 96 4.81 2.72 11.87
C PRO A 96 3.34 2.33 11.72
N ILE A 97 2.57 3.20 11.06
CA ILE A 97 1.15 2.94 10.85
C ILE A 97 0.93 1.75 9.93
N VAL A 98 0.54 0.62 10.51
CA VAL A 98 0.28 -0.59 9.75
C VAL A 98 -1.21 -0.89 9.65
N LYS A 99 -1.73 -0.85 8.43
CA LYS A 99 -3.15 -1.11 8.20
C LYS A 99 -3.34 -2.45 7.49
N SER A 100 -3.97 -3.39 8.19
CA SER A 100 -4.22 -4.71 7.62
C SER A 100 -5.71 -5.00 7.53
N PHE A 101 -6.09 -5.86 6.59
CA PHE A 101 -7.49 -6.22 6.40
C PHE A 101 -7.63 -7.53 5.64
N ASN A 102 -8.69 -8.28 5.93
CA ASN A 102 -8.94 -9.55 5.27
C ASN A 102 -9.78 -9.37 4.01
N ARG A 103 -9.17 -9.57 2.85
CA ARG A 103 -9.87 -9.43 1.58
C ARG A 103 -10.84 -10.59 1.36
N ASN A 104 -10.49 -11.75 1.90
CA ASN A 104 -11.33 -12.94 1.76
C ASN A 104 -12.77 -12.64 2.17
N GLU A 105 -12.92 -11.82 3.21
CA GLU A 105 -14.24 -11.44 3.71
C GLU A 105 -14.89 -10.40 2.81
N SER A 106 -14.06 -9.51 2.25
CA SER A 106 -14.56 -8.45 1.37
C SER A 106 -14.56 -8.92 -0.08
N GLU A 107 -14.41 -10.22 -0.29
CA GLU A 107 -14.37 -10.79 -1.63
C GLU A 107 -15.56 -10.27 -2.45
N ASN A 108 -15.27 -9.35 -3.36
CA ASN A 108 -16.31 -8.78 -4.21
C ASN A 108 -15.96 -8.96 -5.70
N LEU A 109 -14.67 -8.91 -6.00
CA LEU A 109 -14.20 -9.06 -7.37
C LEU A 109 -13.82 -10.51 -7.65
N TYR A 110 -14.51 -11.44 -7.00
CA TYR A 110 -14.25 -12.86 -7.19
C TYR A 110 -15.50 -13.69 -6.93
N PHE A 111 -15.67 -14.75 -7.71
CA PHE A 111 -16.83 -15.63 -7.58
C PHE A 111 -16.41 -17.02 -7.15
N GLN A 112 -15.23 -17.45 -7.60
CA GLN A 112 -14.71 -18.78 -7.25
C GLN A 112 -13.24 -18.69 -6.85
N ALA A 1 3.09 21.32 6.23
CA ALA A 1 3.25 21.23 7.67
C ALA A 1 3.16 19.78 8.15
N ASP A 2 3.57 19.55 9.39
CA ASP A 2 3.52 18.20 9.96
C ASP A 2 2.12 17.62 9.87
N ALA A 3 1.98 16.52 9.13
CA ALA A 3 0.69 15.86 8.97
C ALA A 3 0.87 14.37 8.75
N ALA A 4 0.02 13.57 9.39
CA ALA A 4 0.08 12.12 9.26
C ALA A 4 -0.95 11.61 8.27
N PRO A 5 -0.56 10.61 7.47
CA PRO A 5 -1.45 10.02 6.46
C PRO A 5 -2.58 9.21 7.08
N THR A 6 -3.33 8.49 6.25
CA THR A 6 -4.44 7.68 6.71
C THR A 6 -4.12 6.19 6.62
N VAL A 7 -5.03 5.36 7.12
CA VAL A 7 -4.83 3.91 7.08
C VAL A 7 -5.77 3.26 6.09
N SER A 8 -5.26 2.97 4.89
CA SER A 8 -6.07 2.35 3.84
C SER A 8 -5.35 1.13 3.25
N ILE A 9 -6.12 0.16 2.79
CA ILE A 9 -5.56 -1.05 2.20
C ILE A 9 -6.44 -1.57 1.07
N PHE A 10 -5.83 -1.77 -0.09
CA PHE A 10 -6.55 -2.27 -1.26
C PHE A 10 -5.73 -3.32 -2.01
N PRO A 11 -6.07 -4.60 -1.82
CA PRO A 11 -5.38 -5.71 -2.47
C PRO A 11 -5.64 -5.76 -3.98
N PRO A 12 -4.89 -6.62 -4.67
CA PRO A 12 -5.03 -6.78 -6.13
C PRO A 12 -6.35 -7.45 -6.52
N SER A 13 -7.09 -6.79 -7.41
CA SER A 13 -8.37 -7.32 -7.85
C SER A 13 -8.20 -8.16 -9.11
N SER A 14 -9.30 -8.73 -9.59
CA SER A 14 -9.27 -9.57 -10.79
C SER A 14 -9.02 -8.72 -12.04
N GLU A 15 -9.34 -7.44 -11.94
CA GLU A 15 -9.16 -6.52 -13.07
C GLU A 15 -7.74 -6.64 -13.64
N GLN A 16 -6.75 -6.51 -12.77
CA GLN A 16 -5.35 -6.60 -13.18
C GLN A 16 -4.95 -8.06 -13.45
N LEU A 17 -5.62 -8.98 -12.76
CA LEU A 17 -5.33 -10.40 -12.92
C LEU A 17 -5.47 -10.82 -14.37
N THR A 18 -6.37 -10.16 -15.09
CA THR A 18 -6.59 -10.47 -16.50
C THR A 18 -5.29 -10.41 -17.29
N SER A 19 -4.37 -9.56 -16.85
CA SER A 19 -3.08 -9.42 -17.52
C SER A 19 -2.05 -10.37 -16.93
N GLY A 20 -2.33 -10.87 -15.72
CA GLY A 20 -1.42 -11.77 -15.06
C GLY A 20 -0.67 -11.11 -13.93
N GLY A 21 -1.04 -9.87 -13.62
CA GLY A 21 -0.37 -9.14 -12.55
C GLY A 21 -1.25 -8.99 -11.33
N ALA A 22 -0.62 -8.80 -10.17
CA ALA A 22 -1.36 -8.62 -8.93
C ALA A 22 -0.49 -7.96 -7.86
N SER A 23 -0.79 -6.71 -7.55
CA SER A 23 -0.03 -5.96 -6.56
C SER A 23 -0.96 -5.12 -5.68
N VAL A 24 -0.69 -5.13 -4.38
CA VAL A 24 -1.50 -4.38 -3.43
C VAL A 24 -1.10 -2.90 -3.42
N VAL A 25 -2.09 -2.02 -3.36
CA VAL A 25 -1.84 -0.59 -3.34
C VAL A 25 -2.35 0.03 -2.04
N CYS A 26 -1.56 0.94 -1.47
CA CYS A 26 -1.92 1.62 -0.24
C CYS A 26 -2.37 3.04 -0.51
N PHE A 27 -3.07 3.64 0.46
CA PHE A 27 -3.56 5.00 0.32
C PHE A 27 -3.02 5.89 1.45
N LEU A 28 -2.65 7.12 1.09
CA LEU A 28 -2.12 8.06 2.07
C LEU A 28 -2.88 9.38 2.03
N ASN A 29 -2.94 10.05 3.17
CA ASN A 29 -3.64 11.33 3.27
C ASN A 29 -2.66 12.48 3.50
N ASN A 30 -3.01 13.66 3.00
CA ASN A 30 -2.17 14.84 3.16
C ASN A 30 -1.24 14.68 4.36
N PHE A 31 0.04 14.41 4.09
CA PHE A 31 1.02 14.24 5.15
C PHE A 31 2.33 14.93 4.79
N TYR A 32 3.33 14.80 5.66
CA TYR A 32 4.64 15.41 5.43
C TYR A 32 5.09 15.21 4.00
N PRO A 33 6.28 15.75 3.67
CA PRO A 33 6.85 15.63 2.33
C PRO A 33 7.31 14.21 2.01
N LYS A 34 8.08 14.07 0.95
CA LYS A 34 8.59 12.76 0.53
C LYS A 34 9.15 12.00 1.73
N ASP A 35 9.72 12.73 2.68
CA ASP A 35 10.29 12.12 3.88
C ASP A 35 9.30 11.13 4.50
N ILE A 36 9.43 9.87 4.14
CA ILE A 36 8.55 8.83 4.67
C ILE A 36 8.90 7.46 4.09
N ASN A 37 8.79 6.43 4.93
CA ASN A 37 9.09 5.07 4.51
C ASN A 37 7.84 4.20 4.52
N VAL A 38 7.76 3.26 3.58
CA VAL A 38 6.62 2.36 3.49
C VAL A 38 7.07 0.91 3.38
N LYS A 39 6.29 0.00 3.97
CA LYS A 39 6.61 -1.41 3.94
C LYS A 39 5.34 -2.25 3.78
N TRP A 40 5.51 -3.49 3.33
CA TRP A 40 4.37 -4.39 3.14
C TRP A 40 4.58 -5.69 3.91
N LYS A 41 3.50 -6.21 4.48
CA LYS A 41 3.56 -7.45 5.24
C LYS A 41 2.40 -8.37 4.88
N ILE A 42 2.68 -9.66 4.78
CA ILE A 42 1.66 -10.64 4.44
C ILE A 42 1.36 -11.56 5.63
N ASP A 43 0.17 -11.40 6.20
CA ASP A 43 -0.24 -12.21 7.34
C ASP A 43 0.70 -11.99 8.53
N GLY A 44 1.29 -10.81 8.59
CA GLY A 44 2.21 -10.49 9.67
C GLY A 44 3.64 -10.85 9.35
N SER A 45 3.91 -11.15 8.08
CA SER A 45 5.25 -11.52 7.65
C SER A 45 5.74 -10.59 6.53
N GLU A 46 6.77 -9.81 6.83
CA GLU A 46 7.33 -8.88 5.86
C GLU A 46 7.78 -9.61 4.61
N ARG A 47 7.31 -9.15 3.45
CA ARG A 47 7.66 -9.76 2.18
C ARG A 47 9.11 -9.46 1.81
N GLN A 48 9.66 -10.23 0.88
CA GLN A 48 11.04 -10.04 0.44
C GLN A 48 11.29 -8.59 0.05
N ASN A 49 12.37 -8.01 0.56
CA ASN A 49 12.72 -6.63 0.27
C ASN A 49 12.75 -6.39 -1.23
N GLY A 50 11.96 -5.43 -1.69
CA GLY A 50 11.91 -5.11 -3.11
C GLY A 50 10.51 -4.76 -3.57
N VAL A 51 9.87 -3.81 -2.89
CA VAL A 51 8.52 -3.39 -3.24
C VAL A 51 8.55 -2.23 -4.23
N LEU A 52 7.59 -2.23 -5.15
CA LEU A 52 7.51 -1.17 -6.16
C LEU A 52 7.02 0.13 -5.54
N ASN A 53 7.67 1.23 -5.89
CA ASN A 53 7.29 2.54 -5.37
C ASN A 53 7.26 3.58 -6.49
N SER A 54 6.51 4.66 -6.26
CA SER A 54 6.39 5.72 -7.25
C SER A 54 7.46 6.78 -7.05
N TRP A 55 7.41 7.83 -7.86
CA TRP A 55 8.38 8.91 -7.77
C TRP A 55 7.82 10.09 -6.98
N THR A 56 8.70 11.00 -6.57
CA THR A 56 8.30 12.17 -5.80
C THR A 56 7.36 13.05 -6.61
N ASP A 57 6.06 12.85 -6.43
CA ASP A 57 5.06 13.63 -7.14
C ASP A 57 4.67 14.87 -6.34
N GLN A 58 5.37 15.10 -5.24
CA GLN A 58 5.10 16.25 -4.39
C GLN A 58 5.33 17.56 -5.14
N ASP A 59 4.35 18.44 -5.11
CA ASP A 59 4.44 19.72 -5.78
C ASP A 59 4.27 20.88 -4.79
N SER A 60 4.16 22.09 -5.33
CA SER A 60 4.00 23.27 -4.49
C SER A 60 2.53 23.61 -4.31
N LYS A 61 1.73 23.37 -5.35
CA LYS A 61 0.30 23.65 -5.31
C LYS A 61 -0.37 22.88 -4.18
N ASP A 62 0.12 21.67 -3.92
CA ASP A 62 -0.43 20.84 -2.86
C ASP A 62 0.39 20.97 -1.58
N SER A 63 1.66 21.32 -1.74
CA SER A 63 2.56 21.48 -0.59
C SER A 63 2.52 20.25 0.29
N THR A 64 2.38 19.07 -0.32
CA THR A 64 2.33 17.82 0.41
C THR A 64 2.60 16.63 -0.51
N TYR A 65 3.05 15.53 0.08
CA TYR A 65 3.35 14.33 -0.68
C TYR A 65 2.40 13.18 -0.29
N SER A 66 2.12 12.30 -1.24
CA SER A 66 1.24 11.17 -1.00
C SER A 66 1.07 10.34 -2.26
N MET A 67 1.87 9.29 -2.39
CA MET A 67 1.80 8.40 -3.54
C MET A 67 1.38 7.00 -3.13
N SER A 68 1.03 6.18 -4.12
CA SER A 68 0.60 4.81 -3.86
C SER A 68 1.78 3.84 -3.96
N SER A 69 1.79 2.85 -3.06
CA SER A 69 2.87 1.87 -3.04
C SER A 69 2.39 0.53 -3.60
N THR A 70 3.06 0.06 -4.64
CA THR A 70 2.70 -1.21 -5.27
C THR A 70 3.64 -2.32 -4.83
N LEU A 71 3.07 -3.47 -4.46
CA LEU A 71 3.86 -4.62 -4.02
C LEU A 71 4.14 -5.56 -5.18
N THR A 72 5.42 -5.78 -5.47
CA THR A 72 5.82 -6.67 -6.55
C THR A 72 5.36 -8.10 -6.29
N LEU A 73 4.30 -8.51 -6.97
CA LEU A 73 3.77 -9.86 -6.81
C LEU A 73 3.05 -10.32 -8.07
N THR A 74 3.19 -11.61 -8.39
CA THR A 74 2.56 -12.17 -9.57
C THR A 74 1.08 -12.44 -9.34
N LYS A 75 0.36 -12.72 -10.43
CA LYS A 75 -1.08 -12.99 -10.33
C LYS A 75 -1.34 -14.26 -9.53
N ASP A 76 -0.79 -15.38 -10.00
CA ASP A 76 -0.97 -16.66 -9.33
C ASP A 76 -0.46 -16.60 -7.89
N GLU A 77 0.37 -15.59 -7.61
CA GLU A 77 0.92 -15.41 -6.27
C GLU A 77 -0.09 -14.77 -5.33
N TYR A 78 -1.20 -14.31 -5.91
CA TYR A 78 -2.26 -13.67 -5.13
C TYR A 78 -3.07 -14.70 -4.36
N GLU A 79 -2.85 -15.98 -4.67
CA GLU A 79 -3.57 -17.06 -4.02
C GLU A 79 -2.82 -17.54 -2.78
N ARG A 80 -1.57 -17.10 -2.64
CA ARG A 80 -0.74 -17.49 -1.51
C ARG A 80 -0.94 -16.52 -0.33
N HIS A 81 -1.38 -15.31 -0.66
CA HIS A 81 -1.62 -14.29 0.37
C HIS A 81 -3.08 -13.90 0.41
N ASN A 82 -3.63 -13.82 1.63
CA ASN A 82 -5.04 -13.46 1.81
C ASN A 82 -5.16 -12.18 2.65
N SER A 83 -4.21 -11.99 3.56
CA SER A 83 -4.21 -10.82 4.43
C SER A 83 -3.05 -9.89 4.09
N TYR A 84 -3.38 -8.70 3.58
CA TYR A 84 -2.38 -7.73 3.21
C TYR A 84 -2.18 -6.70 4.32
N THR A 85 -1.01 -6.07 4.34
CA THR A 85 -0.69 -5.06 5.36
C THR A 85 0.20 -3.97 4.78
N CYS A 86 -0.18 -2.72 5.02
CA CYS A 86 0.59 -1.58 4.54
C CYS A 86 1.16 -0.77 5.70
N GLU A 87 2.47 -0.83 5.87
CA GLU A 87 3.14 -0.10 6.93
C GLU A 87 3.71 1.22 6.43
N ALA A 88 3.58 2.27 7.22
CA ALA A 88 4.08 3.59 6.85
C ALA A 88 4.71 4.29 8.05
N THR A 89 5.87 4.92 7.83
CA THR A 89 6.57 5.63 8.88
C THR A 89 7.07 6.99 8.41
N HIS A 90 6.61 8.05 9.07
CA HIS A 90 7.01 9.40 8.70
C HIS A 90 7.59 10.14 9.91
N LYS A 91 7.90 11.42 9.73
CA LYS A 91 8.45 12.23 10.80
C LYS A 91 7.38 12.64 11.80
N THR A 92 6.20 12.98 11.28
CA THR A 92 5.09 13.39 12.13
C THR A 92 4.71 12.30 13.10
N SER A 93 5.00 11.06 12.74
CA SER A 93 4.70 9.91 13.60
C SER A 93 5.76 8.83 13.47
N THR A 94 6.57 8.68 14.52
CA THR A 94 7.63 7.68 14.52
C THR A 94 7.07 6.27 14.44
N SER A 95 5.90 6.07 15.06
CA SER A 95 5.25 4.76 15.06
C SER A 95 4.81 4.38 13.65
N PRO A 96 5.27 3.21 13.18
CA PRO A 96 4.94 2.69 11.85
C PRO A 96 3.48 2.27 11.74
N ILE A 97 2.67 3.09 11.06
CA ILE A 97 1.26 2.79 10.89
C ILE A 97 1.06 1.58 9.98
N VAL A 98 0.70 0.46 10.58
CA VAL A 98 0.46 -0.77 9.83
C VAL A 98 -1.02 -1.10 9.76
N LYS A 99 -1.55 -1.13 8.53
CA LYS A 99 -2.96 -1.43 8.32
C LYS A 99 -3.13 -2.77 7.62
N SER A 100 -3.74 -3.73 8.31
CA SER A 100 -3.96 -5.05 7.74
C SER A 100 -5.45 -5.38 7.68
N PHE A 101 -5.83 -6.21 6.71
CA PHE A 101 -7.23 -6.60 6.55
C PHE A 101 -7.34 -7.93 5.82
N ASN A 102 -8.41 -8.66 6.08
CA ASN A 102 -8.64 -9.95 5.44
C ASN A 102 -9.53 -9.81 4.21
N ARG A 103 -8.97 -10.06 3.03
CA ARG A 103 -9.72 -9.95 1.79
C ARG A 103 -10.56 -11.20 1.55
N ASN A 104 -10.06 -12.34 2.02
CA ASN A 104 -10.76 -13.61 1.86
C ASN A 104 -12.16 -13.54 2.48
N GLU A 105 -12.27 -12.79 3.57
CA GLU A 105 -13.55 -12.63 4.26
C GLU A 105 -14.26 -11.35 3.82
N SER A 106 -13.50 -10.26 3.78
CA SER A 106 -14.06 -8.97 3.38
C SER A 106 -14.60 -9.02 1.96
N GLU A 107 -13.74 -9.40 1.02
CA GLU A 107 -14.14 -9.49 -0.38
C GLU A 107 -15.15 -8.40 -0.74
N ASN A 108 -14.65 -7.19 -0.96
CA ASN A 108 -15.50 -6.06 -1.30
C ASN A 108 -15.53 -5.83 -2.82
N LEU A 109 -14.40 -6.09 -3.47
CA LEU A 109 -14.30 -5.92 -4.91
C LEU A 109 -15.41 -6.66 -5.63
N TYR A 110 -15.93 -6.05 -6.69
CA TYR A 110 -17.01 -6.65 -7.47
C TYR A 110 -16.63 -8.05 -7.94
N PHE A 111 -17.58 -8.74 -8.57
CA PHE A 111 -17.33 -10.09 -9.07
C PHE A 111 -16.21 -10.09 -10.11
N GLN A 112 -15.70 -11.28 -10.41
CA GLN A 112 -14.63 -11.42 -11.39
C GLN A 112 -15.00 -10.76 -12.71
N ALA A 1 3.73 21.39 6.15
CA ALA A 1 3.56 21.34 7.59
C ALA A 1 3.44 19.91 8.09
N ASP A 2 3.85 19.67 9.33
CA ASP A 2 3.78 18.34 9.92
C ASP A 2 2.37 17.77 9.83
N ALA A 3 2.25 16.66 9.09
CA ALA A 3 0.95 16.02 8.92
C ALA A 3 1.11 14.52 8.71
N ALA A 4 0.27 13.73 9.39
CA ALA A 4 0.32 12.28 9.28
C ALA A 4 -0.73 11.77 8.31
N PRO A 5 -0.36 10.75 7.52
CA PRO A 5 -1.25 10.15 6.53
C PRO A 5 -2.38 9.35 7.18
N THR A 6 -3.12 8.59 6.37
CA THR A 6 -4.23 7.79 6.86
C THR A 6 -3.91 6.30 6.76
N VAL A 7 -4.82 5.47 7.27
CA VAL A 7 -4.64 4.03 7.23
C VAL A 7 -5.62 3.37 6.28
N SER A 8 -5.16 3.09 5.06
CA SER A 8 -6.01 2.47 4.05
C SER A 8 -5.32 1.25 3.44
N ILE A 9 -6.11 0.29 2.98
CA ILE A 9 -5.56 -0.91 2.37
C ILE A 9 -6.48 -1.41 1.25
N PHE A 10 -5.89 -1.62 0.07
CA PHE A 10 -6.65 -2.09 -1.09
C PHE A 10 -5.87 -3.15 -1.84
N PRO A 11 -6.22 -4.42 -1.62
CA PRO A 11 -5.57 -5.56 -2.28
C PRO A 11 -5.88 -5.63 -3.77
N PRO A 12 -5.18 -6.52 -4.48
CA PRO A 12 -5.36 -6.70 -5.93
C PRO A 12 -6.70 -7.36 -6.25
N SER A 13 -7.48 -6.70 -7.12
CA SER A 13 -8.79 -7.20 -7.52
C SER A 13 -8.68 -8.06 -8.77
N SER A 14 -9.80 -8.62 -9.21
CA SER A 14 -9.83 -9.47 -10.39
C SER A 14 -9.62 -8.63 -11.66
N GLU A 15 -9.91 -7.33 -11.56
CA GLU A 15 -9.77 -6.43 -12.69
C GLU A 15 -8.36 -6.55 -13.30
N GLN A 16 -7.35 -6.40 -12.46
CA GLN A 16 -5.96 -6.50 -12.93
C GLN A 16 -5.57 -7.94 -13.19
N LEU A 17 -6.21 -8.86 -12.48
CA LEU A 17 -5.94 -10.29 -12.64
C LEU A 17 -6.14 -10.71 -14.10
N THR A 18 -7.05 -10.04 -14.79
CA THR A 18 -7.33 -10.35 -16.19
C THR A 18 -6.06 -10.32 -17.02
N SER A 19 -5.12 -9.48 -16.62
CA SER A 19 -3.85 -9.36 -17.34
C SER A 19 -2.80 -10.30 -16.76
N GLY A 20 -3.05 -10.79 -15.55
CA GLY A 20 -2.12 -11.70 -14.91
C GLY A 20 -1.32 -11.02 -13.80
N GLY A 21 -1.68 -9.78 -13.49
CA GLY A 21 -0.97 -9.06 -12.46
C GLY A 21 -1.81 -8.88 -11.20
N ALA A 22 -1.14 -8.71 -10.06
CA ALA A 22 -1.83 -8.53 -8.79
C ALA A 22 -0.92 -7.86 -7.77
N SER A 23 -1.20 -6.59 -7.46
CA SER A 23 -0.41 -5.84 -6.51
C SER A 23 -1.31 -4.99 -5.62
N VAL A 24 -1.02 -4.98 -4.32
CA VAL A 24 -1.79 -4.21 -3.36
C VAL A 24 -1.33 -2.75 -3.33
N VAL A 25 -2.29 -1.84 -3.26
CA VAL A 25 -1.99 -0.41 -3.22
C VAL A 25 -2.47 0.22 -1.92
N CYS A 26 -1.64 1.10 -1.35
CA CYS A 26 -1.97 1.77 -0.11
C CYS A 26 -2.43 3.20 -0.36
N PHE A 27 -3.09 3.80 0.62
CA PHE A 27 -3.58 5.16 0.51
C PHE A 27 -2.97 6.05 1.59
N LEU A 28 -2.52 7.24 1.19
CA LEU A 28 -1.92 8.18 2.12
C LEU A 28 -2.61 9.55 2.03
N ASN A 29 -2.80 10.19 3.19
CA ASN A 29 -3.44 11.50 3.23
C ASN A 29 -2.40 12.60 3.41
N ASN A 30 -2.72 13.79 2.93
CA ASN A 30 -1.82 14.93 3.04
C ASN A 30 -0.92 14.80 4.26
N PHE A 31 0.35 14.50 4.02
CA PHE A 31 1.32 14.35 5.10
C PHE A 31 2.63 15.05 4.75
N TYR A 32 3.62 14.92 5.65
CA TYR A 32 4.92 15.53 5.44
C TYR A 32 5.40 15.34 4.00
N PRO A 33 6.59 15.87 3.69
CA PRO A 33 7.19 15.77 2.36
C PRO A 33 7.62 14.35 2.02
N LYS A 34 8.40 14.21 0.96
CA LYS A 34 8.89 12.91 0.53
C LYS A 34 9.42 12.11 1.71
N ASP A 35 10.05 12.81 2.66
CA ASP A 35 10.60 12.16 3.84
C ASP A 35 9.59 11.21 4.46
N ILE A 36 9.71 9.93 4.14
CA ILE A 36 8.81 8.91 4.66
C ILE A 36 9.17 7.52 4.16
N ASN A 37 8.95 6.51 5.00
CA ASN A 37 9.27 5.14 4.63
C ASN A 37 8.02 4.28 4.63
N VAL A 38 7.88 3.42 3.64
CA VAL A 38 6.73 2.53 3.53
C VAL A 38 7.16 1.07 3.44
N LYS A 39 6.37 0.19 4.05
CA LYS A 39 6.66 -1.24 4.04
C LYS A 39 5.38 -2.05 3.91
N TRP A 40 5.53 -3.30 3.47
CA TRP A 40 4.39 -4.19 3.30
C TRP A 40 4.59 -5.49 4.08
N LYS A 41 3.50 -6.04 4.59
CA LYS A 41 3.56 -7.29 5.36
C LYS A 41 2.38 -8.19 5.01
N ILE A 42 2.65 -9.48 4.90
CA ILE A 42 1.62 -10.46 4.56
C ILE A 42 1.31 -11.36 5.76
N ASP A 43 0.11 -11.21 6.30
CA ASP A 43 -0.32 -12.01 7.44
C ASP A 43 0.62 -11.79 8.64
N GLY A 44 1.23 -10.62 8.69
CA GLY A 44 2.14 -10.30 9.78
C GLY A 44 3.58 -10.69 9.47
N SER A 45 3.84 -11.00 8.20
CA SER A 45 5.18 -11.40 7.77
C SER A 45 5.68 -10.50 6.66
N GLU A 46 6.72 -9.73 6.94
CA GLU A 46 7.30 -8.82 5.96
C GLU A 46 7.66 -9.56 4.67
N ARG A 47 7.24 -9.01 3.54
CA ARG A 47 7.53 -9.62 2.25
C ARG A 47 8.92 -9.25 1.75
N GLN A 48 9.46 -10.05 0.85
CA GLN A 48 10.79 -9.81 0.30
C GLN A 48 10.91 -8.38 -0.23
N ASN A 49 12.13 -7.95 -0.49
CA ASN A 49 12.38 -6.60 -1.00
C ASN A 49 11.98 -6.50 -2.48
N GLY A 50 12.05 -5.29 -3.02
CA GLY A 50 11.71 -5.08 -4.41
C GLY A 50 10.29 -4.59 -4.59
N VAL A 51 9.81 -3.80 -3.63
CA VAL A 51 8.46 -3.26 -3.68
C VAL A 51 8.36 -2.13 -4.68
N LEU A 52 7.26 -2.09 -5.44
CA LEU A 52 7.04 -1.04 -6.43
C LEU A 52 6.61 0.26 -5.76
N ASN A 53 7.31 1.34 -6.09
CA ASN A 53 7.00 2.65 -5.53
C ASN A 53 6.97 3.72 -6.62
N SER A 54 6.27 4.82 -6.35
CA SER A 54 6.17 5.92 -7.31
C SER A 54 7.32 6.91 -7.12
N TRP A 55 7.28 8.00 -7.89
CA TRP A 55 8.31 9.02 -7.81
C TRP A 55 7.83 10.20 -6.96
N THR A 56 8.76 11.08 -6.59
CA THR A 56 8.43 12.25 -5.79
C THR A 56 7.61 13.25 -6.58
N ASP A 57 6.29 13.08 -6.56
CA ASP A 57 5.38 13.97 -7.28
C ASP A 57 5.04 15.20 -6.43
N GLN A 58 5.70 15.32 -5.29
CA GLN A 58 5.47 16.44 -4.39
C GLN A 58 5.58 17.77 -5.14
N ASP A 59 4.74 18.73 -4.76
CA ASP A 59 4.74 20.05 -5.39
C ASP A 59 4.46 21.14 -4.37
N SER A 60 4.94 22.35 -4.66
CA SER A 60 4.75 23.48 -3.75
C SER A 60 3.28 23.90 -3.72
N LYS A 61 2.61 23.77 -4.86
CA LYS A 61 1.21 24.13 -4.96
C LYS A 61 0.37 23.33 -3.96
N ASP A 62 0.76 22.10 -3.71
CA ASP A 62 0.05 21.24 -2.77
C ASP A 62 0.69 21.30 -1.39
N SER A 63 1.98 21.63 -1.35
CA SER A 63 2.70 21.72 -0.09
C SER A 63 2.54 20.44 0.73
N THR A 64 2.46 19.31 0.04
CA THR A 64 2.29 18.02 0.70
C THR A 64 2.79 16.88 -0.20
N TYR A 65 2.72 15.66 0.32
CA TYR A 65 3.16 14.49 -0.42
C TYR A 65 2.26 13.28 -0.13
N SER A 66 2.12 12.41 -1.11
CA SER A 66 1.30 11.21 -0.95
C SER A 66 1.25 10.42 -2.25
N MET A 67 1.87 9.24 -2.24
CA MET A 67 1.89 8.38 -3.41
C MET A 67 1.39 6.98 -3.07
N SER A 68 1.03 6.21 -4.10
CA SER A 68 0.52 4.87 -3.91
C SER A 68 1.65 3.84 -4.00
N SER A 69 1.73 2.95 -3.01
CA SER A 69 2.76 1.93 -2.98
C SER A 69 2.22 0.60 -3.50
N THR A 70 2.80 0.13 -4.60
CA THR A 70 2.38 -1.13 -5.20
C THR A 70 3.34 -2.26 -4.84
N LEU A 71 2.79 -3.42 -4.53
CA LEU A 71 3.61 -4.58 -4.16
C LEU A 71 3.80 -5.51 -5.36
N THR A 72 5.05 -5.68 -5.77
CA THR A 72 5.37 -6.53 -6.91
C THR A 72 4.99 -7.99 -6.62
N LEU A 73 3.86 -8.42 -7.17
CA LEU A 73 3.39 -9.78 -6.98
C LEU A 73 2.61 -10.27 -8.19
N THR A 74 2.74 -11.55 -8.50
CA THR A 74 2.05 -12.15 -9.64
C THR A 74 0.58 -12.39 -9.34
N LYS A 75 -0.20 -12.67 -10.37
CA LYS A 75 -1.62 -12.93 -10.21
C LYS A 75 -1.86 -14.19 -9.39
N ASP A 76 -1.35 -15.30 -9.87
CA ASP A 76 -1.51 -16.58 -9.19
C ASP A 76 -0.94 -16.51 -7.77
N GLU A 77 -0.09 -15.51 -7.53
CA GLU A 77 0.52 -15.33 -6.22
C GLU A 77 -0.45 -14.66 -5.25
N TYR A 78 -1.58 -14.20 -5.78
CA TYR A 78 -2.60 -13.54 -4.96
C TYR A 78 -3.38 -14.55 -4.15
N GLU A 79 -3.18 -15.83 -4.44
CA GLU A 79 -3.88 -16.90 -3.73
C GLU A 79 -3.08 -17.35 -2.51
N ARG A 80 -1.84 -16.90 -2.42
CA ARG A 80 -0.97 -17.27 -1.31
C ARG A 80 -1.12 -16.26 -0.17
N HIS A 81 -1.56 -15.05 -0.50
CA HIS A 81 -1.74 -14.00 0.50
C HIS A 81 -3.20 -13.55 0.55
N ASN A 82 -3.79 -13.61 1.73
CA ASN A 82 -5.17 -13.20 1.91
C ASN A 82 -5.28 -11.94 2.77
N SER A 83 -4.32 -11.78 3.68
CA SER A 83 -4.29 -10.61 4.55
C SER A 83 -3.12 -9.69 4.21
N TYR A 84 -3.44 -8.50 3.70
CA TYR A 84 -2.42 -7.53 3.34
C TYR A 84 -2.19 -6.52 4.45
N THR A 85 -1.02 -5.90 4.46
CA THR A 85 -0.68 -4.91 5.47
C THR A 85 0.22 -3.81 4.90
N CYS A 86 -0.16 -2.56 5.14
CA CYS A 86 0.61 -1.43 4.64
C CYS A 86 1.18 -0.61 5.80
N GLU A 87 2.49 -0.69 5.97
CA GLU A 87 3.17 0.04 7.04
C GLU A 87 3.76 1.35 6.52
N ALA A 88 3.65 2.40 7.33
CA ALA A 88 4.18 3.70 6.93
C ALA A 88 4.82 4.40 8.13
N THR A 89 5.98 5.02 7.90
CA THR A 89 6.69 5.72 8.95
C THR A 89 7.21 7.08 8.46
N HIS A 90 6.77 8.13 9.13
CA HIS A 90 7.20 9.49 8.76
C HIS A 90 7.79 10.22 9.96
N LYS A 91 8.11 11.49 9.77
CA LYS A 91 8.68 12.30 10.83
C LYS A 91 7.62 12.74 11.83
N THR A 92 6.44 13.11 11.31
CA THR A 92 5.34 13.54 12.15
C THR A 92 4.94 12.46 13.14
N SER A 93 5.22 11.20 12.80
CA SER A 93 4.89 10.08 13.65
C SER A 93 5.94 8.98 13.54
N THR A 94 6.74 8.82 14.59
CA THR A 94 7.79 7.80 14.60
C THR A 94 7.20 6.40 14.53
N SER A 95 6.03 6.22 15.14
CA SER A 95 5.36 4.92 15.16
C SER A 95 4.92 4.54 13.74
N PRO A 96 5.37 3.35 13.30
CA PRO A 96 5.03 2.84 11.97
C PRO A 96 3.57 2.43 11.85
N ILE A 97 2.78 3.25 11.17
CA ILE A 97 1.36 2.98 10.98
C ILE A 97 1.14 1.77 10.09
N VAL A 98 0.78 0.64 10.70
CA VAL A 98 0.55 -0.59 9.96
C VAL A 98 -0.95 -0.91 9.89
N LYS A 99 -1.49 -0.93 8.68
CA LYS A 99 -2.91 -1.23 8.48
C LYS A 99 -3.08 -2.57 7.78
N SER A 100 -3.69 -3.52 8.48
CA SER A 100 -3.92 -4.86 7.93
C SER A 100 -5.41 -5.17 7.88
N PHE A 101 -5.79 -6.03 6.95
CA PHE A 101 -7.19 -6.42 6.79
C PHE A 101 -7.31 -7.76 6.04
N ASN A 102 -8.46 -8.40 6.19
CA ASN A 102 -8.69 -9.68 5.53
C ASN A 102 -9.56 -9.50 4.28
N ARG A 103 -8.97 -9.75 3.12
CA ARG A 103 -9.69 -9.61 1.86
C ARG A 103 -10.61 -10.81 1.62
N ASN A 104 -10.20 -11.97 2.10
CA ASN A 104 -10.99 -13.19 1.95
C ASN A 104 -12.39 -13.01 2.54
N GLU A 105 -12.48 -12.25 3.63
CA GLU A 105 -13.75 -12.00 4.29
C GLU A 105 -14.50 -10.86 3.61
N SER A 106 -13.75 -9.88 3.10
CA SER A 106 -14.36 -8.73 2.42
C SER A 106 -14.51 -9.00 0.93
N GLU A 107 -14.33 -10.26 0.54
CA GLU A 107 -14.45 -10.65 -0.87
C GLU A 107 -15.77 -10.16 -1.45
N ASN A 108 -15.71 -9.09 -2.23
CA ASN A 108 -16.90 -8.53 -2.86
C ASN A 108 -16.70 -8.35 -4.35
N LEU A 109 -15.49 -7.94 -4.74
CA LEU A 109 -15.16 -7.73 -6.14
C LEU A 109 -15.54 -8.94 -6.98
N TYR A 110 -16.19 -8.68 -8.11
CA TYR A 110 -16.61 -9.75 -9.01
C TYR A 110 -15.43 -10.63 -9.40
N PHE A 111 -15.71 -11.69 -10.16
CA PHE A 111 -14.67 -12.62 -10.60
C PHE A 111 -14.90 -13.03 -12.05
N GLN A 112 -13.80 -13.15 -12.80
CA GLN A 112 -13.89 -13.54 -14.21
C GLN A 112 -14.31 -14.99 -14.34
N ALA A 1 3.03 21.27 6.13
CA ALA A 1 3.32 21.17 7.55
C ALA A 1 3.21 19.74 8.05
N ASP A 2 3.57 19.51 9.30
CA ASP A 2 3.52 18.18 9.89
C ASP A 2 2.10 17.61 9.78
N ALA A 3 1.98 16.50 9.06
CA ALA A 3 0.68 15.85 8.88
C ALA A 3 0.85 14.35 8.68
N ALA A 4 0.00 13.57 9.33
CA ALA A 4 0.05 12.11 9.22
C ALA A 4 -1.00 11.60 8.24
N PRO A 5 -0.63 10.59 7.45
CA PRO A 5 -1.52 10.00 6.46
C PRO A 5 -2.66 9.20 7.10
N THR A 6 -3.39 8.45 6.28
CA THR A 6 -4.49 7.64 6.78
C THR A 6 -4.18 6.15 6.67
N VAL A 7 -5.08 5.32 7.18
CA VAL A 7 -4.90 3.87 7.14
C VAL A 7 -5.84 3.22 6.12
N SER A 8 -5.33 2.94 4.94
CA SER A 8 -6.13 2.33 3.88
C SER A 8 -5.40 1.13 3.29
N ILE A 9 -6.18 0.16 2.81
CA ILE A 9 -5.62 -1.05 2.21
C ILE A 9 -6.49 -1.56 1.07
N PHE A 10 -5.88 -1.74 -0.09
CA PHE A 10 -6.61 -2.24 -1.26
C PHE A 10 -5.79 -3.28 -2.02
N PRO A 11 -6.15 -4.56 -1.85
CA PRO A 11 -5.46 -5.67 -2.51
C PRO A 11 -5.70 -5.69 -4.01
N PRO A 12 -4.96 -6.56 -4.72
CA PRO A 12 -5.08 -6.71 -6.17
C PRO A 12 -6.39 -7.35 -6.59
N SER A 13 -7.12 -6.68 -7.48
CA SER A 13 -8.40 -7.18 -7.96
C SER A 13 -8.22 -8.04 -9.21
N SER A 14 -9.32 -8.59 -9.70
CA SER A 14 -9.29 -9.43 -10.90
C SER A 14 -9.01 -8.60 -12.15
N GLU A 15 -9.30 -7.31 -12.06
CA GLU A 15 -9.08 -6.41 -13.18
C GLU A 15 -7.67 -6.55 -13.73
N GLN A 16 -6.68 -6.42 -12.85
CA GLN A 16 -5.29 -6.53 -13.24
C GLN A 16 -4.91 -7.99 -13.50
N LEU A 17 -5.59 -8.90 -12.82
CA LEU A 17 -5.32 -10.33 -12.98
C LEU A 17 -5.45 -10.75 -14.43
N THR A 18 -6.33 -10.07 -15.16
CA THR A 18 -6.55 -10.38 -16.58
C THR A 18 -5.24 -10.33 -17.35
N SER A 19 -4.32 -9.48 -16.91
CA SER A 19 -3.03 -9.34 -17.57
C SER A 19 -2.00 -10.29 -16.96
N GLY A 20 -2.30 -10.80 -15.77
CA GLY A 20 -1.40 -11.71 -15.10
C GLY A 20 -0.65 -11.06 -13.95
N GLY A 21 -1.02 -9.82 -13.64
CA GLY A 21 -0.37 -9.10 -12.57
C GLY A 21 -1.26 -8.93 -11.35
N ALA A 22 -0.65 -8.75 -10.19
CA ALA A 22 -1.39 -8.58 -8.95
C ALA A 22 -0.52 -7.93 -7.88
N SER A 23 -0.81 -6.68 -7.56
CA SER A 23 -0.06 -5.95 -6.55
C SER A 23 -0.99 -5.12 -5.67
N VAL A 24 -0.73 -5.13 -4.37
CA VAL A 24 -1.54 -4.37 -3.42
C VAL A 24 -1.13 -2.91 -3.39
N VAL A 25 -2.13 -2.02 -3.34
CA VAL A 25 -1.87 -0.59 -3.31
C VAL A 25 -2.38 0.04 -2.01
N CYS A 26 -1.59 0.94 -1.45
CA CYS A 26 -1.98 1.61 -0.21
C CYS A 26 -2.42 3.05 -0.48
N PHE A 27 -3.12 3.64 0.49
CA PHE A 27 -3.60 5.00 0.36
C PHE A 27 -3.05 5.89 1.46
N LEU A 28 -2.62 7.09 1.10
CA LEU A 28 -2.07 8.04 2.07
C LEU A 28 -2.79 9.37 1.98
N ASN A 29 -2.98 10.01 3.14
CA ASN A 29 -3.65 11.31 3.19
C ASN A 29 -2.64 12.44 3.42
N ASN A 30 -2.99 13.62 2.94
CA ASN A 30 -2.12 14.78 3.08
C ASN A 30 -1.20 14.63 4.29
N PHE A 31 0.07 14.35 4.02
CA PHE A 31 1.05 14.18 5.09
C PHE A 31 2.37 14.88 4.73
N TYR A 32 3.35 14.74 5.62
CA TYR A 32 4.66 15.36 5.40
C TYR A 32 5.13 15.15 3.97
N PRO A 33 6.32 15.67 3.65
CA PRO A 33 6.91 15.56 2.31
C PRO A 33 7.35 14.14 1.99
N LYS A 34 8.12 13.98 0.92
CA LYS A 34 8.61 12.68 0.51
C LYS A 34 9.16 11.90 1.71
N ASP A 35 9.77 12.62 2.64
CA ASP A 35 10.34 12.00 3.83
C ASP A 35 9.34 11.04 4.48
N ILE A 36 9.46 9.76 4.13
CA ILE A 36 8.57 8.74 4.68
C ILE A 36 8.93 7.35 4.16
N ASN A 37 8.77 6.36 5.01
CA ASN A 37 9.09 4.98 4.63
C ASN A 37 7.83 4.12 4.63
N VAL A 38 7.75 3.19 3.69
CA VAL A 38 6.60 2.30 3.58
C VAL A 38 7.04 0.84 3.46
N LYS A 39 6.25 -0.06 4.05
CA LYS A 39 6.56 -1.48 4.00
C LYS A 39 5.30 -2.31 3.84
N TRP A 40 5.46 -3.55 3.37
CA TRP A 40 4.32 -4.43 3.16
C TRP A 40 4.52 -5.75 3.92
N LYS A 41 3.44 -6.25 4.49
CA LYS A 41 3.50 -7.51 5.24
C LYS A 41 2.32 -8.41 4.89
N ILE A 42 2.58 -9.71 4.76
CA ILE A 42 1.54 -10.67 4.43
C ILE A 42 1.22 -11.58 5.62
N ASP A 43 0.05 -11.38 6.21
CA ASP A 43 -0.37 -12.18 7.35
C ASP A 43 0.58 -11.99 8.53
N GLY A 44 1.20 -10.82 8.60
CA GLY A 44 2.14 -10.54 9.67
C GLY A 44 3.55 -10.93 9.33
N SER A 45 3.79 -11.23 8.06
CA SER A 45 5.12 -11.63 7.61
C SER A 45 5.64 -10.67 6.55
N GLU A 46 6.71 -9.95 6.89
CA GLU A 46 7.31 -8.99 5.96
C GLU A 46 7.78 -9.69 4.68
N ARG A 47 7.26 -9.22 3.55
CA ARG A 47 7.61 -9.80 2.26
C ARG A 47 9.05 -9.46 1.90
N GLN A 48 9.63 -10.25 0.99
CA GLN A 48 11.01 -10.03 0.55
C GLN A 48 11.22 -8.59 0.13
N ASN A 49 12.28 -7.96 0.66
CA ASN A 49 12.59 -6.58 0.33
C ASN A 49 12.64 -6.37 -1.18
N GLY A 50 11.90 -5.37 -1.65
CA GLY A 50 11.87 -5.09 -3.08
C GLY A 50 10.48 -4.72 -3.56
N VAL A 51 9.80 -3.84 -2.83
CA VAL A 51 8.47 -3.41 -3.19
C VAL A 51 8.51 -2.25 -4.18
N LEU A 52 7.56 -2.23 -5.11
CA LEU A 52 7.49 -1.18 -6.11
C LEU A 52 7.01 0.13 -5.50
N ASN A 53 7.69 1.22 -5.83
CA ASN A 53 7.32 2.53 -5.31
C ASN A 53 7.32 3.58 -6.42
N SER A 54 6.59 4.67 -6.21
CA SER A 54 6.50 5.74 -7.20
C SER A 54 7.60 6.77 -6.98
N TRP A 55 7.57 7.82 -7.78
CA TRP A 55 8.57 8.89 -7.68
C TRP A 55 8.02 10.08 -6.89
N THR A 56 8.91 10.99 -6.49
CA THR A 56 8.50 12.16 -5.73
C THR A 56 7.65 13.09 -6.58
N ASP A 57 6.34 12.88 -6.57
CA ASP A 57 5.41 13.69 -7.33
C ASP A 57 4.92 14.88 -6.50
N GLN A 58 5.51 15.04 -5.32
CA GLN A 58 5.12 16.13 -4.42
C GLN A 58 5.15 17.47 -5.16
N ASP A 59 4.00 18.11 -5.26
CA ASP A 59 3.89 19.40 -5.92
C ASP A 59 3.80 20.54 -4.92
N SER A 60 3.80 21.77 -5.41
CA SER A 60 3.71 22.94 -4.56
C SER A 60 2.26 23.39 -4.38
N LYS A 61 1.47 23.20 -5.42
CA LYS A 61 0.06 23.58 -5.39
C LYS A 61 -0.67 22.88 -4.25
N ASP A 62 -0.24 21.66 -3.94
CA ASP A 62 -0.86 20.89 -2.87
C ASP A 62 -0.09 21.07 -1.56
N SER A 63 1.19 21.41 -1.67
CA SER A 63 2.03 21.61 -0.50
C SER A 63 2.06 20.36 0.37
N THR A 64 2.05 19.19 -0.28
CA THR A 64 2.08 17.93 0.43
C THR A 64 2.50 16.79 -0.49
N TYR A 65 2.63 15.60 0.07
CA TYR A 65 3.03 14.43 -0.71
C TYR A 65 2.21 13.21 -0.32
N SER A 66 1.99 12.31 -1.28
CA SER A 66 1.21 11.10 -1.03
C SER A 66 1.09 10.27 -2.30
N MET A 67 1.88 9.19 -2.37
CA MET A 67 1.87 8.30 -3.53
C MET A 67 1.39 6.91 -3.15
N SER A 68 1.04 6.11 -4.15
CA SER A 68 0.56 4.75 -3.91
C SER A 68 1.71 3.76 -3.99
N SER A 69 1.79 2.88 -2.98
CA SER A 69 2.84 1.87 -2.93
C SER A 69 2.36 0.55 -3.50
N THR A 70 3.04 0.07 -4.53
CA THR A 70 2.68 -1.18 -5.17
C THR A 70 3.62 -2.32 -4.74
N LEU A 71 3.04 -3.45 -4.38
CA LEU A 71 3.81 -4.60 -3.94
C LEU A 71 4.09 -5.55 -5.10
N THR A 72 5.38 -5.77 -5.38
CA THR A 72 5.78 -6.65 -6.48
C THR A 72 5.32 -8.07 -6.23
N LEU A 73 4.26 -8.49 -6.91
CA LEU A 73 3.72 -9.82 -6.77
C LEU A 73 3.02 -10.27 -8.05
N THR A 74 3.14 -11.56 -8.37
CA THR A 74 2.51 -12.11 -9.57
C THR A 74 1.03 -12.38 -9.34
N LYS A 75 0.31 -12.67 -10.42
CA LYS A 75 -1.11 -12.95 -10.34
C LYS A 75 -1.37 -14.22 -9.55
N ASP A 76 -0.83 -15.34 -10.01
CA ASP A 76 -1.00 -16.62 -9.35
C ASP A 76 -0.49 -16.55 -7.91
N GLU A 77 0.33 -15.54 -7.62
CA GLU A 77 0.87 -15.37 -6.28
C GLU A 77 -0.15 -14.72 -5.35
N TYR A 78 -1.26 -14.27 -5.93
CA TYR A 78 -2.31 -13.63 -5.15
C TYR A 78 -3.14 -14.66 -4.40
N GLU A 79 -2.92 -15.93 -4.71
CA GLU A 79 -3.64 -17.02 -4.06
C GLU A 79 -2.90 -17.51 -2.82
N ARG A 80 -1.64 -17.09 -2.68
CA ARG A 80 -0.82 -17.48 -1.55
C ARG A 80 -1.03 -16.52 -0.38
N HIS A 81 -1.46 -15.31 -0.68
CA HIS A 81 -1.70 -14.29 0.35
C HIS A 81 -3.17 -13.91 0.40
N ASN A 82 -3.70 -13.78 1.61
CA ASN A 82 -5.10 -13.41 1.80
C ASN A 82 -5.23 -12.15 2.64
N SER A 83 -4.29 -11.96 3.56
CA SER A 83 -4.29 -10.79 4.44
C SER A 83 -3.13 -9.86 4.10
N TYR A 84 -3.45 -8.68 3.57
CA TYR A 84 -2.44 -7.70 3.21
C TYR A 84 -2.21 -6.70 4.34
N THR A 85 -1.04 -6.08 4.34
CA THR A 85 -0.71 -5.10 5.37
C THR A 85 0.18 -3.99 4.80
N CYS A 86 -0.21 -2.74 5.05
CA CYS A 86 0.56 -1.60 4.56
C CYS A 86 1.12 -0.79 5.72
N GLU A 87 2.44 -0.84 5.90
CA GLU A 87 3.09 -0.11 6.97
C GLU A 87 3.67 1.21 6.46
N ALA A 88 3.52 2.26 7.26
CA ALA A 88 4.03 3.58 6.90
C ALA A 88 4.66 4.28 8.09
N THR A 89 5.82 4.90 7.87
CA THR A 89 6.53 5.61 8.93
C THR A 89 7.04 6.95 8.44
N HIS A 90 6.59 8.02 9.08
CA HIS A 90 7.01 9.37 8.72
C HIS A 90 7.58 10.11 9.92
N LYS A 91 7.89 11.39 9.74
CA LYS A 91 8.46 12.20 10.81
C LYS A 91 7.38 12.62 11.79
N THR A 92 6.20 12.97 11.27
CA THR A 92 5.09 13.39 12.10
C THR A 92 4.70 12.30 13.09
N SER A 93 4.98 11.05 12.72
CA SER A 93 4.65 9.92 13.57
C SER A 93 5.72 8.83 13.47
N THR A 94 6.51 8.69 14.53
CA THR A 94 7.58 7.69 14.56
C THR A 94 7.00 6.28 14.50
N SER A 95 5.83 6.08 15.08
CA SER A 95 5.18 4.78 15.10
C SER A 95 4.73 4.39 13.69
N PRO A 96 5.20 3.21 13.23
CA PRO A 96 4.86 2.69 11.90
C PRO A 96 3.41 2.26 11.80
N ILE A 97 2.60 3.06 11.09
CA ILE A 97 1.19 2.76 10.91
C ILE A 97 0.99 1.56 10.00
N VAL A 98 0.64 0.42 10.59
CA VAL A 98 0.42 -0.80 9.84
C VAL A 98 -1.07 -1.14 9.76
N LYS A 99 -1.61 -1.14 8.55
CA LYS A 99 -3.02 -1.44 8.33
C LYS A 99 -3.18 -2.79 7.62
N SER A 100 -3.80 -3.74 8.31
CA SER A 100 -4.01 -5.07 7.75
C SER A 100 -5.50 -5.40 7.69
N PHE A 101 -5.88 -6.22 6.72
CA PHE A 101 -7.29 -6.62 6.55
C PHE A 101 -7.39 -7.94 5.80
N ASN A 102 -8.47 -8.67 6.04
CA ASN A 102 -8.69 -9.95 5.39
C ASN A 102 -9.62 -9.80 4.19
N ARG A 103 -9.09 -10.01 2.99
CA ARG A 103 -9.86 -9.89 1.76
C ARG A 103 -10.68 -11.15 1.52
N ASN A 104 -10.15 -12.29 1.93
CA ASN A 104 -10.83 -13.57 1.75
C ASN A 104 -12.24 -13.52 2.32
N GLU A 105 -12.40 -12.78 3.42
CA GLU A 105 -13.70 -12.65 4.07
C GLU A 105 -14.37 -11.34 3.67
N SER A 106 -13.60 -10.27 3.66
CA SER A 106 -14.12 -8.94 3.30
C SER A 106 -14.46 -8.88 1.82
N GLU A 107 -13.43 -8.89 0.98
CA GLU A 107 -13.62 -8.84 -0.47
C GLU A 107 -14.52 -7.68 -0.86
N ASN A 108 -13.94 -6.47 -0.87
CA ASN A 108 -14.70 -5.28 -1.22
C ASN A 108 -14.99 -5.23 -2.73
N LEU A 109 -14.02 -5.69 -3.52
CA LEU A 109 -14.16 -5.69 -4.97
C LEU A 109 -15.35 -6.55 -5.39
N TYR A 110 -15.49 -6.77 -6.69
CA TYR A 110 -16.58 -7.57 -7.23
C TYR A 110 -16.06 -8.90 -7.78
N PHE A 111 -16.97 -9.70 -8.33
CA PHE A 111 -16.61 -11.00 -8.89
C PHE A 111 -17.14 -11.13 -10.32
N GLN A 112 -16.23 -11.39 -11.26
CA GLN A 112 -16.61 -11.53 -12.66
C GLN A 112 -17.15 -12.94 -12.93
N ALA A 1 4.07 21.35 6.29
CA ALA A 1 3.72 21.30 7.71
C ALA A 1 3.59 19.86 8.19
N ASP A 2 4.00 19.61 9.43
CA ASP A 2 3.94 18.28 10.02
C ASP A 2 2.52 17.72 9.93
N ALA A 3 2.36 16.63 9.21
CA ALA A 3 1.06 15.99 9.04
C ALA A 3 1.21 14.48 8.82
N ALA A 4 0.34 13.71 9.47
CA ALA A 4 0.38 12.26 9.34
C ALA A 4 -0.67 11.77 8.34
N PRO A 5 -0.30 10.76 7.54
CA PRO A 5 -1.20 10.18 6.54
C PRO A 5 -2.34 9.39 7.16
N THR A 6 -3.07 8.66 6.33
CA THR A 6 -4.20 7.86 6.80
C THR A 6 -3.89 6.37 6.69
N VAL A 7 -4.81 5.55 7.18
CA VAL A 7 -4.64 4.10 7.13
C VAL A 7 -5.62 3.46 6.15
N SER A 8 -5.14 3.17 4.94
CA SER A 8 -5.98 2.57 3.92
C SER A 8 -5.29 1.33 3.33
N ILE A 9 -6.10 0.40 2.84
CA ILE A 9 -5.58 -0.83 2.24
C ILE A 9 -6.46 -1.31 1.09
N PHE A 10 -5.85 -1.51 -0.07
CA PHE A 10 -6.59 -1.97 -1.25
C PHE A 10 -5.80 -3.03 -1.99
N PRO A 11 -6.17 -4.30 -1.79
CA PRO A 11 -5.52 -5.44 -2.43
C PRO A 11 -5.80 -5.50 -3.93
N PRO A 12 -5.08 -6.39 -4.64
CA PRO A 12 -5.24 -6.56 -6.08
C PRO A 12 -6.57 -7.20 -6.45
N SER A 13 -7.33 -6.52 -7.31
CA SER A 13 -8.63 -7.02 -7.74
C SER A 13 -8.50 -7.90 -8.98
N SER A 14 -9.62 -8.44 -9.43
CA SER A 14 -9.63 -9.31 -10.62
C SER A 14 -9.38 -8.50 -11.88
N GLU A 15 -9.66 -7.20 -11.82
CA GLU A 15 -9.47 -6.32 -12.96
C GLU A 15 -8.07 -6.47 -13.53
N GLN A 16 -7.07 -6.31 -12.67
CA GLN A 16 -5.68 -6.43 -13.09
C GLN A 16 -5.30 -7.88 -13.33
N LEU A 17 -5.96 -8.79 -12.63
CA LEU A 17 -5.70 -10.21 -12.77
C LEU A 17 -5.87 -10.65 -14.23
N THR A 18 -6.77 -9.99 -14.94
CA THR A 18 -7.02 -10.31 -16.34
C THR A 18 -5.73 -10.28 -17.16
N SER A 19 -4.79 -9.43 -16.75
CA SER A 19 -3.52 -9.32 -17.44
C SER A 19 -2.48 -10.26 -16.84
N GLY A 20 -2.76 -10.73 -15.63
CA GLY A 20 -1.84 -11.64 -14.96
C GLY A 20 -1.07 -10.96 -13.86
N GLY A 21 -1.43 -9.72 -13.56
CA GLY A 21 -0.74 -8.97 -12.51
C GLY A 21 -1.60 -8.79 -11.27
N ALA A 22 -0.95 -8.60 -10.13
CA ALA A 22 -1.65 -8.41 -8.87
C ALA A 22 -0.75 -7.78 -7.82
N SER A 23 -1.00 -6.51 -7.50
CA SER A 23 -0.21 -5.80 -6.51
C SER A 23 -1.10 -4.94 -5.62
N VAL A 24 -0.81 -4.96 -4.32
CA VAL A 24 -1.58 -4.18 -3.35
C VAL A 24 -1.13 -2.72 -3.33
N VAL A 25 -2.09 -1.82 -3.25
CA VAL A 25 -1.79 -0.39 -3.22
C VAL A 25 -2.30 0.25 -1.94
N CYS A 26 -1.49 1.12 -1.35
CA CYS A 26 -1.86 1.80 -0.11
C CYS A 26 -2.28 3.24 -0.39
N PHE A 27 -2.95 3.85 0.58
CA PHE A 27 -3.41 5.23 0.44
C PHE A 27 -2.84 6.10 1.54
N LEU A 28 -2.44 7.32 1.17
CA LEU A 28 -1.87 8.26 2.13
C LEU A 28 -2.61 9.59 2.09
N ASN A 29 -2.70 10.25 3.24
CA ASN A 29 -3.38 11.54 3.34
C ASN A 29 -2.38 12.67 3.57
N ASN A 30 -2.70 13.85 3.06
CA ASN A 30 -1.84 15.01 3.22
C ASN A 30 -0.91 14.85 4.42
N PHE A 31 0.36 14.55 4.15
CA PHE A 31 1.34 14.37 5.22
C PHE A 31 2.66 15.04 4.85
N TYR A 32 3.66 14.88 5.72
CA TYR A 32 4.97 15.47 5.50
C TYR A 32 5.42 15.27 4.06
N PRO A 33 6.61 15.79 3.73
CA PRO A 33 7.18 15.68 2.38
C PRO A 33 7.60 14.26 2.04
N LYS A 34 8.37 14.11 0.97
CA LYS A 34 8.83 12.80 0.54
C LYS A 34 9.38 12.01 1.72
N ASP A 35 10.04 12.69 2.64
CA ASP A 35 10.61 12.06 3.82
C ASP A 35 9.60 11.10 4.47
N ILE A 36 9.72 9.82 4.14
CA ILE A 36 8.82 8.82 4.69
C ILE A 36 9.18 7.42 4.17
N ASN A 37 8.97 6.42 5.03
CA ASN A 37 9.27 5.04 4.65
C ASN A 37 8.00 4.20 4.62
N VAL A 38 7.93 3.28 3.67
CA VAL A 38 6.76 2.41 3.53
C VAL A 38 7.18 0.94 3.46
N LYS A 39 6.37 0.07 4.05
CA LYS A 39 6.65 -1.36 4.06
C LYS A 39 5.36 -2.17 3.92
N TRP A 40 5.49 -3.41 3.47
CA TRP A 40 4.34 -4.29 3.29
C TRP A 40 4.53 -5.59 4.06
N LYS A 41 3.43 -6.16 4.54
CA LYS A 41 3.47 -7.41 5.29
C LYS A 41 2.30 -8.31 4.91
N ILE A 42 2.54 -9.61 4.88
CA ILE A 42 1.51 -10.58 4.54
C ILE A 42 1.16 -11.46 5.73
N ASP A 43 -0.02 -11.24 6.31
CA ASP A 43 -0.47 -12.02 7.45
C ASP A 43 0.48 -11.85 8.64
N GLY A 44 1.16 -10.70 8.67
CA GLY A 44 2.08 -10.43 9.76
C GLY A 44 3.51 -10.84 9.41
N SER A 45 3.75 -11.12 8.13
CA SER A 45 5.08 -11.53 7.67
C SER A 45 5.60 -10.57 6.62
N GLU A 46 6.66 -9.85 6.96
CA GLU A 46 7.27 -8.89 6.03
C GLU A 46 7.68 -9.58 4.74
N ARG A 47 7.31 -8.99 3.62
CA ARG A 47 7.65 -9.54 2.31
C ARG A 47 9.10 -9.24 1.95
N GLN A 48 9.70 -10.11 1.15
CA GLN A 48 11.09 -9.95 0.74
C GLN A 48 11.32 -8.56 0.15
N ASN A 49 12.44 -7.95 0.52
CA ASN A 49 12.78 -6.61 0.03
C ASN A 49 12.68 -6.55 -1.48
N GLY A 50 11.61 -5.95 -1.99
CA GLY A 50 11.42 -5.84 -3.42
C GLY A 50 10.03 -5.35 -3.79
N VAL A 51 9.66 -4.19 -3.27
CA VAL A 51 8.34 -3.62 -3.55
C VAL A 51 8.44 -2.43 -4.49
N LEU A 52 7.54 -2.37 -5.47
CA LEU A 52 7.53 -1.28 -6.44
C LEU A 52 7.04 0.01 -5.80
N ASN A 53 7.70 1.12 -6.11
CA ASN A 53 7.33 2.42 -5.57
C ASN A 53 7.31 3.47 -6.67
N SER A 54 6.56 4.55 -6.45
CA SER A 54 6.46 5.63 -7.41
C SER A 54 7.55 6.67 -7.18
N TRP A 55 7.52 7.74 -7.96
CA TRP A 55 8.49 8.82 -7.84
C TRP A 55 7.92 9.99 -7.04
N THR A 56 8.80 10.90 -6.63
CA THR A 56 8.39 12.06 -5.85
C THR A 56 7.38 12.91 -6.62
N ASP A 57 6.10 12.68 -6.37
CA ASP A 57 5.05 13.44 -7.03
C ASP A 57 4.68 14.69 -6.25
N GLN A 58 5.46 14.97 -5.20
CA GLN A 58 5.22 16.14 -4.37
C GLN A 58 5.09 17.40 -5.22
N ASP A 59 4.04 18.17 -4.97
CA ASP A 59 3.80 19.40 -5.72
C ASP A 59 3.69 20.60 -4.77
N SER A 60 3.64 21.79 -5.35
CA SER A 60 3.55 23.01 -4.56
C SER A 60 2.09 23.43 -4.39
N LYS A 61 1.29 23.17 -5.41
CA LYS A 61 -0.13 23.52 -5.39
C LYS A 61 -0.84 22.85 -4.21
N ASP A 62 -0.39 21.65 -3.86
CA ASP A 62 -0.97 20.91 -2.74
C ASP A 62 -0.19 21.15 -1.46
N SER A 63 1.09 21.50 -1.60
CA SER A 63 1.94 21.76 -0.46
C SER A 63 2.08 20.52 0.41
N THR A 64 2.10 19.35 -0.23
CA THR A 64 2.21 18.09 0.48
C THR A 64 2.67 16.98 -0.46
N TYR A 65 2.87 15.78 0.09
CA TYR A 65 3.31 14.64 -0.69
C TYR A 65 2.59 13.37 -0.26
N SER A 66 2.35 12.47 -1.20
CA SER A 66 1.67 11.21 -0.91
C SER A 66 1.53 10.37 -2.18
N MET A 67 2.29 9.29 -2.26
CA MET A 67 2.24 8.40 -3.42
C MET A 67 1.73 7.02 -3.03
N SER A 68 1.36 6.22 -4.01
CA SER A 68 0.84 4.89 -3.77
C SER A 68 1.97 3.85 -3.85
N SER A 69 1.93 2.87 -2.95
CA SER A 69 2.94 1.82 -2.92
C SER A 69 2.40 0.51 -3.48
N THR A 70 2.95 0.08 -4.61
CA THR A 70 2.51 -1.15 -5.26
C THR A 70 3.46 -2.30 -4.93
N LEU A 71 2.95 -3.31 -4.24
CA LEU A 71 3.75 -4.46 -3.87
C LEU A 71 3.95 -5.39 -5.06
N THR A 72 5.21 -5.63 -5.43
CA THR A 72 5.53 -6.50 -6.55
C THR A 72 5.08 -7.92 -6.29
N LEU A 73 4.00 -8.34 -6.96
CA LEU A 73 3.47 -9.69 -6.80
C LEU A 73 2.75 -10.14 -8.06
N THR A 74 2.86 -11.43 -8.36
CA THR A 74 2.21 -12.00 -9.54
C THR A 74 0.73 -12.26 -9.29
N LYS A 75 0.00 -12.55 -10.35
CA LYS A 75 -1.43 -12.82 -10.24
C LYS A 75 -1.69 -14.09 -9.44
N ASP A 76 -1.15 -15.20 -9.91
CA ASP A 76 -1.32 -16.48 -9.22
C ASP A 76 -0.79 -16.41 -7.80
N GLU A 77 0.04 -15.40 -7.53
CA GLU A 77 0.62 -15.23 -6.20
C GLU A 77 -0.37 -14.57 -5.26
N TYR A 78 -1.49 -14.11 -5.82
CA TYR A 78 -2.53 -13.46 -5.03
C TYR A 78 -3.35 -14.48 -4.25
N GLU A 79 -3.13 -15.75 -4.55
CA GLU A 79 -3.85 -16.83 -3.86
C GLU A 79 -3.07 -17.30 -2.63
N ARG A 80 -1.82 -16.88 -2.52
CA ARG A 80 -0.98 -17.25 -1.39
C ARG A 80 -1.15 -16.27 -0.24
N HIS A 81 -1.57 -15.05 -0.57
CA HIS A 81 -1.76 -14.02 0.44
C HIS A 81 -3.22 -13.57 0.48
N ASN A 82 -3.80 -13.57 1.69
CA ASN A 82 -5.19 -13.17 1.86
C ASN A 82 -5.29 -11.91 2.71
N SER A 83 -4.35 -11.75 3.64
CA SER A 83 -4.33 -10.58 4.52
C SER A 83 -3.15 -9.67 4.19
N TYR A 84 -3.46 -8.48 3.68
CA TYR A 84 -2.43 -7.51 3.31
C TYR A 84 -2.18 -6.52 4.45
N THR A 85 -1.01 -5.91 4.45
CA THR A 85 -0.65 -4.94 5.48
C THR A 85 0.23 -3.83 4.91
N CYS A 86 -0.16 -2.58 5.13
CA CYS A 86 0.60 -1.45 4.64
C CYS A 86 1.16 -0.63 5.81
N GLU A 87 2.47 -0.72 6.00
CA GLU A 87 3.14 0.01 7.07
C GLU A 87 3.79 1.29 6.55
N ALA A 88 3.66 2.36 7.32
CA ALA A 88 4.22 3.66 6.93
C ALA A 88 4.86 4.35 8.13
N THR A 89 6.02 4.95 7.90
CA THR A 89 6.74 5.64 8.96
C THR A 89 7.27 6.99 8.48
N HIS A 90 6.82 8.06 9.12
CA HIS A 90 7.26 9.41 8.76
C HIS A 90 7.86 10.13 9.95
N LYS A 91 8.19 11.41 9.76
CA LYS A 91 8.78 12.21 10.82
C LYS A 91 7.73 12.65 11.83
N THR A 92 6.55 13.02 11.33
CA THR A 92 5.46 13.45 12.19
C THR A 92 5.06 12.36 13.17
N SER A 93 5.31 11.12 12.80
CA SER A 93 4.98 9.98 13.66
C SER A 93 6.02 8.87 13.52
N THR A 94 6.83 8.71 14.56
CA THR A 94 7.87 7.68 14.56
C THR A 94 7.26 6.28 14.49
N SER A 95 6.11 6.11 15.11
CA SER A 95 5.43 4.82 15.12
C SER A 95 4.95 4.45 13.72
N PRO A 96 5.38 3.26 13.25
CA PRO A 96 5.01 2.75 11.93
C PRO A 96 3.53 2.38 11.83
N ILE A 97 2.76 3.18 11.10
CA ILE A 97 1.33 2.94 10.94
C ILE A 97 1.09 1.77 9.99
N VAL A 98 0.68 0.64 10.54
CA VAL A 98 0.41 -0.56 9.74
C VAL A 98 -1.09 -0.86 9.71
N LYS A 99 -1.63 -0.97 8.50
CA LYS A 99 -3.05 -1.27 8.33
C LYS A 99 -3.25 -2.60 7.64
N SER A 100 -3.86 -3.55 8.34
CA SER A 100 -4.11 -4.88 7.79
C SER A 100 -5.61 -5.16 7.70
N PHE A 101 -5.99 -6.02 6.76
CA PHE A 101 -7.39 -6.37 6.56
C PHE A 101 -7.51 -7.68 5.79
N ASN A 102 -8.59 -8.40 6.03
CA ASN A 102 -8.83 -9.67 5.35
C ASN A 102 -9.69 -9.47 4.10
N ARG A 103 -9.07 -9.69 2.95
CA ARG A 103 -9.77 -9.53 1.67
C ARG A 103 -10.63 -10.76 1.38
N ASN A 104 -10.20 -11.92 1.87
CA ASN A 104 -10.93 -13.16 1.64
C ASN A 104 -12.31 -13.10 2.31
N GLU A 105 -12.39 -12.41 3.44
CA GLU A 105 -13.64 -12.29 4.18
C GLU A 105 -14.39 -11.03 3.75
N SER A 106 -13.64 -9.97 3.45
CA SER A 106 -14.23 -8.71 3.02
C SER A 106 -14.40 -8.67 1.51
N GLU A 107 -14.25 -9.82 0.87
CA GLU A 107 -14.38 -9.91 -0.58
C GLU A 107 -15.67 -9.25 -1.05
N ASN A 108 -15.53 -8.14 -1.77
CA ASN A 108 -16.69 -7.40 -2.28
C ASN A 108 -16.61 -7.24 -3.80
N LEU A 109 -15.39 -7.06 -4.31
CA LEU A 109 -15.18 -6.89 -5.74
C LEU A 109 -15.85 -8.02 -6.52
N TYR A 110 -16.37 -7.68 -7.70
CA TYR A 110 -17.04 -8.67 -8.54
C TYR A 110 -16.10 -9.83 -8.88
N PHE A 111 -16.61 -10.78 -9.64
CA PHE A 111 -15.83 -11.95 -10.03
C PHE A 111 -15.19 -11.73 -11.40
N GLN A 112 -13.98 -12.24 -11.57
CA GLN A 112 -13.26 -12.11 -12.83
C GLN A 112 -14.11 -12.58 -14.00
N ALA A 1 3.62 21.19 6.07
CA ALA A 1 3.20 21.16 7.48
C ALA A 1 3.10 19.73 7.98
N ASP A 2 3.43 19.53 9.25
CA ASP A 2 3.37 18.20 9.85
C ASP A 2 1.96 17.62 9.75
N ALA A 3 1.84 16.51 9.03
CA ALA A 3 0.55 15.85 8.86
C ALA A 3 0.72 14.36 8.63
N ALA A 4 -0.11 13.56 9.30
CA ALA A 4 -0.06 12.12 9.18
C ALA A 4 -1.11 11.60 8.21
N PRO A 5 -0.74 10.60 7.39
CA PRO A 5 -1.64 10.01 6.40
C PRO A 5 -2.74 9.18 7.05
N THR A 6 -3.51 8.48 6.23
CA THR A 6 -4.62 7.65 6.72
C THR A 6 -4.26 6.17 6.63
N VAL A 7 -5.16 5.33 7.15
CA VAL A 7 -4.94 3.89 7.13
C VAL A 7 -5.91 3.21 6.15
N SER A 8 -5.41 2.92 4.95
CA SER A 8 -6.22 2.28 3.92
C SER A 8 -5.49 1.09 3.32
N ILE A 9 -6.25 0.10 2.87
CA ILE A 9 -5.68 -1.10 2.26
C ILE A 9 -6.57 -1.63 1.14
N PHE A 10 -5.97 -1.82 -0.03
CA PHE A 10 -6.72 -2.32 -1.18
C PHE A 10 -5.89 -3.37 -1.95
N PRO A 11 -6.22 -4.65 -1.75
CA PRO A 11 -5.51 -5.76 -2.40
C PRO A 11 -5.80 -5.82 -3.89
N PRO A 12 -5.07 -6.68 -4.61
CA PRO A 12 -5.23 -6.86 -6.05
C PRO A 12 -6.55 -7.53 -6.41
N SER A 13 -7.33 -6.89 -7.27
CA SER A 13 -8.61 -7.44 -7.69
C SER A 13 -8.46 -8.29 -8.95
N SER A 14 -9.58 -8.86 -9.40
CA SER A 14 -9.56 -9.70 -10.59
C SER A 14 -9.34 -8.86 -11.85
N GLU A 15 -9.66 -7.58 -11.75
CA GLU A 15 -9.50 -6.66 -12.88
C GLU A 15 -8.10 -6.78 -13.48
N GLN A 16 -7.09 -6.64 -12.63
CA GLN A 16 -5.70 -6.72 -13.08
C GLN A 16 -5.31 -8.18 -13.34
N LEU A 17 -5.95 -9.10 -12.64
CA LEU A 17 -5.67 -10.52 -12.79
C LEU A 17 -5.83 -10.96 -14.25
N THR A 18 -6.74 -10.30 -14.95
CA THR A 18 -7.00 -10.61 -16.35
C THR A 18 -5.71 -10.55 -17.18
N SER A 19 -4.79 -9.69 -16.76
CA SER A 19 -3.52 -9.54 -17.46
C SER A 19 -2.46 -10.48 -16.88
N GLY A 20 -2.73 -10.98 -15.68
CA GLY A 20 -1.80 -11.88 -15.03
C GLY A 20 -1.02 -11.22 -13.92
N GLY A 21 -1.38 -9.97 -13.61
CA GLY A 21 -0.70 -9.25 -12.56
C GLY A 21 -1.55 -9.08 -11.31
N ALA A 22 -0.89 -8.87 -10.17
CA ALA A 22 -1.61 -8.71 -8.92
C ALA A 22 -0.71 -8.05 -7.86
N SER A 23 -1.00 -6.80 -7.54
CA SER A 23 -0.22 -6.06 -6.56
C SER A 23 -1.12 -5.24 -5.64
N VAL A 24 -0.79 -5.23 -4.35
CA VAL A 24 -1.57 -4.49 -3.37
C VAL A 24 -1.22 -3.01 -3.39
N VAL A 25 -2.24 -2.16 -3.28
CA VAL A 25 -2.04 -0.72 -3.28
C VAL A 25 -2.53 -0.09 -1.99
N CYS A 26 -1.75 0.85 -1.46
CA CYS A 26 -2.11 1.53 -0.22
C CYS A 26 -2.57 2.96 -0.49
N PHE A 27 -3.25 3.55 0.48
CA PHE A 27 -3.75 4.91 0.35
C PHE A 27 -3.20 5.81 1.46
N LEU A 28 -2.81 7.02 1.09
CA LEU A 28 -2.27 7.97 2.06
C LEU A 28 -3.02 9.30 1.99
N ASN A 29 -3.08 10.00 3.13
CA ASN A 29 -3.76 11.28 3.20
C ASN A 29 -2.76 12.42 3.42
N ASN A 30 -3.13 13.61 2.95
CA ASN A 30 -2.27 14.77 3.10
C ASN A 30 -1.34 14.62 4.29
N PHE A 31 -0.05 14.36 4.02
CA PHE A 31 0.94 14.18 5.07
C PHE A 31 2.23 14.91 4.71
N TYR A 32 3.23 14.77 5.58
CA TYR A 32 4.52 15.41 5.36
C TYR A 32 4.98 15.22 3.92
N PRO A 33 6.17 15.77 3.60
CA PRO A 33 6.75 15.67 2.27
C PRO A 33 7.21 14.25 1.93
N LYS A 34 7.99 14.12 0.86
CA LYS A 34 8.49 12.82 0.44
C LYS A 34 9.05 12.04 1.62
N ASP A 35 9.67 12.75 2.56
CA ASP A 35 10.24 12.12 3.74
C ASP A 35 9.25 11.16 4.38
N ILE A 36 9.39 9.87 4.05
CA ILE A 36 8.50 8.84 4.58
C ILE A 36 8.89 7.47 4.08
N ASN A 37 8.72 6.46 4.93
CA ASN A 37 9.05 5.08 4.57
C ASN A 37 7.81 4.20 4.57
N VAL A 38 7.72 3.33 3.58
CA VAL A 38 6.58 2.42 3.46
C VAL A 38 7.03 0.96 3.39
N LYS A 39 6.25 0.08 3.98
CA LYS A 39 6.56 -1.34 3.99
C LYS A 39 5.30 -2.19 3.85
N TRP A 40 5.47 -3.43 3.42
CA TRP A 40 4.33 -4.34 3.25
C TRP A 40 4.55 -5.62 4.03
N LYS A 41 3.47 -6.17 4.57
CA LYS A 41 3.53 -7.40 5.35
C LYS A 41 2.38 -8.33 4.99
N ILE A 42 2.69 -9.62 4.86
CA ILE A 42 1.68 -10.62 4.52
C ILE A 42 1.40 -11.54 5.69
N ASP A 43 0.20 -11.41 6.27
CA ASP A 43 -0.19 -12.24 7.40
C ASP A 43 0.74 -12.01 8.59
N GLY A 44 1.30 -10.81 8.68
CA GLY A 44 2.21 -10.49 9.76
C GLY A 44 3.65 -10.84 9.44
N SER A 45 3.92 -11.13 8.17
CA SER A 45 5.27 -11.48 7.74
C SER A 45 5.74 -10.53 6.64
N GLU A 46 6.77 -9.76 6.95
CA GLU A 46 7.33 -8.81 5.99
C GLU A 46 7.70 -9.51 4.68
N ARG A 47 7.33 -8.89 3.56
CA ARG A 47 7.62 -9.45 2.25
C ARG A 47 9.02 -9.05 1.78
N GLN A 48 9.60 -9.84 0.89
CA GLN A 48 10.93 -9.57 0.36
C GLN A 48 11.01 -8.15 -0.18
N ASN A 49 12.23 -7.72 -0.51
CA ASN A 49 12.45 -6.38 -1.03
C ASN A 49 12.01 -6.28 -2.49
N GLY A 50 12.10 -5.09 -3.05
CA GLY A 50 11.70 -4.89 -4.44
C GLY A 50 10.29 -4.36 -4.58
N VAL A 51 9.91 -3.46 -3.67
CA VAL A 51 8.58 -2.87 -3.69
C VAL A 51 8.49 -1.75 -4.72
N LEU A 52 7.34 -1.68 -5.40
CA LEU A 52 7.13 -0.65 -6.41
C LEU A 52 6.65 0.65 -5.78
N ASN A 53 7.40 1.72 -5.99
CA ASN A 53 7.05 3.03 -5.44
C ASN A 53 7.19 4.12 -6.51
N SER A 54 6.52 5.24 -6.28
CA SER A 54 6.57 6.36 -7.21
C SER A 54 7.74 7.28 -6.90
N TRP A 55 7.87 8.35 -7.68
CA TRP A 55 8.95 9.31 -7.49
C TRP A 55 8.46 10.53 -6.72
N THR A 56 9.40 11.37 -6.28
CA THR A 56 9.06 12.57 -5.54
C THR A 56 8.36 13.59 -6.44
N ASP A 57 7.05 13.44 -6.60
CA ASP A 57 6.27 14.34 -7.43
C ASP A 57 5.71 15.49 -6.60
N GLN A 58 6.13 15.57 -5.35
CA GLN A 58 5.66 16.62 -4.45
C GLN A 58 5.84 17.99 -5.08
N ASP A 59 4.91 18.89 -4.79
CA ASP A 59 4.96 20.25 -5.34
C ASP A 59 4.97 21.29 -4.22
N SER A 60 5.93 22.21 -4.27
CA SER A 60 6.05 23.25 -3.26
C SER A 60 4.73 24.01 -3.11
N LYS A 61 3.98 24.11 -4.20
CA LYS A 61 2.70 24.81 -4.19
C LYS A 61 1.75 24.19 -3.16
N ASP A 62 1.84 22.87 -3.00
CA ASP A 62 0.99 22.16 -2.05
C ASP A 62 1.74 21.88 -0.75
N SER A 63 3.07 21.81 -0.85
CA SER A 63 3.90 21.55 0.32
C SER A 63 3.53 20.22 0.97
N THR A 64 3.06 19.28 0.15
CA THR A 64 2.66 17.98 0.65
C THR A 64 2.56 16.96 -0.48
N TYR A 65 2.76 15.69 -0.16
CA TYR A 65 2.69 14.62 -1.15
C TYR A 65 2.07 13.36 -0.57
N SER A 66 1.61 12.48 -1.44
CA SER A 66 0.99 11.22 -0.99
C SER A 66 0.64 10.35 -2.19
N MET A 67 1.47 9.34 -2.45
CA MET A 67 1.26 8.43 -3.56
C MET A 67 0.97 7.02 -3.06
N SER A 68 0.51 6.15 -3.95
CA SER A 68 0.19 4.78 -3.60
C SER A 68 1.39 3.86 -3.83
N SER A 69 1.53 2.86 -2.98
CA SER A 69 2.64 1.92 -3.08
C SER A 69 2.16 0.57 -3.61
N THR A 70 2.83 0.08 -4.65
CA THR A 70 2.48 -1.21 -5.25
C THR A 70 3.48 -2.29 -4.88
N LEU A 71 2.97 -3.46 -4.53
CA LEU A 71 3.82 -4.59 -4.15
C LEU A 71 4.02 -5.54 -5.32
N THR A 72 5.29 -5.77 -5.68
CA THR A 72 5.61 -6.66 -6.79
C THR A 72 5.17 -8.09 -6.49
N LEU A 73 4.09 -8.53 -7.13
CA LEU A 73 3.58 -9.87 -6.94
C LEU A 73 2.83 -10.36 -8.18
N THR A 74 2.98 -11.64 -8.48
CA THR A 74 2.32 -12.23 -9.64
C THR A 74 0.84 -12.49 -9.36
N LYS A 75 0.08 -12.79 -10.40
CA LYS A 75 -1.34 -13.07 -10.28
C LYS A 75 -1.58 -14.33 -9.45
N ASP A 76 -1.03 -15.45 -9.92
CA ASP A 76 -1.17 -16.72 -9.24
C ASP A 76 -0.63 -16.64 -7.82
N GLU A 77 0.19 -15.62 -7.56
CA GLU A 77 0.79 -15.43 -6.24
C GLU A 77 -0.22 -14.77 -5.29
N TYR A 78 -1.34 -14.34 -5.84
CA TYR A 78 -2.38 -13.69 -5.03
C TYR A 78 -3.17 -14.73 -4.24
N GLU A 79 -2.94 -16.00 -4.54
CA GLU A 79 -3.64 -17.09 -3.86
C GLU A 79 -2.86 -17.55 -2.63
N ARG A 80 -1.62 -17.10 -2.53
CA ARG A 80 -0.76 -17.46 -1.40
C ARG A 80 -0.96 -16.50 -0.24
N HIS A 81 -1.42 -15.29 -0.56
CA HIS A 81 -1.65 -14.27 0.47
C HIS A 81 -3.12 -13.88 0.52
N ASN A 82 -3.68 -13.84 1.73
CA ASN A 82 -5.08 -13.49 1.92
C ASN A 82 -5.21 -12.22 2.75
N SER A 83 -4.27 -12.01 3.66
CA SER A 83 -4.28 -10.83 4.52
C SER A 83 -3.12 -9.89 4.18
N TYR A 84 -3.45 -8.72 3.65
CA TYR A 84 -2.43 -7.74 3.28
C TYR A 84 -2.24 -6.72 4.39
N THR A 85 -1.07 -6.08 4.40
CA THR A 85 -0.76 -5.08 5.41
C THR A 85 0.13 -3.97 4.83
N CYS A 86 -0.27 -2.73 5.06
CA CYS A 86 0.48 -1.59 4.58
C CYS A 86 1.06 -0.77 5.73
N GLU A 87 2.37 -0.83 5.90
CA GLU A 87 3.04 -0.08 6.97
C GLU A 87 3.61 1.22 6.45
N ALA A 88 3.48 2.28 7.24
CA ALA A 88 3.99 3.59 6.85
C ALA A 88 4.61 4.31 8.05
N THR A 89 5.76 4.94 7.83
CA THR A 89 6.46 5.66 8.87
C THR A 89 6.96 7.01 8.39
N HIS A 90 6.51 8.08 9.04
CA HIS A 90 6.91 9.43 8.67
C HIS A 90 7.50 10.18 9.87
N LYS A 91 7.80 11.45 9.68
CA LYS A 91 8.36 12.27 10.75
C LYS A 91 7.27 12.69 11.73
N THR A 92 6.10 13.03 11.22
CA THR A 92 4.98 13.44 12.05
C THR A 92 4.60 12.34 13.05
N SER A 93 4.89 11.09 12.68
CA SER A 93 4.57 9.96 13.53
C SER A 93 5.67 8.89 13.45
N THR A 94 6.45 8.77 14.51
CA THR A 94 7.53 7.79 14.56
C THR A 94 6.99 6.37 14.49
N SER A 95 5.80 6.16 15.07
CA SER A 95 5.18 4.85 15.08
C SER A 95 4.72 4.45 13.68
N PRO A 96 5.19 3.28 13.22
CA PRO A 96 4.84 2.76 11.88
C PRO A 96 3.38 2.33 11.79
N ILE A 97 2.58 3.12 11.07
CA ILE A 97 1.17 2.82 10.91
C ILE A 97 0.97 1.61 9.99
N VAL A 98 0.62 0.47 10.59
CA VAL A 98 0.40 -0.75 9.84
C VAL A 98 -1.09 -1.08 9.74
N LYS A 99 -1.61 -1.08 8.53
CA LYS A 99 -3.02 -1.38 8.30
C LYS A 99 -3.19 -2.73 7.63
N SER A 100 -3.81 -3.66 8.34
CA SER A 100 -4.03 -5.01 7.81
C SER A 100 -5.53 -5.33 7.75
N PHE A 101 -5.89 -6.21 6.83
CA PHE A 101 -7.29 -6.60 6.66
C PHE A 101 -7.40 -7.93 5.92
N ASN A 102 -8.50 -8.65 6.16
CA ASN A 102 -8.72 -9.93 5.53
C ASN A 102 -9.58 -9.79 4.28
N ARG A 103 -8.96 -9.93 3.11
CA ARG A 103 -9.68 -9.81 1.85
C ARG A 103 -10.54 -11.04 1.59
N ASN A 104 -10.12 -12.18 2.14
CA ASN A 104 -10.86 -13.43 1.97
C ASN A 104 -12.21 -13.36 2.65
N GLU A 105 -12.26 -12.66 3.79
CA GLU A 105 -13.49 -12.52 4.55
C GLU A 105 -14.25 -11.27 4.12
N SER A 106 -13.50 -10.21 3.81
CA SER A 106 -14.10 -8.95 3.38
C SER A 106 -14.27 -8.91 1.86
N GLU A 107 -14.12 -10.07 1.23
CA GLU A 107 -14.26 -10.15 -0.22
C GLU A 107 -15.55 -9.49 -0.69
N ASN A 108 -15.42 -8.39 -1.42
CA ASN A 108 -16.57 -7.65 -1.92
C ASN A 108 -16.51 -7.53 -3.44
N LEU A 109 -15.30 -7.37 -3.96
CA LEU A 109 -15.10 -7.24 -5.40
C LEU A 109 -15.81 -8.36 -6.16
N TYR A 110 -16.60 -7.97 -7.16
CA TYR A 110 -17.33 -8.94 -7.97
C TYR A 110 -16.40 -9.99 -8.55
N PHE A 111 -16.98 -10.95 -9.27
CA PHE A 111 -16.19 -12.02 -9.88
C PHE A 111 -16.89 -12.56 -11.12
N GLN A 112 -16.09 -12.93 -12.13
CA GLN A 112 -16.64 -13.45 -13.37
C GLN A 112 -16.68 -14.98 -13.35
N ALA A 1 3.31 21.25 6.14
CA ALA A 1 3.18 21.19 7.59
C ALA A 1 3.07 19.75 8.08
N ASP A 2 3.39 19.54 9.35
CA ASP A 2 3.31 18.21 9.95
C ASP A 2 1.91 17.63 9.82
N ALA A 3 1.80 16.52 9.08
CA ALA A 3 0.51 15.86 8.87
C ALA A 3 0.69 14.37 8.66
N ALA A 4 -0.19 13.58 9.28
CA ALA A 4 -0.12 12.13 9.16
C ALA A 4 -1.13 11.62 8.13
N PRO A 5 -0.72 10.61 7.35
CA PRO A 5 -1.58 10.01 6.31
C PRO A 5 -2.74 9.22 6.90
N THR A 6 -3.45 8.49 6.05
CA THR A 6 -4.58 7.68 6.50
C THR A 6 -4.26 6.19 6.42
N VAL A 7 -5.19 5.37 6.89
CA VAL A 7 -5.01 3.93 6.86
C VAL A 7 -5.95 3.27 5.85
N SER A 8 -5.43 2.97 4.67
CA SER A 8 -6.21 2.35 3.62
C SER A 8 -5.48 1.14 3.04
N ILE A 9 -6.25 0.17 2.56
CA ILE A 9 -5.68 -1.04 1.98
C ILE A 9 -6.54 -1.56 0.83
N PHE A 10 -5.92 -1.76 -0.32
CA PHE A 10 -6.62 -2.26 -1.50
C PHE A 10 -5.79 -3.30 -2.24
N PRO A 11 -6.12 -4.58 -2.03
CA PRO A 11 -5.43 -5.69 -2.67
C PRO A 11 -5.68 -5.76 -4.18
N PRO A 12 -4.93 -6.62 -4.87
CA PRO A 12 -5.05 -6.80 -6.31
C PRO A 12 -6.36 -7.49 -6.70
N SER A 13 -7.17 -6.81 -7.52
CA SER A 13 -8.45 -7.35 -7.95
C SER A 13 -8.27 -8.20 -9.22
N SER A 14 -9.38 -8.77 -9.68
CA SER A 14 -9.35 -9.62 -10.88
C SER A 14 -9.12 -8.77 -12.13
N GLU A 15 -9.45 -7.49 -12.03
CA GLU A 15 -9.29 -6.57 -13.16
C GLU A 15 -7.87 -6.67 -13.74
N GLN A 16 -6.87 -6.52 -12.87
CA GLN A 16 -5.48 -6.59 -13.30
C GLN A 16 -5.07 -8.03 -13.57
N LEU A 17 -5.71 -8.96 -12.88
CA LEU A 17 -5.42 -10.38 -13.04
C LEU A 17 -5.57 -10.80 -14.50
N THR A 18 -6.48 -10.15 -15.20
CA THR A 18 -6.72 -10.46 -16.61
C THR A 18 -5.43 -10.39 -17.42
N SER A 19 -4.53 -9.51 -17.00
CA SER A 19 -3.25 -9.35 -17.69
C SER A 19 -2.18 -10.27 -17.10
N GLY A 20 -2.45 -10.79 -15.90
CA GLY A 20 -1.51 -11.68 -15.24
C GLY A 20 -0.75 -11.00 -14.12
N GLY A 21 -1.14 -9.76 -13.80
CA GLY A 21 -0.48 -9.03 -12.74
C GLY A 21 -1.35 -8.88 -11.52
N ALA A 22 -0.70 -8.68 -10.37
CA ALA A 22 -1.43 -8.53 -9.11
C ALA A 22 -0.54 -7.89 -8.04
N SER A 23 -0.82 -6.63 -7.72
CA SER A 23 -0.04 -5.91 -6.71
C SER A 23 -0.95 -5.08 -5.82
N VAL A 24 -0.67 -5.10 -4.51
CA VAL A 24 -1.46 -4.36 -3.55
C VAL A 24 -1.05 -2.89 -3.51
N VAL A 25 -2.04 -2.00 -3.43
CA VAL A 25 -1.78 -0.57 -3.40
C VAL A 25 -2.32 0.06 -2.11
N CYS A 26 -1.55 0.98 -1.54
CA CYS A 26 -1.95 1.65 -0.31
C CYS A 26 -2.39 3.08 -0.59
N PHE A 27 -3.12 3.67 0.36
CA PHE A 27 -3.61 5.03 0.21
C PHE A 27 -3.09 5.92 1.34
N LEU A 28 -2.69 7.13 0.99
CA LEU A 28 -2.16 8.08 1.97
C LEU A 28 -2.91 9.41 1.89
N ASN A 29 -3.00 10.10 3.02
CA ASN A 29 -3.69 11.39 3.08
C ASN A 29 -2.69 12.52 3.34
N ASN A 30 -3.01 13.70 2.83
CA ASN A 30 -2.15 14.87 3.00
C ASN A 30 -1.26 14.71 4.23
N PHE A 31 0.02 14.44 3.99
CA PHE A 31 0.97 14.26 5.08
C PHE A 31 2.30 14.96 4.76
N TYR A 32 3.27 14.82 5.67
CA TYR A 32 4.57 15.44 5.48
C TYR A 32 5.07 15.23 4.05
N PRO A 33 6.27 15.77 3.77
CA PRO A 33 6.89 15.67 2.44
C PRO A 33 7.33 14.24 2.13
N LYS A 34 8.14 14.11 1.07
CA LYS A 34 8.64 12.80 0.66
C LYS A 34 9.15 12.01 1.86
N ASP A 35 9.76 12.72 2.81
CA ASP A 35 10.28 12.07 4.01
C ASP A 35 9.27 11.11 4.62
N ILE A 36 9.39 9.83 4.28
CA ILE A 36 8.49 8.82 4.79
C ILE A 36 8.89 7.43 4.28
N ASN A 37 8.69 6.42 5.12
CA ASN A 37 9.02 5.05 4.75
C ASN A 37 7.76 4.18 4.71
N VAL A 38 7.71 3.28 3.73
CA VAL A 38 6.56 2.39 3.57
C VAL A 38 7.01 0.93 3.48
N LYS A 39 6.21 0.04 4.04
CA LYS A 39 6.51 -1.39 4.02
C LYS A 39 5.25 -2.21 3.84
N TRP A 40 5.42 -3.45 3.39
CA TRP A 40 4.28 -4.34 3.17
C TRP A 40 4.48 -5.66 3.92
N LYS A 41 3.39 -6.19 4.45
CA LYS A 41 3.43 -7.45 5.19
C LYS A 41 2.25 -8.34 4.82
N ILE A 42 2.51 -9.64 4.69
CA ILE A 42 1.47 -10.59 4.34
C ILE A 42 1.18 -11.53 5.51
N ASP A 43 0.01 -11.35 6.13
CA ASP A 43 -0.39 -12.18 7.25
C ASP A 43 0.57 -12.01 8.43
N GLY A 44 1.20 -10.84 8.50
CA GLY A 44 2.14 -10.58 9.57
C GLY A 44 3.57 -10.95 9.21
N SER A 45 3.79 -11.22 7.92
CA SER A 45 5.12 -11.58 7.44
C SER A 45 5.61 -10.61 6.37
N GLU A 46 6.66 -9.87 6.70
CA GLU A 46 7.22 -8.89 5.77
C GLU A 46 7.57 -9.55 4.43
N ARG A 47 7.24 -8.87 3.35
CA ARG A 47 7.51 -9.38 2.00
C ARG A 47 8.95 -9.10 1.60
N GLN A 48 9.44 -9.87 0.63
CA GLN A 48 10.81 -9.69 0.14
C GLN A 48 11.07 -8.25 -0.28
N ASN A 49 12.23 -7.73 0.06
CA ASN A 49 12.59 -6.36 -0.28
C ASN A 49 12.60 -6.17 -1.80
N GLY A 50 11.49 -5.65 -2.32
CA GLY A 50 11.39 -5.42 -3.75
C GLY A 50 10.06 -4.81 -4.14
N VAL A 51 9.50 -3.99 -3.26
CA VAL A 51 8.22 -3.34 -3.52
C VAL A 51 8.38 -2.14 -4.45
N LEU A 52 7.53 -2.05 -5.45
CA LEU A 52 7.58 -0.95 -6.40
C LEU A 52 7.08 0.35 -5.77
N ASN A 53 7.79 1.44 -6.03
CA ASN A 53 7.42 2.74 -5.49
C ASN A 53 7.48 3.82 -6.57
N SER A 54 6.76 4.91 -6.35
CA SER A 54 6.73 6.01 -7.30
C SER A 54 7.85 7.00 -7.02
N TRP A 55 7.90 8.07 -7.81
CA TRP A 55 8.93 9.09 -7.65
C TRP A 55 8.38 10.29 -6.88
N THR A 56 9.29 11.14 -6.39
CA THR A 56 8.89 12.32 -5.64
C THR A 56 8.13 13.31 -6.53
N ASP A 57 6.82 13.12 -6.62
CA ASP A 57 5.98 13.99 -7.42
C ASP A 57 5.43 15.15 -6.58
N GLN A 58 5.92 15.26 -5.35
CA GLN A 58 5.48 16.32 -4.45
C GLN A 58 5.57 17.69 -5.13
N ASP A 59 4.54 18.50 -4.93
CA ASP A 59 4.50 19.84 -5.53
C ASP A 59 4.29 20.90 -4.46
N SER A 60 5.10 21.95 -4.50
CA SER A 60 5.01 23.04 -3.54
C SER A 60 3.60 23.65 -3.54
N LYS A 61 2.97 23.64 -4.70
CA LYS A 61 1.63 24.19 -4.84
C LYS A 61 0.65 23.50 -3.90
N ASP A 62 0.90 22.22 -3.64
CA ASP A 62 0.04 21.44 -2.75
C ASP A 62 0.58 21.45 -1.32
N SER A 63 1.89 21.66 -1.20
CA SER A 63 2.54 21.68 0.11
C SER A 63 2.33 20.37 0.84
N THR A 64 2.30 19.27 0.09
CA THR A 64 2.12 17.95 0.66
C THR A 64 2.56 16.85 -0.31
N TYR A 65 2.48 15.60 0.14
CA TYR A 65 2.86 14.48 -0.69
C TYR A 65 2.04 13.24 -0.35
N SER A 66 1.93 12.32 -1.30
CA SER A 66 1.17 11.10 -1.10
C SER A 66 1.18 10.23 -2.36
N MET A 67 1.98 9.17 -2.33
CA MET A 67 2.10 8.26 -3.46
C MET A 67 1.59 6.87 -3.09
N SER A 68 1.19 6.11 -4.11
CA SER A 68 0.68 4.76 -3.89
C SER A 68 1.80 3.73 -4.01
N SER A 69 1.90 2.86 -3.00
CA SER A 69 2.94 1.83 -2.99
C SER A 69 2.41 0.52 -3.56
N THR A 70 2.97 0.08 -4.67
CA THR A 70 2.56 -1.16 -5.33
C THR A 70 3.54 -2.29 -5.03
N LEU A 71 3.06 -3.31 -4.34
CA LEU A 71 3.89 -4.47 -4.00
C LEU A 71 4.09 -5.37 -5.20
N THR A 72 5.35 -5.56 -5.59
CA THR A 72 5.68 -6.42 -6.72
C THR A 72 5.26 -7.86 -6.47
N LEU A 73 4.22 -8.30 -7.15
CA LEU A 73 3.72 -9.66 -7.01
C LEU A 73 3.02 -10.13 -8.28
N THR A 74 3.15 -11.41 -8.59
CA THR A 74 2.53 -11.98 -9.78
C THR A 74 1.05 -12.28 -9.54
N LYS A 75 0.33 -12.57 -10.62
CA LYS A 75 -1.09 -12.89 -10.52
C LYS A 75 -1.31 -14.17 -9.73
N ASP A 76 -0.73 -15.27 -10.20
CA ASP A 76 -0.87 -16.55 -9.54
C ASP A 76 -0.36 -16.48 -8.11
N GLU A 77 0.44 -15.46 -7.82
CA GLU A 77 1.00 -15.28 -6.48
C GLU A 77 -0.03 -14.66 -5.54
N TYR A 78 -1.16 -14.23 -6.10
CA TYR A 78 -2.23 -13.62 -5.32
C TYR A 78 -3.01 -14.68 -4.54
N GLU A 79 -2.74 -15.94 -4.85
CA GLU A 79 -3.43 -17.05 -4.18
C GLU A 79 -2.66 -17.50 -2.94
N ARG A 80 -1.42 -17.03 -2.83
CA ARG A 80 -0.57 -17.38 -1.69
C ARG A 80 -0.81 -16.43 -0.52
N HIS A 81 -1.30 -15.24 -0.83
CA HIS A 81 -1.57 -14.23 0.19
C HIS A 81 -3.06 -13.92 0.27
N ASN A 82 -3.58 -13.80 1.48
CA ASN A 82 -4.99 -13.51 1.69
C ASN A 82 -5.17 -12.23 2.51
N SER A 83 -4.23 -11.99 3.42
CA SER A 83 -4.28 -10.80 4.27
C SER A 83 -3.13 -9.86 3.96
N TYR A 84 -3.45 -8.69 3.42
CA TYR A 84 -2.43 -7.70 3.07
C TYR A 84 -2.24 -6.70 4.21
N THR A 85 -1.08 -6.06 4.24
CA THR A 85 -0.78 -5.08 5.27
C THR A 85 0.12 -3.96 4.72
N CYS A 86 -0.27 -2.72 4.96
CA CYS A 86 0.49 -1.58 4.49
C CYS A 86 1.02 -0.77 5.67
N GLU A 87 2.34 -0.82 5.88
CA GLU A 87 2.97 -0.09 6.96
C GLU A 87 3.56 1.22 6.47
N ALA A 88 3.40 2.28 7.26
CA ALA A 88 3.91 3.60 6.91
C ALA A 88 4.51 4.29 8.11
N THR A 89 5.67 4.92 7.93
CA THR A 89 6.35 5.63 9.00
C THR A 89 6.86 6.98 8.54
N HIS A 90 6.40 8.04 9.19
CA HIS A 90 6.81 9.40 8.83
C HIS A 90 7.38 10.13 10.05
N LYS A 91 7.70 11.41 9.88
CA LYS A 91 8.24 12.22 10.96
C LYS A 91 7.14 12.64 11.93
N THR A 92 5.98 12.99 11.37
CA THR A 92 4.85 13.41 12.18
C THR A 92 4.42 12.31 13.17
N SER A 93 4.72 11.07 12.81
CA SER A 93 4.37 9.93 13.66
C SER A 93 5.44 8.85 13.56
N THR A 94 6.21 8.69 14.63
CA THR A 94 7.27 7.69 14.67
C THR A 94 6.69 6.27 14.58
N SER A 95 5.51 6.09 15.16
CA SER A 95 4.86 4.79 15.15
C SER A 95 4.45 4.39 13.73
N PRO A 96 4.93 3.22 13.28
CA PRO A 96 4.63 2.71 11.95
C PRO A 96 3.17 2.28 11.80
N ILE A 97 2.40 3.09 11.08
CA ILE A 97 0.98 2.78 10.87
C ILE A 97 0.81 1.59 9.95
N VAL A 98 0.43 0.45 10.53
CA VAL A 98 0.23 -0.77 9.77
C VAL A 98 -1.26 -1.11 9.65
N LYS A 99 -1.76 -1.11 8.42
CA LYS A 99 -3.16 -1.42 8.17
C LYS A 99 -3.31 -2.76 7.45
N SER A 100 -3.94 -3.72 8.12
CA SER A 100 -4.14 -5.04 7.56
C SER A 100 -5.63 -5.39 7.48
N PHE A 101 -6.00 -6.23 6.52
CA PHE A 101 -7.38 -6.63 6.33
C PHE A 101 -7.46 -7.95 5.57
N ASN A 102 -8.54 -8.69 5.82
CA ASN A 102 -8.74 -9.98 5.16
C ASN A 102 -9.60 -9.83 3.91
N ARG A 103 -8.99 -10.04 2.75
CA ARG A 103 -9.71 -9.92 1.49
C ARG A 103 -10.52 -11.18 1.19
N ASN A 104 -10.06 -12.32 1.71
CA ASN A 104 -10.74 -13.59 1.50
C ASN A 104 -12.05 -13.62 2.28
N GLU A 105 -12.06 -12.99 3.45
CA GLU A 105 -13.26 -12.95 4.28
C GLU A 105 -14.18 -11.80 3.86
N SER A 106 -13.65 -10.59 3.86
CA SER A 106 -14.42 -9.41 3.49
C SER A 106 -14.82 -9.48 2.01
N GLU A 107 -13.86 -9.81 1.15
CA GLU A 107 -14.11 -9.91 -0.28
C GLU A 107 -15.13 -8.86 -0.72
N ASN A 108 -14.66 -7.62 -0.86
CA ASN A 108 -15.53 -6.52 -1.27
C ASN A 108 -15.52 -6.37 -2.79
N LEU A 109 -14.36 -6.58 -3.40
CA LEU A 109 -14.21 -6.48 -4.84
C LEU A 109 -15.27 -7.30 -5.56
N TYR A 110 -15.71 -6.81 -6.72
CA TYR A 110 -16.71 -7.52 -7.51
C TYR A 110 -16.26 -8.93 -7.83
N PHE A 111 -17.11 -9.67 -8.55
CA PHE A 111 -16.80 -11.04 -8.93
C PHE A 111 -16.66 -11.93 -7.70
N GLN A 112 -17.60 -11.80 -6.77
CA GLN A 112 -17.57 -12.59 -5.54
C GLN A 112 -17.42 -14.08 -5.86
N ALA A 1 3.79 21.28 6.25
CA ALA A 1 3.75 21.24 7.70
C ALA A 1 3.60 19.81 8.22
N ASP A 2 3.98 19.59 9.47
CA ASP A 2 3.88 18.27 10.08
C ASP A 2 2.46 17.71 9.94
N ALA A 3 2.33 16.61 9.22
CA ALA A 3 1.03 15.97 9.03
C ALA A 3 1.17 14.47 8.83
N ALA A 4 0.30 13.71 9.46
CA ALA A 4 0.33 12.24 9.34
C ALA A 4 -0.70 11.75 8.34
N PRO A 5 -0.33 10.74 7.56
CA PRO A 5 -1.20 10.15 6.53
C PRO A 5 -2.36 9.38 7.15
N THR A 6 -3.10 8.66 6.30
CA THR A 6 -4.24 7.88 6.75
C THR A 6 -3.95 6.38 6.67
N VAL A 7 -4.88 5.57 7.16
CA VAL A 7 -4.73 4.12 7.14
C VAL A 7 -5.68 3.48 6.14
N SER A 8 -5.19 3.19 4.94
CA SER A 8 -6.00 2.59 3.90
C SER A 8 -5.29 1.38 3.29
N ILE A 9 -6.07 0.43 2.79
CA ILE A 9 -5.53 -0.78 2.18
C ILE A 9 -6.40 -1.26 1.04
N PHE A 10 -5.79 -1.44 -0.13
CA PHE A 10 -6.50 -1.90 -1.31
C PHE A 10 -5.70 -2.96 -2.07
N PRO A 11 -6.10 -4.23 -1.89
CA PRO A 11 -5.42 -5.36 -2.54
C PRO A 11 -5.67 -5.39 -4.05
N PRO A 12 -4.93 -6.27 -4.75
CA PRO A 12 -5.05 -6.42 -6.20
C PRO A 12 -6.38 -7.04 -6.61
N SER A 13 -7.08 -6.37 -7.52
CA SER A 13 -8.37 -6.86 -7.99
C SER A 13 -8.21 -7.70 -9.26
N SER A 14 -9.31 -8.25 -9.75
CA SER A 14 -9.29 -9.08 -10.94
C SER A 14 -9.00 -8.24 -12.19
N GLU A 15 -9.30 -6.95 -12.10
CA GLU A 15 -9.07 -6.03 -13.21
C GLU A 15 -7.65 -6.17 -13.76
N GLN A 16 -6.67 -6.05 -12.87
CA GLN A 16 -5.27 -6.17 -13.26
C GLN A 16 -4.89 -7.62 -13.53
N LEU A 17 -5.58 -8.54 -12.86
CA LEU A 17 -5.31 -9.97 -13.01
C LEU A 17 -5.44 -10.38 -14.48
N THR A 18 -6.31 -9.69 -15.21
CA THR A 18 -6.52 -9.98 -16.62
C THR A 18 -5.21 -9.95 -17.40
N SER A 19 -4.27 -9.12 -16.93
CA SER A 19 -2.98 -8.99 -17.58
C SER A 19 -1.96 -9.96 -16.97
N GLY A 20 -2.28 -10.46 -15.78
CA GLY A 20 -1.39 -11.39 -15.10
C GLY A 20 -0.65 -10.75 -13.95
N GLY A 21 -0.99 -9.50 -13.64
CA GLY A 21 -0.34 -8.79 -12.56
C GLY A 21 -1.24 -8.63 -11.35
N ALA A 22 -0.63 -8.46 -10.18
CA ALA A 22 -1.38 -8.29 -8.95
C ALA A 22 -0.52 -7.63 -7.86
N SER A 23 -0.82 -6.38 -7.57
CA SER A 23 -0.07 -5.64 -6.55
C SER A 23 -0.99 -4.79 -5.70
N VAL A 24 -0.79 -4.83 -4.38
CA VAL A 24 -1.61 -4.06 -3.46
C VAL A 24 -1.17 -2.60 -3.41
N VAL A 25 -2.14 -1.69 -3.41
CA VAL A 25 -1.85 -0.26 -3.36
C VAL A 25 -2.35 0.36 -2.06
N CYS A 26 -1.53 1.21 -1.46
CA CYS A 26 -1.88 1.87 -0.21
C CYS A 26 -2.32 3.31 -0.47
N PHE A 27 -2.99 3.91 0.52
CA PHE A 27 -3.46 5.28 0.40
C PHE A 27 -2.86 6.16 1.49
N LEU A 28 -2.35 7.31 1.11
CA LEU A 28 -1.75 8.25 2.05
C LEU A 28 -2.37 9.64 1.93
N ASN A 29 -2.56 10.30 3.07
CA ASN A 29 -3.16 11.63 3.08
C ASN A 29 -2.07 12.70 3.10
N ASN A 30 -2.49 13.96 3.14
CA ASN A 30 -1.55 15.08 3.15
C ASN A 30 -0.63 15.01 4.36
N PHE A 31 0.53 14.38 4.19
CA PHE A 31 1.50 14.24 5.26
C PHE A 31 2.80 14.96 4.92
N TYR A 32 3.77 14.85 5.82
CA TYR A 32 5.07 15.49 5.61
C TYR A 32 5.55 15.32 4.18
N PRO A 33 6.73 15.87 3.88
CA PRO A 33 7.33 15.79 2.54
C PRO A 33 7.79 14.38 2.20
N LYS A 34 8.60 14.26 1.15
CA LYS A 34 9.12 12.97 0.73
C LYS A 34 9.61 12.15 1.92
N ASP A 35 10.25 12.84 2.87
CA ASP A 35 10.76 12.18 4.06
C ASP A 35 9.72 11.22 4.65
N ILE A 36 9.83 9.95 4.30
CA ILE A 36 8.90 8.94 4.79
C ILE A 36 9.27 7.55 4.26
N ASN A 37 9.03 6.53 5.08
CA ASN A 37 9.34 5.16 4.69
C ASN A 37 8.07 4.30 4.70
N VAL A 38 7.94 3.43 3.71
CA VAL A 38 6.79 2.55 3.59
C VAL A 38 7.20 1.09 3.51
N LYS A 39 6.41 0.21 4.10
CA LYS A 39 6.70 -1.22 4.09
C LYS A 39 5.42 -2.03 3.94
N TRP A 40 5.55 -3.27 3.49
CA TRP A 40 4.41 -4.15 3.30
C TRP A 40 4.60 -5.45 4.07
N LYS A 41 3.48 -6.04 4.51
CA LYS A 41 3.52 -7.29 5.25
C LYS A 41 2.37 -8.21 4.84
N ILE A 42 2.66 -9.51 4.78
CA ILE A 42 1.64 -10.49 4.41
C ILE A 42 1.27 -11.37 5.59
N ASP A 43 0.06 -11.20 6.09
CA ASP A 43 -0.43 -11.97 7.21
C ASP A 43 0.46 -11.78 8.44
N GLY A 44 1.10 -10.61 8.52
CA GLY A 44 1.98 -10.32 9.64
C GLY A 44 3.41 -10.71 9.37
N SER A 45 3.72 -11.01 8.11
CA SER A 45 5.07 -11.41 7.72
C SER A 45 5.62 -10.48 6.64
N GLU A 46 6.65 -9.72 6.99
CA GLU A 46 7.26 -8.79 6.04
C GLU A 46 7.67 -9.51 4.76
N ARG A 47 7.31 -8.94 3.62
CA ARG A 47 7.64 -9.52 2.33
C ARG A 47 9.05 -9.12 1.89
N GLN A 48 9.60 -9.87 0.93
CA GLN A 48 10.93 -9.58 0.43
C GLN A 48 11.07 -8.12 0.02
N ASN A 49 12.00 -7.41 0.65
CA ASN A 49 12.22 -6.00 0.35
C ASN A 49 12.43 -5.80 -1.14
N GLY A 50 11.46 -5.14 -1.79
CA GLY A 50 11.56 -4.89 -3.21
C GLY A 50 10.23 -4.50 -3.83
N VAL A 51 9.44 -3.72 -3.08
CA VAL A 51 8.14 -3.28 -3.56
C VAL A 51 8.28 -2.09 -4.50
N LEU A 52 7.41 -2.04 -5.51
CA LEU A 52 7.43 -0.95 -6.48
C LEU A 52 6.92 0.35 -5.86
N ASN A 53 7.73 1.39 -5.93
CA ASN A 53 7.35 2.69 -5.37
C ASN A 53 7.34 3.76 -6.46
N SER A 54 6.61 4.83 -6.20
CA SER A 54 6.51 5.94 -7.16
C SER A 54 7.61 6.96 -6.93
N TRP A 55 7.57 8.04 -7.70
CA TRP A 55 8.57 9.10 -7.58
C TRP A 55 8.03 10.26 -6.74
N THR A 56 8.92 11.17 -6.36
CA THR A 56 8.53 12.32 -5.55
C THR A 56 7.34 13.04 -6.18
N ASP A 57 6.17 12.84 -5.59
CA ASP A 57 4.95 13.47 -6.08
C ASP A 57 4.72 14.82 -5.39
N GLN A 58 5.69 15.24 -4.59
CA GLN A 58 5.59 16.51 -3.88
C GLN A 58 5.56 17.69 -4.86
N ASP A 59 4.67 18.64 -4.60
CA ASP A 59 4.54 19.81 -5.46
C ASP A 59 4.16 21.04 -4.64
N SER A 60 3.91 22.15 -5.33
CA SER A 60 3.54 23.40 -4.67
C SER A 60 2.03 23.54 -4.57
N LYS A 61 1.32 23.04 -5.58
CA LYS A 61 -0.13 23.11 -5.59
C LYS A 61 -0.74 22.42 -4.38
N ASP A 62 -0.13 21.30 -3.99
CA ASP A 62 -0.60 20.53 -2.84
C ASP A 62 0.26 20.83 -1.61
N SER A 63 1.51 21.22 -1.84
CA SER A 63 2.43 21.52 -0.75
C SER A 63 2.50 20.37 0.24
N THR A 64 2.37 19.15 -0.27
CA THR A 64 2.43 17.95 0.56
C THR A 64 2.88 16.75 -0.24
N TYR A 65 2.99 15.61 0.44
CA TYR A 65 3.44 14.37 -0.20
C TYR A 65 2.45 13.23 0.08
N SER A 66 2.22 12.40 -0.93
CA SER A 66 1.30 11.27 -0.79
C SER A 66 1.20 10.50 -2.10
N MET A 67 1.99 9.43 -2.21
CA MET A 67 1.99 8.60 -3.41
C MET A 67 1.49 7.19 -3.10
N SER A 68 1.19 6.42 -4.15
CA SER A 68 0.70 5.07 -3.98
C SER A 68 1.85 4.06 -4.02
N SER A 69 1.85 3.14 -3.06
CA SER A 69 2.89 2.12 -2.97
C SER A 69 2.41 0.78 -3.52
N THR A 70 3.06 0.32 -4.57
CA THR A 70 2.70 -0.95 -5.20
C THR A 70 3.61 -2.08 -4.74
N LEU A 71 3.02 -3.25 -4.48
CA LEU A 71 3.78 -4.40 -4.03
C LEU A 71 4.08 -5.35 -5.20
N THR A 72 5.36 -5.56 -5.48
CA THR A 72 5.78 -6.44 -6.56
C THR A 72 5.33 -7.87 -6.31
N LEU A 73 4.26 -8.28 -6.99
CA LEU A 73 3.72 -9.62 -6.84
C LEU A 73 3.00 -10.07 -8.11
N THR A 74 3.13 -11.35 -8.43
CA THR A 74 2.49 -11.91 -9.62
C THR A 74 1.00 -12.13 -9.39
N LYS A 75 0.28 -12.41 -10.48
CA LYS A 75 -1.15 -12.66 -10.39
C LYS A 75 -1.45 -13.92 -9.60
N ASP A 76 -0.93 -15.04 -10.07
CA ASP A 76 -1.14 -16.33 -9.40
C ASP A 76 -0.64 -16.28 -7.97
N GLU A 77 0.21 -15.29 -7.68
CA GLU A 77 0.77 -15.14 -6.34
C GLU A 77 -0.23 -14.47 -5.40
N TYR A 78 -1.33 -13.98 -5.98
CA TYR A 78 -2.37 -13.32 -5.20
C TYR A 78 -3.23 -14.34 -4.45
N GLU A 79 -3.03 -15.61 -4.76
CA GLU A 79 -3.77 -16.68 -4.11
C GLU A 79 -3.04 -17.18 -2.87
N ARG A 80 -1.79 -16.77 -2.72
CA ARG A 80 -0.98 -17.17 -1.58
C ARG A 80 -1.13 -16.18 -0.43
N HIS A 81 -1.52 -14.95 -0.76
CA HIS A 81 -1.70 -13.91 0.25
C HIS A 81 -3.12 -13.39 0.25
N ASN A 82 -3.78 -13.45 1.39
CA ASN A 82 -5.16 -12.99 1.52
C ASN A 82 -5.24 -11.74 2.40
N SER A 83 -4.32 -11.64 3.36
CA SER A 83 -4.28 -10.51 4.27
C SER A 83 -3.10 -9.60 3.96
N TYR A 84 -3.41 -8.40 3.49
CA TYR A 84 -2.37 -7.43 3.16
C TYR A 84 -2.15 -6.43 4.30
N THR A 85 -0.97 -5.82 4.32
CA THR A 85 -0.64 -4.85 5.36
C THR A 85 0.25 -3.74 4.80
N CYS A 86 -0.15 -2.49 5.04
CA CYS A 86 0.62 -1.35 4.57
C CYS A 86 1.16 -0.54 5.74
N GLU A 87 2.47 -0.62 5.95
CA GLU A 87 3.12 0.10 7.04
C GLU A 87 3.76 1.39 6.53
N ALA A 88 3.64 2.45 7.31
CA ALA A 88 4.22 3.74 6.94
C ALA A 88 4.85 4.43 8.16
N THR A 89 6.01 5.02 7.95
CA THR A 89 6.72 5.71 9.02
C THR A 89 7.26 7.05 8.54
N HIS A 90 6.85 8.12 9.22
CA HIS A 90 7.29 9.47 8.87
C HIS A 90 7.87 10.19 10.08
N LYS A 91 8.21 11.46 9.91
CA LYS A 91 8.77 12.26 10.99
C LYS A 91 7.68 12.68 11.98
N THR A 92 6.52 13.04 11.44
CA THR A 92 5.40 13.47 12.28
C THR A 92 4.98 12.37 13.24
N SER A 93 5.26 11.12 12.87
CA SER A 93 4.91 9.98 13.70
C SER A 93 5.96 8.88 13.59
N THR A 94 6.74 8.71 14.66
CA THR A 94 7.79 7.69 14.67
C THR A 94 7.19 6.29 14.59
N SER A 95 6.02 6.12 15.18
CA SER A 95 5.35 4.81 15.16
C SER A 95 4.89 4.46 13.75
N PRO A 96 5.31 3.27 13.28
CA PRO A 96 4.96 2.78 11.94
C PRO A 96 3.49 2.41 11.84
N ILE A 97 2.73 3.22 11.12
CA ILE A 97 1.30 2.97 10.93
C ILE A 97 1.06 1.80 9.97
N VAL A 98 0.66 0.66 10.53
CA VAL A 98 0.40 -0.52 9.72
C VAL A 98 -1.09 -0.84 9.68
N LYS A 99 -1.64 -0.94 8.47
CA LYS A 99 -3.05 -1.24 8.29
C LYS A 99 -3.24 -2.57 7.58
N SER A 100 -3.83 -3.53 8.28
CA SER A 100 -4.08 -4.85 7.71
C SER A 100 -5.57 -5.13 7.58
N PHE A 101 -5.93 -5.99 6.63
CA PHE A 101 -7.32 -6.34 6.41
C PHE A 101 -7.44 -7.66 5.64
N ASN A 102 -8.51 -8.38 5.88
CA ASN A 102 -8.75 -9.66 5.20
C ASN A 102 -9.61 -9.47 3.97
N ARG A 103 -9.01 -9.65 2.79
CA ARG A 103 -9.73 -9.50 1.53
C ARG A 103 -10.63 -10.70 1.28
N ASN A 104 -10.19 -11.87 1.71
CA ASN A 104 -10.96 -13.10 1.53
C ASN A 104 -12.39 -12.92 2.04
N GLU A 105 -12.54 -12.14 3.10
CA GLU A 105 -13.85 -11.89 3.68
C GLU A 105 -14.60 -10.82 2.90
N SER A 106 -13.86 -9.86 2.36
CA SER A 106 -14.45 -8.76 1.60
C SER A 106 -14.53 -9.13 0.12
N GLU A 107 -14.30 -10.40 -0.19
CA GLU A 107 -14.35 -10.87 -1.57
C GLU A 107 -15.64 -10.42 -2.25
N ASN A 108 -15.50 -9.50 -3.18
CA ASN A 108 -16.66 -8.98 -3.91
C ASN A 108 -16.27 -8.63 -5.35
N LEU A 109 -15.39 -9.42 -5.93
CA LEU A 109 -14.93 -9.20 -7.30
C LEU A 109 -14.95 -10.50 -8.10
N TYR A 110 -15.89 -11.38 -7.77
CA TYR A 110 -16.02 -12.66 -8.45
C TYR A 110 -17.35 -12.77 -9.17
N PHE A 111 -18.35 -12.07 -8.66
CA PHE A 111 -19.69 -12.09 -9.25
C PHE A 111 -19.91 -10.86 -10.12
N GLN A 112 -18.88 -10.47 -10.87
CA GLN A 112 -18.96 -9.31 -11.74
C GLN A 112 -20.14 -9.44 -12.71
#